data_9NSS
#
_entry.id   9NSS
#
_cell.length_a   95.203
_cell.length_b   95.203
_cell.length_c   193.493
_cell.angle_alpha   90.000
_cell.angle_beta   90.000
_cell.angle_gamma   120.000
#
_symmetry.space_group_name_H-M   'P 32'
#
loop_
_entity.id
_entity.type
_entity.pdbx_description
1 polymer Pictet-Spenglerase
2 non-polymer TRYPTOPHAN
#
_entity_poly.entity_id   1
_entity_poly.type   'polypeptide(L)'
_entity_poly.pdbx_seq_one_letter_code
;MSALPELRELIASFVSEEPPEIRRIRTGTVPDLPGSYGQYFTAWDFSNSIVRDYAMNLYQLTRLATDESVSVENLLTVFR
TLDPIYSTFLGYNGFPVLAEYAQRVGQPAESRAELLDRLTTFTEYVNRLTAWSHHYFPWDLGGERYRYAAEEVAAQAAEA
AAASPSVDSVDSLGDPSQRIPVRLTWQPLGVQVDAEIYADLNPQLATDVLKALPFTVLQDHAVVSGESMYAWAPLVSVAP
TPVRERICDAPVGRLRFSQATGNKVIVQYGPTTETLSSPVLGKVVDSHADRLAEVGKAVWESTFSSKEPVWLTVERL
;
_entity_poly.pdbx_strand_id   A,B,C,D,E,F
#
# COMPACT_ATOMS: atom_id res chain seq x y z
N SER A 2 -34.20 -13.48 44.13
CA SER A 2 -33.82 -12.61 42.99
C SER A 2 -35.01 -12.46 42.03
N ALA A 3 -35.04 -11.36 41.28
CA ALA A 3 -36.19 -11.04 40.41
C ALA A 3 -36.45 -12.13 39.36
N LEU A 4 -35.53 -13.07 39.18
CA LEU A 4 -35.71 -14.14 38.17
C LEU A 4 -34.94 -15.37 38.64
N PRO A 5 -35.56 -16.24 39.42
CA PRO A 5 -34.86 -17.42 40.02
C PRO A 5 -34.61 -18.54 39.01
N GLU A 6 -35.60 -18.79 38.16
CA GLU A 6 -35.41 -19.73 37.04
C GLU A 6 -34.12 -19.33 36.31
N LEU A 7 -33.82 -18.04 36.28
CA LEU A 7 -32.59 -17.57 35.62
C LEU A 7 -31.39 -17.91 36.49
N ARG A 8 -31.51 -17.72 37.80
CA ARG A 8 -30.40 -18.03 38.72
C ARG A 8 -29.98 -19.49 38.57
N GLU A 9 -30.96 -20.40 38.50
CA GLU A 9 -30.58 -21.83 38.43
C GLU A 9 -29.74 -22.09 37.17
N LEU A 10 -30.16 -21.54 36.04
CA LEU A 10 -29.37 -21.71 34.80
C LEU A 10 -28.00 -21.04 34.92
N ILE A 11 -27.97 -19.85 35.52
CA ILE A 11 -26.68 -19.17 35.76
C ILE A 11 -25.73 -20.14 36.48
N ALA A 12 -26.26 -20.92 37.42
CA ALA A 12 -25.40 -21.91 38.10
C ALA A 12 -25.03 -23.03 37.14
N SER A 13 -26.04 -23.73 36.61
CA SER A 13 -25.74 -24.91 35.78
C SER A 13 -24.69 -24.57 34.72
N PHE A 14 -24.88 -23.45 34.02
CA PHE A 14 -24.03 -23.14 32.84
C PHE A 14 -22.62 -22.77 33.19
N VAL A 15 -22.32 -22.57 34.46
CA VAL A 15 -20.87 -22.41 34.79
C VAL A 15 -20.22 -23.77 34.50
N SER A 16 -20.92 -24.86 34.81
CA SER A 16 -20.35 -26.22 34.69
C SER A 16 -20.64 -26.87 33.35
N GLU A 17 -21.83 -26.62 32.79
CA GLU A 17 -22.26 -27.40 31.62
C GLU A 17 -22.53 -26.49 30.42
N GLU A 18 -22.07 -26.93 29.24
CA GLU A 18 -22.28 -26.13 28.01
C GLU A 18 -23.78 -25.88 27.79
N PRO A 19 -24.23 -24.63 27.60
CA PRO A 19 -25.65 -24.32 27.28
C PRO A 19 -26.07 -25.05 26.02
N PRO A 20 -27.20 -25.77 26.01
CA PRO A 20 -27.70 -26.49 24.80
C PRO A 20 -27.65 -25.56 23.60
N GLU A 21 -28.14 -24.33 23.77
CA GLU A 21 -28.13 -23.34 22.66
C GLU A 21 -26.75 -23.30 22.01
N ILE A 22 -25.71 -22.98 22.80
CA ILE A 22 -24.32 -22.87 22.24
C ILE A 22 -24.05 -24.09 21.36
N ARG A 23 -24.16 -25.30 21.92
CA ARG A 23 -23.92 -26.53 21.14
C ARG A 23 -24.82 -26.55 19.89
N ARG A 24 -26.13 -26.40 20.07
CA ARG A 24 -27.07 -26.46 18.92
C ARG A 24 -26.55 -25.59 17.78
N ILE A 25 -26.15 -24.35 18.07
CA ILE A 25 -25.64 -23.42 17.02
C ILE A 25 -24.30 -23.96 16.50
N ARG A 26 -23.40 -24.34 17.42
CA ARG A 26 -22.07 -24.85 17.01
C ARG A 26 -22.25 -26.07 16.08
N THR A 27 -23.33 -26.83 16.27
CA THR A 27 -23.58 -28.03 15.44
C THR A 27 -24.56 -27.68 14.33
N GLY A 28 -25.15 -26.49 14.39
CA GLY A 28 -26.16 -26.09 13.39
C GLY A 28 -27.36 -27.00 13.45
N THR A 29 -28.06 -27.02 14.59
CA THR A 29 -29.28 -27.84 14.74
C THR A 29 -30.46 -26.93 14.97
N VAL A 30 -30.22 -25.61 15.03
CA VAL A 30 -31.34 -24.64 15.22
C VAL A 30 -32.51 -25.04 14.32
N PRO A 31 -33.71 -25.34 14.87
CA PRO A 31 -34.88 -25.81 14.07
C PRO A 31 -35.12 -24.92 12.86
N ASP A 32 -34.98 -23.60 13.03
CA ASP A 32 -35.27 -22.64 11.93
C ASP A 32 -34.16 -22.68 10.88
N LEU A 33 -33.25 -23.65 10.96
CA LEU A 33 -32.12 -23.78 9.98
C LEU A 33 -31.65 -22.40 9.50
N PRO A 34 -31.07 -21.53 10.37
CA PRO A 34 -30.53 -20.21 9.96
C PRO A 34 -29.25 -20.39 9.14
N GLY A 35 -29.06 -19.51 8.14
CA GLY A 35 -27.89 -19.65 7.25
C GLY A 35 -28.39 -19.78 5.84
N SER A 36 -27.92 -18.91 4.95
CA SER A 36 -28.37 -18.93 3.55
C SER A 36 -27.74 -20.06 2.75
N TYR A 37 -28.51 -20.64 1.83
CA TYR A 37 -27.93 -21.64 0.88
C TYR A 37 -27.33 -22.83 1.58
N GLY A 38 -28.06 -23.45 2.51
CA GLY A 38 -27.63 -24.75 3.08
C GLY A 38 -26.34 -24.78 3.85
N GLN A 39 -25.93 -23.68 4.49
CA GLN A 39 -24.74 -23.75 5.38
C GLN A 39 -25.06 -22.92 6.63
N TYR A 40 -24.39 -23.22 7.74
CA TYR A 40 -24.74 -22.48 8.98
C TYR A 40 -23.53 -21.77 9.57
N PHE A 41 -22.45 -21.61 8.81
CA PHE A 41 -21.31 -20.84 9.36
C PHE A 41 -21.68 -19.38 9.53
N THR A 42 -22.38 -18.82 8.54
CA THR A 42 -22.74 -17.39 8.61
C THR A 42 -23.66 -17.19 9.79
N ALA A 43 -24.64 -18.07 9.96
CA ALA A 43 -25.55 -17.99 11.13
C ALA A 43 -24.72 -18.12 12.42
N TRP A 44 -23.86 -19.12 12.47
CA TRP A 44 -22.96 -19.31 13.65
C TRP A 44 -22.31 -17.96 13.98
N ASP A 45 -21.59 -17.38 13.01
CA ASP A 45 -20.94 -16.07 13.22
C ASP A 45 -21.96 -15.10 13.82
N PHE A 46 -23.07 -14.87 13.11
CA PHE A 46 -24.08 -13.87 13.57
C PHE A 46 -24.43 -14.14 15.03
N SER A 47 -25.03 -15.31 15.31
CA SER A 47 -25.46 -15.62 16.70
C SER A 47 -24.35 -15.21 17.68
N ASN A 48 -23.15 -15.77 17.52
CA ASN A 48 -22.02 -15.43 18.42
C ASN A 48 -21.84 -13.90 18.47
N SER A 49 -21.61 -13.27 17.33
CA SER A 49 -21.39 -11.81 17.27
C SER A 49 -22.48 -11.06 18.07
N ILE A 50 -23.75 -11.26 17.69
CA ILE A 50 -24.87 -10.52 18.35
C ILE A 50 -24.83 -10.82 19.86
N VAL A 51 -24.89 -12.10 20.25
CA VAL A 51 -24.96 -12.46 21.70
C VAL A 51 -23.81 -11.78 22.47
N ARG A 52 -22.64 -11.62 21.82
CA ARG A 52 -21.48 -10.97 22.49
C ARG A 52 -21.79 -9.48 22.68
N ASP A 53 -22.11 -8.77 21.60
CA ASP A 53 -22.35 -7.30 21.68
C ASP A 53 -23.67 -7.05 22.41
N TYR A 54 -24.61 -8.01 22.38
CA TYR A 54 -25.87 -7.87 23.15
C TYR A 54 -25.51 -7.74 24.63
N ALA A 55 -24.65 -8.64 25.11
CA ALA A 55 -24.21 -8.57 26.53
C ALA A 55 -23.59 -7.20 26.80
N MET A 56 -22.72 -6.73 25.90
CA MET A 56 -22.11 -5.40 26.07
C MET A 56 -23.22 -4.35 26.30
N ASN A 57 -24.28 -4.41 25.48
CA ASN A 57 -25.40 -3.44 25.64
C ASN A 57 -26.12 -3.67 26.97
N LEU A 58 -26.40 -4.94 27.28
CA LEU A 58 -27.02 -5.23 28.58
C LEU A 58 -26.17 -4.64 29.71
N TYR A 59 -24.85 -4.79 29.63
CA TYR A 59 -24.05 -4.27 30.75
C TYR A 59 -24.18 -2.74 30.83
N GLN A 60 -24.02 -2.04 29.72
CA GLN A 60 -24.06 -0.56 29.82
C GLN A 60 -25.45 -0.12 30.26
N LEU A 61 -26.47 -0.86 29.84
CA LEU A 61 -27.82 -0.57 30.35
C LEU A 61 -27.78 -0.70 31.88
N THR A 62 -27.26 -1.82 32.38
CA THR A 62 -27.26 -2.06 33.84
C THR A 62 -26.59 -0.90 34.55
N ARG A 63 -25.43 -0.46 34.05
CA ARG A 63 -24.78 0.73 34.66
C ARG A 63 -25.72 1.94 34.62
N LEU A 64 -26.46 2.11 33.52
CA LEU A 64 -27.43 3.22 33.50
C LEU A 64 -28.52 3.04 34.56
N ALA A 65 -28.89 1.80 34.87
CA ALA A 65 -29.92 1.55 35.90
C ALA A 65 -29.46 2.03 37.27
N THR A 66 -28.15 2.10 37.51
CA THR A 66 -27.69 2.64 38.81
C THR A 66 -27.65 4.15 38.78
N ASP A 67 -27.68 4.75 37.58
CA ASP A 67 -27.62 6.23 37.41
C ASP A 67 -28.96 6.84 37.82
N GLU A 68 -28.99 7.57 38.93
CA GLU A 68 -30.26 8.09 39.50
C GLU A 68 -30.81 9.30 38.74
N SER A 69 -30.02 9.89 37.84
CA SER A 69 -30.55 10.99 37.00
C SER A 69 -31.46 10.40 35.92
N VAL A 70 -31.05 9.26 35.35
CA VAL A 70 -31.89 8.58 34.32
C VAL A 70 -33.13 8.01 35.00
N SER A 71 -34.32 8.42 34.56
CA SER A 71 -35.59 7.93 35.18
C SER A 71 -35.74 6.42 34.97
N VAL A 72 -36.33 5.72 35.94
CA VAL A 72 -36.56 4.25 35.79
C VAL A 72 -37.46 4.02 34.57
N GLU A 73 -38.47 4.86 34.38
CA GLU A 73 -39.38 4.73 33.21
C GLU A 73 -38.60 5.16 31.94
N ASN A 74 -37.84 6.24 32.02
CA ASN A 74 -36.98 6.63 30.86
C ASN A 74 -36.09 5.45 30.52
N LEU A 75 -35.58 4.76 31.56
CA LEU A 75 -34.75 3.56 31.33
C LEU A 75 -35.61 2.47 30.67
N LEU A 76 -36.80 2.20 31.22
CA LEU A 76 -37.66 1.19 30.58
C LEU A 76 -37.83 1.54 29.10
N THR A 77 -37.99 2.83 28.81
CA THR A 77 -38.21 3.25 27.42
C THR A 77 -36.99 2.93 26.58
N VAL A 78 -35.82 3.34 27.06
CA VAL A 78 -34.59 3.02 26.30
C VAL A 78 -34.48 1.50 26.13
N PHE A 79 -34.68 0.77 27.22
CA PHE A 79 -34.60 -0.71 27.10
C PHE A 79 -35.50 -1.17 25.98
N ARG A 80 -36.79 -0.85 26.07
CA ARG A 80 -37.78 -1.36 25.09
C ARG A 80 -37.46 -0.89 23.67
N THR A 81 -36.64 0.15 23.52
CA THR A 81 -36.20 0.57 22.19
C THR A 81 -35.01 -0.26 21.73
N LEU A 82 -33.92 -0.23 22.49
CA LEU A 82 -32.69 -0.91 22.05
C LEU A 82 -32.85 -2.43 22.03
N ASP A 83 -33.66 -3.00 22.90
CA ASP A 83 -33.65 -4.47 23.06
C ASP A 83 -34.21 -5.29 21.90
N PRO A 84 -35.41 -5.02 21.38
CA PRO A 84 -36.02 -5.91 20.38
C PRO A 84 -35.11 -6.23 19.18
N ILE A 85 -34.58 -5.23 18.48
CA ILE A 85 -33.82 -5.58 17.24
C ILE A 85 -32.72 -6.60 17.56
N TYR A 86 -32.26 -6.64 18.81
CA TYR A 86 -31.18 -7.58 19.21
C TYR A 86 -31.77 -8.88 19.70
N SER A 87 -32.69 -8.79 20.66
CA SER A 87 -33.20 -10.02 21.31
C SER A 87 -34.04 -10.85 20.35
N THR A 88 -34.81 -10.22 19.46
CA THR A 88 -35.72 -11.05 18.63
C THR A 88 -34.93 -11.80 17.59
N PHE A 89 -33.86 -11.19 17.07
CA PHE A 89 -33.00 -11.98 16.16
C PHE A 89 -32.30 -13.08 16.96
N LEU A 90 -31.74 -12.72 18.12
CA LEU A 90 -31.11 -13.77 18.95
C LEU A 90 -32.12 -14.89 19.21
N GLY A 91 -33.41 -14.54 19.33
CA GLY A 91 -34.42 -15.59 19.45
C GLY A 91 -34.53 -16.42 18.19
N TYR A 92 -34.34 -15.77 17.04
CA TYR A 92 -34.39 -16.54 15.77
C TYR A 92 -33.11 -17.38 15.56
N ASN A 93 -31.96 -16.93 16.03
CA ASN A 93 -30.68 -17.66 15.74
C ASN A 93 -30.30 -18.59 16.89
N GLY A 94 -31.22 -19.45 17.35
CA GLY A 94 -30.84 -20.47 18.33
C GLY A 94 -30.73 -20.02 19.77
N PHE A 95 -31.43 -18.94 20.16
CA PHE A 95 -31.49 -18.56 21.60
C PHE A 95 -32.91 -18.14 21.96
N PRO A 96 -33.94 -18.97 21.76
CA PRO A 96 -35.32 -18.60 22.13
C PRO A 96 -35.48 -18.22 23.60
N VAL A 97 -34.75 -18.86 24.52
CA VAL A 97 -35.00 -18.58 25.96
C VAL A 97 -34.59 -17.14 26.31
N LEU A 98 -33.42 -16.74 25.83
CA LEU A 98 -32.95 -15.36 26.11
C LEU A 98 -33.95 -14.35 25.54
N ALA A 99 -34.57 -14.70 24.41
CA ALA A 99 -35.57 -13.79 23.82
C ALA A 99 -36.82 -13.73 24.68
N GLU A 100 -37.23 -14.88 25.24
CA GLU A 100 -38.39 -14.86 26.16
C GLU A 100 -38.07 -14.04 27.40
N TYR A 101 -36.82 -14.10 27.86
CA TYR A 101 -36.51 -13.36 29.10
C TYR A 101 -36.34 -11.87 28.82
N ALA A 102 -35.85 -11.51 27.63
CA ALA A 102 -35.74 -10.08 27.29
C ALA A 102 -37.07 -9.37 27.58
N GLN A 103 -38.16 -9.95 27.08
CA GLN A 103 -39.51 -9.35 27.29
C GLN A 103 -39.79 -9.20 28.79
N ARG A 104 -39.55 -10.26 29.55
CA ARG A 104 -39.80 -10.18 31.01
C ARG A 104 -39.00 -9.04 31.62
N VAL A 105 -37.77 -8.84 31.16
CA VAL A 105 -36.93 -7.75 31.70
C VAL A 105 -37.58 -6.40 31.37
N GLY A 106 -38.23 -6.30 30.22
CA GLY A 106 -38.82 -5.01 29.79
C GLY A 106 -40.13 -4.64 30.46
N GLN A 107 -40.84 -5.59 31.07
CA GLN A 107 -42.14 -5.33 31.75
C GLN A 107 -41.99 -4.18 32.76
N PRO A 108 -43.05 -3.45 33.11
CA PRO A 108 -42.92 -2.22 33.95
C PRO A 108 -42.36 -2.49 35.35
N ALA A 109 -41.16 -1.98 35.61
CA ALA A 109 -40.52 -2.20 36.92
C ALA A 109 -41.22 -1.36 37.99
N GLU A 110 -41.63 -2.01 39.08
CA GLU A 110 -42.27 -1.30 40.22
C GLU A 110 -41.18 -0.69 41.13
N SER A 111 -39.91 -0.76 40.74
CA SER A 111 -38.85 -0.13 41.55
C SER A 111 -37.60 0.03 40.68
N ARG A 112 -36.66 0.82 41.17
CA ARG A 112 -35.40 0.87 40.42
C ARG A 112 -34.53 -0.35 40.78
N ALA A 113 -34.71 -0.88 42.00
CA ALA A 113 -33.92 -2.05 42.43
C ALA A 113 -34.40 -3.30 41.70
N GLU A 114 -35.72 -3.47 41.57
CA GLU A 114 -36.25 -4.61 40.79
C GLU A 114 -35.64 -4.60 39.39
N LEU A 115 -35.60 -3.42 38.76
CA LEU A 115 -35.10 -3.36 37.37
C LEU A 115 -33.60 -3.59 37.34
N LEU A 116 -32.85 -2.92 38.22
CA LEU A 116 -31.40 -3.20 38.30
C LEU A 116 -31.19 -4.70 38.50
N ASP A 117 -32.08 -5.34 39.27
CA ASP A 117 -31.89 -6.77 39.59
C ASP A 117 -32.09 -7.66 38.36
N ARG A 118 -33.20 -7.47 37.65
CA ARG A 118 -33.37 -8.28 36.44
C ARG A 118 -32.20 -8.00 35.50
N LEU A 119 -31.75 -6.76 35.41
CA LEU A 119 -30.66 -6.54 34.45
C LEU A 119 -29.40 -7.28 34.91
N THR A 120 -29.16 -7.36 36.21
CA THR A 120 -27.96 -8.04 36.71
C THR A 120 -28.04 -9.54 36.40
N THR A 121 -29.15 -10.16 36.78
CA THR A 121 -29.28 -11.62 36.57
C THR A 121 -29.23 -11.93 35.09
N PHE A 122 -29.86 -11.09 34.27
CA PHE A 122 -29.89 -11.33 32.81
C PHE A 122 -28.52 -11.05 32.19
N THR A 123 -27.89 -9.94 32.57
CA THR A 123 -26.54 -9.66 32.04
C THR A 123 -25.66 -10.86 32.32
N GLU A 124 -25.76 -11.42 33.53
CA GLU A 124 -24.84 -12.53 33.85
C GLU A 124 -25.21 -13.75 33.01
N TYR A 125 -26.50 -14.06 32.92
CA TYR A 125 -26.94 -15.20 32.06
C TYR A 125 -26.37 -15.04 30.67
N VAL A 126 -26.48 -13.83 30.12
CA VAL A 126 -26.04 -13.62 28.72
C VAL A 126 -24.51 -13.65 28.67
N ASN A 127 -23.85 -13.14 29.71
CA ASN A 127 -22.37 -13.20 29.73
C ASN A 127 -21.90 -14.66 29.73
N ARG A 128 -22.64 -15.55 30.38
CA ARG A 128 -22.22 -16.98 30.38
C ARG A 128 -22.45 -17.60 29.01
N LEU A 129 -23.61 -17.34 28.39
CA LEU A 129 -23.81 -17.84 27.01
C LEU A 129 -22.68 -17.31 26.11
N THR A 130 -22.33 -16.04 26.27
CA THR A 130 -21.25 -15.44 25.47
C THR A 130 -19.92 -16.10 25.77
N ALA A 131 -19.67 -16.39 27.04
CA ALA A 131 -18.43 -17.10 27.42
C ALA A 131 -18.31 -18.38 26.59
N TRP A 132 -19.34 -19.23 26.66
CA TRP A 132 -19.21 -20.51 25.94
C TRP A 132 -19.07 -20.27 24.44
N SER A 133 -19.81 -19.30 23.91
CA SER A 133 -19.76 -19.09 22.45
C SER A 133 -18.34 -18.69 22.03
N HIS A 134 -17.73 -17.78 22.79
CA HIS A 134 -16.32 -17.44 22.50
C HIS A 134 -15.50 -18.74 22.49
N HIS A 135 -15.73 -19.59 23.48
CA HIS A 135 -14.91 -20.82 23.56
C HIS A 135 -15.09 -21.69 22.31
N TYR A 136 -16.32 -21.80 21.81
CA TYR A 136 -16.57 -22.79 20.73
C TYR A 136 -16.56 -22.20 19.32
N PHE A 137 -16.37 -20.90 19.15
CA PHE A 137 -16.44 -20.38 17.76
C PHE A 137 -15.19 -20.84 17.01
N PRO A 138 -15.33 -21.30 15.75
CA PRO A 138 -14.18 -21.93 15.04
C PRO A 138 -13.17 -20.92 14.51
N TRP A 139 -12.51 -20.21 15.42
CA TRP A 139 -11.55 -19.17 14.97
C TRP A 139 -10.48 -19.75 14.05
N ASP A 140 -10.12 -21.03 14.21
CA ASP A 140 -8.97 -21.54 13.41
C ASP A 140 -9.26 -21.43 11.92
N LEU A 141 -10.54 -21.47 11.52
CA LEU A 141 -10.93 -21.32 10.09
C LEU A 141 -10.31 -20.05 9.51
N GLY A 142 -9.79 -19.18 10.38
CA GLY A 142 -9.05 -17.99 9.93
C GLY A 142 -8.00 -17.63 10.97
N ARG A 145 -5.54 -19.29 7.40
CA ARG A 145 -5.96 -18.78 6.07
C ARG A 145 -5.73 -17.26 5.97
N TYR A 146 -6.14 -16.48 6.98
CA TYR A 146 -5.87 -15.01 6.95
C TYR A 146 -4.73 -14.73 7.92
N ARG A 147 -3.50 -15.02 7.48
CA ARG A 147 -2.31 -14.86 8.36
C ARG A 147 -1.54 -13.58 8.03
N TYR A 148 -0.96 -12.97 9.06
CA TYR A 148 -0.13 -11.77 8.81
C TYR A 148 1.20 -12.17 8.21
N ALA A 149 1.93 -11.17 7.69
CA ALA A 149 3.28 -11.44 7.17
C ALA A 149 4.25 -11.66 8.33
N ALA A 150 5.14 -12.65 8.17
CA ALA A 150 6.10 -12.98 9.24
C ALA A 150 6.95 -11.76 9.58
N GLU A 151 7.55 -11.15 8.57
CA GLU A 151 8.37 -9.93 8.79
C GLU A 151 7.56 -8.85 9.52
N GLU A 152 6.29 -8.67 9.15
CA GLU A 152 5.48 -7.58 9.73
C GLU A 152 5.15 -7.85 11.20
N VAL A 153 4.82 -9.09 11.54
CA VAL A 153 4.61 -9.46 12.98
C VAL A 153 5.95 -9.29 13.69
N ALA A 154 7.02 -9.81 13.09
CA ALA A 154 8.37 -9.58 13.63
C ALA A 154 8.52 -8.08 13.88
N ALA A 155 8.43 -7.28 12.82
CA ALA A 155 8.59 -5.81 12.91
C ALA A 155 7.86 -5.23 14.13
N VAL A 170 2.24 0.65 39.53
CA VAL A 170 0.93 0.22 40.10
C VAL A 170 1.17 -0.82 41.21
N ASP A 171 1.86 -1.90 40.92
CA ASP A 171 2.21 -2.86 42.00
C ASP A 171 2.94 -2.12 43.11
N SER A 172 3.72 -1.10 42.75
CA SER A 172 4.40 -0.29 43.79
C SER A 172 3.37 0.51 44.58
N LEU A 173 2.33 1.00 43.92
CA LEU A 173 1.39 1.92 44.61
C LEU A 173 0.39 1.16 45.49
N GLY A 174 -0.11 1.86 46.49
CA GLY A 174 -1.12 1.23 47.38
C GLY A 174 -0.53 0.74 48.67
N ASP A 175 -1.26 -0.13 49.35
CA ASP A 175 -0.79 -0.57 50.67
C ASP A 175 -0.57 -2.08 50.69
N PRO A 176 0.61 -2.52 51.13
CA PRO A 176 0.93 -3.97 51.14
C PRO A 176 0.01 -4.76 52.05
N SER A 177 -0.74 -4.11 52.94
CA SER A 177 -1.60 -4.89 53.84
C SER A 177 -2.95 -5.19 53.17
N GLN A 178 -3.25 -4.54 52.04
CA GLN A 178 -4.50 -4.91 51.33
C GLN A 178 -4.19 -5.77 50.12
N ARG A 179 -3.00 -6.37 50.09
CA ARG A 179 -2.76 -7.41 49.08
C ARG A 179 -3.42 -8.65 49.66
N ILE A 180 -4.54 -9.07 49.07
CA ILE A 180 -5.21 -10.32 49.53
C ILE A 180 -4.63 -11.46 48.68
N PRO A 181 -4.07 -12.50 49.30
CA PRO A 181 -3.51 -13.61 48.53
C PRO A 181 -4.61 -14.50 47.99
N VAL A 182 -4.40 -15.01 46.78
CA VAL A 182 -5.35 -16.00 46.18
C VAL A 182 -4.51 -16.93 45.31
N ARG A 183 -5.12 -18.06 44.93
CA ARG A 183 -4.41 -19.04 44.08
C ARG A 183 -5.24 -19.32 42.82
N LEU A 184 -4.57 -19.25 41.67
CA LEU A 184 -5.23 -19.56 40.38
C LEU A 184 -4.69 -20.91 39.90
N THR A 185 -5.58 -21.89 39.73
CA THR A 185 -5.16 -23.23 39.27
C THR A 185 -5.87 -23.54 37.98
N TRP A 186 -5.10 -23.80 36.90
CA TRP A 186 -5.70 -24.16 35.59
C TRP A 186 -5.72 -25.69 35.46
N GLN A 187 -6.86 -26.24 35.05
CA GLN A 187 -6.98 -27.72 34.89
C GLN A 187 -7.45 -28.04 33.47
N PRO A 188 -6.73 -28.88 32.69
CA PRO A 188 -5.81 -29.92 33.23
C PRO A 188 -4.37 -29.43 33.21
N LEU A 189 -4.16 -28.12 33.17
CA LEU A 189 -2.78 -27.57 33.11
C LEU A 189 -1.99 -28.04 34.34
N GLY A 190 -2.63 -28.06 35.51
CA GLY A 190 -1.95 -28.49 36.75
C GLY A 190 -1.12 -27.37 37.34
N VAL A 191 -1.12 -26.20 36.69
CA VAL A 191 -0.31 -25.04 37.17
C VAL A 191 -1.15 -24.24 38.18
N GLN A 192 -0.63 -24.08 39.41
CA GLN A 192 -1.37 -23.31 40.45
C GLN A 192 -0.50 -22.10 40.88
N VAL A 193 -0.59 -21.01 40.12
CA VAL A 193 0.19 -19.81 40.49
C VAL A 193 -0.49 -19.19 41.71
N ASP A 194 0.33 -18.57 42.56
CA ASP A 194 -0.25 -17.78 43.67
C ASP A 194 -0.31 -16.34 43.18
N ALA A 195 -1.06 -15.50 43.90
CA ALA A 195 -1.24 -14.14 43.39
C ALA A 195 -1.73 -13.24 44.50
N GLU A 196 -1.61 -11.93 44.27
CA GLU A 196 -2.17 -10.96 45.23
C GLU A 196 -3.22 -10.11 44.51
N ILE A 197 -4.37 -9.94 45.14
CA ILE A 197 -5.39 -8.99 44.62
C ILE A 197 -5.16 -7.67 45.37
N TYR A 198 -5.15 -6.57 44.62
CA TYR A 198 -5.00 -5.24 45.27
C TYR A 198 -6.37 -4.81 45.76
N ALA A 199 -6.68 -5.18 47.00
CA ALA A 199 -7.99 -4.82 47.59
C ALA A 199 -8.12 -3.31 47.82
N ASP A 200 -7.02 -2.56 47.68
CA ASP A 200 -7.04 -1.14 48.07
C ASP A 200 -7.06 -0.20 46.85
N LEU A 201 -6.78 -0.72 45.65
CA LEU A 201 -6.73 0.15 44.45
C LEU A 201 -8.16 0.31 43.91
N ASN A 202 -8.85 -0.79 43.65
CA ASN A 202 -10.28 -0.73 43.24
C ASN A 202 -11.08 -1.47 44.31
N PRO A 203 -11.20 -0.95 45.55
CA PRO A 203 -11.85 -1.68 46.68
C PRO A 203 -13.19 -2.27 46.25
N GLN A 204 -14.10 -1.41 45.80
CA GLN A 204 -15.45 -1.87 45.37
C GLN A 204 -15.29 -3.08 44.44
N LEU A 205 -14.50 -2.93 43.36
CA LEU A 205 -14.32 -4.04 42.39
C LEU A 205 -13.66 -5.24 43.08
N ALA A 206 -12.56 -5.01 43.80
CA ALA A 206 -11.86 -6.10 44.50
C ALA A 206 -12.84 -6.85 45.41
N THR A 207 -13.57 -6.10 46.25
CA THR A 207 -14.56 -6.72 47.14
C THR A 207 -15.49 -7.58 46.31
N ASP A 208 -16.07 -6.99 45.26
CA ASP A 208 -16.97 -7.76 44.37
C ASP A 208 -16.28 -9.06 43.96
N VAL A 209 -15.02 -8.95 43.53
CA VAL A 209 -14.28 -10.15 43.07
C VAL A 209 -14.16 -11.15 44.24
N LEU A 210 -13.83 -10.66 45.43
CA LEU A 210 -13.56 -11.57 46.57
C LEU A 210 -14.82 -12.31 46.98
N LYS A 211 -15.97 -11.64 46.91
CA LYS A 211 -17.23 -12.30 47.36
C LYS A 211 -17.64 -13.43 46.40
N ALA A 212 -16.99 -13.52 45.22
CA ALA A 212 -17.30 -14.63 44.30
C ALA A 212 -16.35 -15.82 44.54
N LEU A 213 -15.24 -15.56 45.23
CA LEU A 213 -14.28 -16.65 45.46
C LEU A 213 -14.89 -17.66 46.41
N PRO A 214 -14.82 -18.95 46.12
CA PRO A 214 -14.04 -19.51 45.00
C PRO A 214 -14.92 -19.71 43.79
N PHE A 215 -14.33 -19.79 42.59
CA PHE A 215 -15.17 -20.26 41.46
C PHE A 215 -14.28 -21.10 40.57
N THR A 216 -14.91 -21.90 39.70
CA THR A 216 -14.14 -22.67 38.70
C THR A 216 -14.83 -22.53 37.35
N VAL A 217 -14.28 -21.68 36.48
CA VAL A 217 -14.94 -21.42 35.18
C VAL A 217 -13.94 -21.69 34.06
N LEU A 218 -14.48 -21.88 32.85
CA LEU A 218 -13.62 -22.21 31.70
C LEU A 218 -12.59 -21.10 31.47
N GLN A 219 -11.37 -21.51 31.15
CA GLN A 219 -10.31 -20.52 30.88
C GLN A 219 -10.19 -20.41 29.36
N ASP A 220 -10.19 -19.16 28.87
CA ASP A 220 -10.20 -18.93 27.41
C ASP A 220 -9.22 -17.82 27.08
N HIS A 221 -8.86 -17.76 25.81
CA HIS A 221 -7.80 -16.82 25.36
C HIS A 221 -8.37 -15.60 24.67
N ALA A 222 -7.64 -14.47 24.78
CA ALA A 222 -7.98 -13.29 23.98
C ALA A 222 -7.83 -13.67 22.50
N VAL A 223 -8.65 -13.07 21.65
CA VAL A 223 -8.51 -13.35 20.19
C VAL A 223 -8.07 -12.11 19.41
N VAL A 224 -8.27 -10.91 19.95
CA VAL A 224 -7.78 -9.70 19.24
C VAL A 224 -6.61 -9.08 19.98
N SER A 225 -6.59 -9.18 21.32
CA SER A 225 -5.62 -8.42 22.16
C SER A 225 -4.17 -8.91 22.08
N GLY A 226 -3.94 -10.20 21.94
CA GLY A 226 -2.53 -10.61 21.98
C GLY A 226 -2.27 -11.63 23.06
N GLU A 227 -1.20 -11.46 23.84
CA GLU A 227 -0.88 -12.50 24.85
C GLU A 227 -1.53 -12.14 26.18
N SER A 228 -2.80 -12.51 26.30
CA SER A 228 -3.62 -12.24 27.50
C SER A 228 -4.68 -13.34 27.51
N MET A 229 -5.06 -13.82 28.69
CA MET A 229 -6.17 -14.80 28.78
C MET A 229 -7.31 -14.14 29.56
N TYR A 230 -8.49 -14.74 29.49
CA TYR A 230 -9.57 -14.19 30.34
C TYR A 230 -10.65 -15.23 30.53
N ALA A 231 -11.37 -15.10 31.64
CA ALA A 231 -12.43 -16.07 31.98
C ALA A 231 -13.61 -15.33 32.59
N TRP A 232 -14.80 -15.66 32.12
CA TRP A 232 -16.03 -15.01 32.62
C TRP A 232 -16.26 -15.42 34.05
N ALA A 233 -15.99 -14.49 34.97
CA ALA A 233 -16.27 -14.75 36.39
C ALA A 233 -17.79 -14.79 36.58
N PRO A 234 -18.26 -15.39 37.68
CA PRO A 234 -19.72 -15.37 38.02
C PRO A 234 -20.10 -14.18 38.89
N LEU A 235 -20.13 -12.97 38.30
CA LEU A 235 -20.58 -11.78 39.05
C LEU A 235 -20.94 -10.68 38.05
N VAL A 236 -21.72 -9.67 38.46
CA VAL A 236 -21.98 -8.50 37.56
C VAL A 236 -21.66 -7.26 38.39
N SER A 237 -20.49 -6.67 38.16
CA SER A 237 -20.07 -5.52 39.00
C SER A 237 -20.22 -4.19 38.25
N VAL A 238 -20.87 -3.21 38.86
CA VAL A 238 -20.94 -1.84 38.25
C VAL A 238 -20.02 -0.98 39.11
N ALA A 239 -19.19 -1.62 39.93
CA ALA A 239 -18.28 -0.92 40.87
C ALA A 239 -17.31 0.00 40.13
N PRO A 240 -17.07 1.24 40.61
CA PRO A 240 -16.09 2.18 39.99
C PRO A 240 -14.71 1.55 39.86
N THR A 241 -13.92 2.03 38.89
CA THR A 241 -12.56 1.50 38.67
C THR A 241 -11.60 2.68 38.55
N PRO A 242 -11.32 3.37 39.65
CA PRO A 242 -10.43 4.57 39.60
C PRO A 242 -9.02 4.22 39.16
N VAL A 243 -8.63 2.95 39.23
CA VAL A 243 -7.23 2.58 38.92
C VAL A 243 -7.23 1.69 37.68
N ARG A 244 -6.78 2.24 36.57
CA ARG A 244 -6.72 1.44 35.33
C ARG A 244 -5.34 1.62 34.70
N GLU A 245 -4.99 0.71 33.80
CA GLU A 245 -3.64 0.70 33.20
C GLU A 245 -3.80 0.32 31.72
N ARG A 246 -3.10 1.03 30.84
CA ARG A 246 -3.23 0.63 29.43
C ARG A 246 -2.76 -0.81 29.27
N ILE A 247 -3.60 -1.62 28.63
CA ILE A 247 -3.30 -3.06 28.38
C ILE A 247 -1.88 -3.19 27.82
N CYS A 248 -1.54 -2.35 26.85
CA CYS A 248 -0.20 -2.41 26.22
C CYS A 248 0.91 -2.29 27.28
N ASP A 249 0.65 -1.56 28.37
CA ASP A 249 1.73 -1.27 29.36
C ASP A 249 1.70 -2.24 30.54
N ALA A 250 1.12 -3.42 30.37
CA ALA A 250 0.91 -4.28 31.56
C ALA A 250 2.00 -5.33 31.74
N PRO A 251 2.43 -5.57 32.98
CA PRO A 251 3.50 -6.55 33.25
C PRO A 251 2.95 -7.95 33.08
N VAL A 252 3.83 -8.87 32.71
CA VAL A 252 3.37 -10.29 32.68
C VAL A 252 2.86 -10.59 34.09
N GLY A 253 1.78 -11.35 34.17
CA GLY A 253 1.21 -11.65 35.49
C GLY A 253 0.26 -10.57 35.97
N ARG A 254 -0.06 -9.59 35.14
CA ARG A 254 -1.04 -8.60 35.60
C ARG A 254 -2.43 -9.22 35.64
N LEU A 255 -3.13 -8.99 36.75
CA LEU A 255 -4.57 -9.34 36.83
C LEU A 255 -5.35 -8.05 36.56
N ARG A 256 -6.24 -8.09 35.57
CA ARG A 256 -7.12 -6.94 35.27
C ARG A 256 -8.56 -7.45 35.26
N PHE A 257 -9.55 -6.56 35.26
CA PHE A 257 -10.96 -7.04 35.34
C PHE A 257 -11.90 -6.06 34.64
N SER A 258 -12.22 -6.33 33.37
CA SER A 258 -13.14 -5.46 32.61
C SER A 258 -14.58 -6.00 32.73
N GLN A 259 -15.44 -5.29 33.47
CA GLN A 259 -16.87 -5.71 33.57
C GLN A 259 -17.65 -5.08 32.41
N ALA A 260 -17.05 -4.12 31.70
CA ALA A 260 -17.74 -3.42 30.59
C ALA A 260 -18.12 -4.42 29.49
N THR A 261 -17.18 -5.30 29.12
CA THR A 261 -17.46 -6.33 28.10
C THR A 261 -17.86 -7.60 28.80
N GLY A 262 -18.48 -7.48 29.98
CA GLY A 262 -18.82 -8.67 30.79
C GLY A 262 -17.68 -8.94 31.74
N ASN A 263 -17.97 -9.19 33.02
CA ASN A 263 -16.91 -9.38 34.04
C ASN A 263 -15.96 -10.52 33.64
N LYS A 264 -14.71 -10.22 33.26
CA LYS A 264 -13.78 -11.35 32.98
C LYS A 264 -12.46 -11.15 33.75
N VAL A 265 -12.01 -12.20 34.46
CA VAL A 265 -10.70 -12.14 35.17
C VAL A 265 -9.62 -12.25 34.09
N ILE A 266 -8.94 -11.13 33.79
CA ILE A 266 -7.97 -11.17 32.68
C ILE A 266 -6.57 -11.32 33.27
N VAL A 267 -5.84 -12.31 32.73
CA VAL A 267 -4.45 -12.59 33.19
C VAL A 267 -3.54 -12.32 32.00
N GLN A 268 -2.64 -11.35 32.14
CA GLN A 268 -1.80 -11.02 30.96
C GLN A 268 -0.47 -11.76 31.08
N TYR A 269 -0.03 -12.40 29.99
CA TYR A 269 1.20 -13.21 30.13
C TYR A 269 2.25 -12.83 29.08
N GLY A 270 2.18 -11.61 28.55
CA GLY A 270 3.23 -11.18 27.61
C GLY A 270 2.99 -9.78 27.10
N PRO A 271 3.48 -9.44 25.92
CA PRO A 271 3.17 -8.13 25.30
C PRO A 271 1.87 -8.17 24.51
N THR A 272 1.06 -7.12 24.66
CA THR A 272 -0.18 -7.00 23.88
C THR A 272 -0.15 -5.72 23.08
N THR A 273 -1.14 -5.55 22.19
CA THR A 273 -1.19 -4.35 21.33
C THR A 273 -2.48 -3.56 21.57
N GLU A 274 -3.41 -4.11 22.36
CA GLU A 274 -4.61 -3.32 22.68
C GLU A 274 -4.17 -2.09 23.51
N THR A 275 -4.68 -0.92 23.14
CA THR A 275 -4.28 0.34 23.82
C THR A 275 -5.38 0.86 24.72
N LEU A 276 -6.48 0.13 24.86
CA LEU A 276 -7.50 0.59 25.83
C LEU A 276 -6.91 0.44 27.24
N SER A 277 -7.53 1.12 28.21
CA SER A 277 -7.08 0.95 29.61
C SER A 277 -7.95 -0.11 30.30
N SER A 278 -7.37 -0.78 31.29
CA SER A 278 -8.07 -1.91 31.94
C SER A 278 -7.97 -1.79 33.47
N PRO A 279 -9.06 -2.07 34.18
CA PRO A 279 -9.05 -2.04 35.66
C PRO A 279 -7.98 -2.95 36.25
N VAL A 280 -7.22 -2.39 37.20
CA VAL A 280 -6.12 -3.16 37.85
C VAL A 280 -6.71 -3.97 39.01
N LEU A 281 -6.63 -5.28 38.90
CA LEU A 281 -7.18 -6.15 39.98
C LEU A 281 -6.05 -6.65 40.89
N GLY A 282 -4.89 -6.98 40.32
CA GLY A 282 -3.82 -7.55 41.15
C GLY A 282 -2.70 -8.06 40.28
N LYS A 283 -1.90 -8.96 40.84
CA LYS A 283 -0.79 -9.54 40.04
C LYS A 283 -0.40 -10.92 40.53
N VAL A 284 0.01 -11.77 39.59
CA VAL A 284 0.66 -13.05 39.99
C VAL A 284 2.04 -12.65 40.52
N VAL A 285 2.50 -13.35 41.55
CA VAL A 285 3.85 -13.05 42.09
C VAL A 285 4.91 -13.36 41.03
N ASP A 286 5.99 -12.56 41.02
CA ASP A 286 7.00 -12.67 39.93
C ASP A 286 7.45 -14.11 39.76
N SER A 287 7.77 -14.77 40.86
CA SER A 287 8.27 -16.16 40.82
C SER A 287 7.43 -17.03 39.87
N HIS A 288 6.12 -17.06 40.08
CA HIS A 288 5.28 -18.00 39.29
C HIS A 288 5.04 -17.51 37.86
N ALA A 289 5.46 -16.30 37.53
CA ALA A 289 5.16 -15.77 36.18
C ALA A 289 5.77 -16.69 35.10
N ASP A 290 6.89 -17.33 35.42
CA ASP A 290 7.52 -18.26 34.46
C ASP A 290 6.52 -19.34 34.02
N ARG A 291 5.60 -19.70 34.91
CA ARG A 291 4.63 -20.76 34.59
C ARG A 291 3.50 -20.25 33.67
N LEU A 292 3.35 -18.93 33.54
CA LEU A 292 2.19 -18.43 32.76
C LEU A 292 2.34 -18.79 31.28
N ALA A 293 3.55 -18.65 30.74
CA ALA A 293 3.74 -18.92 29.31
C ALA A 293 3.17 -20.30 28.96
N GLU A 294 3.59 -21.33 29.69
CA GLU A 294 3.12 -22.70 29.35
C GLU A 294 1.59 -22.75 29.33
N VAL A 295 0.92 -22.00 30.20
CA VAL A 295 -0.56 -22.12 30.22
C VAL A 295 -1.22 -21.17 29.22
N GLY A 296 -0.49 -20.16 28.75
CA GLY A 296 -1.07 -19.34 27.66
C GLY A 296 -1.26 -20.21 26.42
N LYS A 297 -0.20 -20.90 26.00
CA LYS A 297 -0.27 -21.74 24.78
C LYS A 297 -1.46 -22.72 24.86
N ALA A 298 -1.48 -23.61 25.85
CA ALA A 298 -2.56 -24.62 25.89
C ALA A 298 -3.92 -23.94 25.80
N VAL A 299 -4.02 -22.74 26.35
CA VAL A 299 -5.33 -22.02 26.33
C VAL A 299 -5.59 -21.49 24.92
N TRP A 300 -4.59 -20.87 24.29
CA TRP A 300 -4.76 -20.45 22.89
C TRP A 300 -5.20 -21.62 22.02
N GLU A 301 -4.41 -22.69 22.00
CA GLU A 301 -4.82 -23.89 21.24
C GLU A 301 -6.24 -24.34 21.66
N SER A 302 -6.60 -24.18 22.93
CA SER A 302 -7.98 -24.51 23.32
C SER A 302 -8.97 -23.63 22.55
N THR A 303 -8.86 -22.31 22.70
CA THR A 303 -9.84 -21.42 22.06
C THR A 303 -9.75 -21.55 20.55
N PHE A 304 -8.55 -21.32 20.00
CA PHE A 304 -8.37 -21.30 18.52
C PHE A 304 -8.64 -22.65 17.89
N SER A 305 -8.08 -23.73 18.43
CA SER A 305 -8.09 -25.01 17.69
C SER A 305 -8.78 -26.17 18.41
N SER A 306 -8.14 -26.76 19.41
CA SER A 306 -8.67 -28.02 20.01
C SER A 306 -10.08 -27.87 20.57
N LYS A 307 -10.37 -26.74 21.24
CA LYS A 307 -11.66 -26.57 21.98
C LYS A 307 -11.63 -27.45 23.24
N GLU A 308 -10.60 -28.30 23.41
CA GLU A 308 -10.47 -29.12 24.62
C GLU A 308 -10.54 -28.21 25.84
N PRO A 309 -11.48 -28.42 26.76
CA PRO A 309 -11.66 -27.48 27.87
C PRO A 309 -10.41 -27.28 28.73
N VAL A 310 -10.37 -26.14 29.42
CA VAL A 310 -9.31 -25.85 30.42
C VAL A 310 -10.04 -25.04 31.50
N TRP A 311 -9.95 -25.49 32.76
CA TRP A 311 -10.76 -24.89 33.84
C TRP A 311 -9.92 -24.12 34.81
N LEU A 312 -10.23 -22.83 34.91
CA LEU A 312 -9.54 -21.97 35.88
C LEU A 312 -10.31 -21.98 37.20
N THR A 313 -9.58 -22.31 38.27
CA THR A 313 -10.18 -22.20 39.61
C THR A 313 -9.47 -21.06 40.30
N VAL A 314 -10.25 -20.12 40.84
CA VAL A 314 -9.60 -19.06 41.66
C VAL A 314 -10.18 -19.16 43.08
N GLU A 315 -9.29 -19.26 44.06
CA GLU A 315 -9.74 -19.43 45.46
C GLU A 315 -8.84 -18.57 46.35
N ARG A 316 -9.33 -18.27 47.54
CA ARG A 316 -8.51 -17.43 48.43
C ARG A 316 -7.63 -18.30 49.32
N LEU A 317 -6.33 -17.99 49.34
CA LEU A 317 -5.43 -18.64 50.32
C LEU A 317 -5.66 -17.90 51.65
N SER B 2 -25.42 21.78 8.16
CA SER B 2 -25.59 20.45 8.76
C SER B 2 -24.73 20.32 10.02
N ALA B 3 -24.95 19.25 10.79
CA ALA B 3 -24.24 19.11 12.06
C ALA B 3 -22.78 18.71 11.85
N LEU B 4 -22.49 17.94 10.80
CA LEU B 4 -21.14 17.48 10.49
C LEU B 4 -21.00 17.40 8.98
N PRO B 5 -20.86 18.55 8.30
CA PRO B 5 -20.87 18.53 6.83
C PRO B 5 -19.84 17.60 6.23
N GLU B 6 -18.66 17.52 6.84
CA GLU B 6 -17.60 16.67 6.30
C GLU B 6 -17.98 15.21 6.39
N LEU B 7 -18.68 14.83 7.45
CA LEU B 7 -19.23 13.49 7.53
C LEU B 7 -20.07 13.21 6.31
N ARG B 8 -20.96 14.13 5.97
CA ARG B 8 -21.78 13.99 4.78
C ARG B 8 -20.93 13.87 3.54
N GLU B 9 -19.79 14.56 3.49
CA GLU B 9 -18.90 14.36 2.33
C GLU B 9 -18.43 12.91 2.26
N LEU B 10 -18.10 12.33 3.42
CA LEU B 10 -17.73 10.92 3.44
C LEU B 10 -18.90 10.04 3.01
N ILE B 11 -20.09 10.35 3.51
CA ILE B 11 -21.27 9.55 3.21
C ILE B 11 -21.54 9.54 1.73
N ALA B 12 -21.30 10.68 1.08
CA ALA B 12 -21.42 10.77 -0.37
C ALA B 12 -20.35 9.93 -1.07
N SER B 13 -19.08 10.14 -0.72
CA SER B 13 -18.02 9.42 -1.41
C SER B 13 -18.22 7.91 -1.34
N PHE B 14 -18.60 7.40 -0.15
CA PHE B 14 -18.63 5.97 0.11
C PHE B 14 -19.81 5.27 -0.53
N VAL B 15 -20.74 6.00 -1.17
CA VAL B 15 -21.81 5.36 -1.94
C VAL B 15 -21.23 4.55 -3.10
N SER B 16 -20.37 5.18 -3.89
CA SER B 16 -19.78 4.49 -5.03
C SER B 16 -18.43 3.87 -4.71
N GLU B 17 -17.78 4.29 -3.64
CA GLU B 17 -16.38 3.96 -3.39
C GLU B 17 -16.19 3.23 -2.08
N GLU B 18 -15.24 2.30 -2.08
CA GLU B 18 -14.93 1.50 -0.92
C GLU B 18 -14.19 2.30 0.12
N PRO B 19 -14.70 2.41 1.34
CA PRO B 19 -14.03 3.21 2.37
C PRO B 19 -12.65 2.64 2.65
N PRO B 20 -11.63 3.51 2.85
CA PRO B 20 -10.26 3.01 3.04
C PRO B 20 -10.12 2.02 4.19
N GLU B 21 -10.82 2.28 5.30
CA GLU B 21 -10.81 1.39 6.45
C GLU B 21 -11.04 -0.04 6.04
N ILE B 22 -12.10 -0.27 5.28
CA ILE B 22 -12.48 -1.63 4.90
C ILE B 22 -11.35 -2.27 4.11
N ARG B 23 -10.76 -1.51 3.18
CA ARG B 23 -9.69 -2.04 2.33
C ARG B 23 -8.47 -2.45 3.16
N ARG B 24 -8.10 -1.64 4.14
CA ARG B 24 -6.97 -2.07 4.96
C ARG B 24 -7.39 -3.17 5.92
N ILE B 25 -8.66 -3.24 6.28
CA ILE B 25 -9.11 -4.29 7.19
C ILE B 25 -9.02 -5.63 6.52
N ARG B 26 -9.55 -5.74 5.32
CA ARG B 26 -9.71 -7.07 4.72
C ARG B 26 -8.42 -7.62 4.14
N THR B 27 -7.39 -6.77 4.07
CA THR B 27 -6.08 -7.21 3.55
C THR B 27 -5.10 -7.23 4.70
N GLY B 28 -5.61 -7.35 5.93
CA GLY B 28 -4.73 -7.38 7.12
C GLY B 28 -3.65 -6.32 7.05
N THR B 29 -4.06 -5.06 6.81
CA THR B 29 -3.07 -3.96 6.72
C THR B 29 -3.38 -2.94 7.80
N VAL B 30 -4.39 -3.22 8.64
CA VAL B 30 -4.69 -2.31 9.78
C VAL B 30 -3.36 -1.98 10.48
N PRO B 31 -2.94 -0.69 10.55
CA PRO B 31 -1.62 -0.30 11.11
C PRO B 31 -1.33 -1.00 12.43
N ASP B 32 -2.35 -1.13 13.28
CA ASP B 32 -2.12 -1.72 14.64
C ASP B 32 -1.89 -3.22 14.56
N LEU B 33 -1.87 -3.79 13.35
CA LEU B 33 -1.67 -5.26 13.16
C LEU B 33 -2.35 -6.02 14.32
N PRO B 34 -3.68 -5.93 14.52
CA PRO B 34 -4.38 -6.58 15.68
C PRO B 34 -4.74 -8.02 15.39
N GLY B 35 -5.33 -8.71 16.37
CA GLY B 35 -5.74 -10.12 16.19
C GLY B 35 -4.71 -11.07 16.77
N SER B 36 -4.97 -11.62 17.95
CA SER B 36 -4.05 -12.60 18.57
C SER B 36 -3.72 -13.71 17.56
N GLY B 38 -0.19 -14.73 14.73
CA GLY B 38 0.25 -14.08 13.48
C GLY B 38 -0.84 -14.08 12.43
N GLN B 39 -2.10 -13.99 12.85
CA GLN B 39 -3.25 -13.94 11.91
C GLN B 39 -4.03 -12.64 12.16
N TYR B 40 -5.04 -12.37 11.35
CA TYR B 40 -5.88 -11.16 11.56
C TYR B 40 -7.36 -11.50 11.44
N PHE B 41 -7.68 -12.69 10.92
CA PHE B 41 -9.10 -13.00 10.71
C PHE B 41 -9.92 -12.66 11.93
N THR B 42 -9.44 -12.97 13.13
CA THR B 42 -10.29 -12.77 14.29
C THR B 42 -10.53 -11.29 14.53
N ALA B 43 -9.48 -10.48 14.35
CA ALA B 43 -9.68 -9.03 14.40
C ALA B 43 -10.64 -8.57 13.32
N TRP B 44 -10.51 -9.12 12.11
CA TRP B 44 -11.36 -8.72 11.01
C TRP B 44 -12.82 -9.03 11.33
N ASP B 45 -13.08 -10.28 11.70
CA ASP B 45 -14.36 -10.75 12.21
C ASP B 45 -14.95 -9.78 13.23
N PHE B 46 -14.09 -9.32 14.13
CA PHE B 46 -14.56 -8.43 15.18
C PHE B 46 -14.95 -7.09 14.60
N SER B 47 -14.08 -6.53 13.77
CA SER B 47 -14.36 -5.22 13.17
C SER B 47 -15.70 -5.27 12.47
N ASN B 48 -15.89 -6.31 11.65
CA ASN B 48 -17.14 -6.47 10.92
C ASN B 48 -18.35 -6.55 11.86
N SER B 49 -18.38 -7.54 12.76
CA SER B 49 -19.57 -7.72 13.57
C SER B 49 -19.83 -6.50 14.44
N ILE B 50 -18.78 -5.86 14.93
CA ILE B 50 -19.01 -4.81 15.91
C ILE B 50 -19.42 -3.52 15.24
N VAL B 51 -18.89 -3.18 14.06
CA VAL B 51 -19.46 -2.05 13.36
C VAL B 51 -20.91 -2.33 12.98
N ARG B 52 -21.24 -3.57 12.60
CA ARG B 52 -22.65 -3.89 12.35
C ARG B 52 -23.52 -3.56 13.56
N ASP B 53 -23.17 -4.12 14.73
CA ASP B 53 -24.00 -3.95 15.92
C ASP B 53 -23.99 -2.51 16.41
N TYR B 54 -22.91 -1.79 16.14
CA TYR B 54 -22.87 -0.37 16.50
C TYR B 54 -23.82 0.42 15.62
N ALA B 55 -23.91 0.04 14.33
CA ALA B 55 -24.92 0.61 13.45
C ALA B 55 -26.32 0.43 14.03
N MET B 56 -26.64 -0.79 14.51
CA MET B 56 -27.95 -1.01 15.15
C MET B 56 -28.13 -0.13 16.37
N ASN B 57 -27.18 -0.19 17.31
CA ASN B 57 -27.20 0.62 18.52
C ASN B 57 -27.57 2.04 18.20
N LEU B 58 -26.74 2.65 17.36
CA LEU B 58 -26.96 4.02 16.93
C LEU B 58 -28.34 4.21 16.34
N TYR B 59 -28.80 3.26 15.53
CA TYR B 59 -30.11 3.53 14.95
C TYR B 59 -31.15 3.58 16.04
N GLN B 60 -30.98 2.79 17.10
CA GLN B 60 -31.98 2.83 18.16
C GLN B 60 -31.83 4.05 19.03
N LEU B 61 -30.62 4.62 19.08
CA LEU B 61 -30.44 5.89 19.77
C LEU B 61 -31.05 7.04 18.98
N THR B 62 -30.75 7.11 17.69
CA THR B 62 -31.47 7.95 16.75
C THR B 62 -32.98 7.86 16.98
N ARG B 63 -33.51 6.64 17.00
CA ARG B 63 -34.95 6.45 17.11
C ARG B 63 -35.46 6.94 18.47
N LEU B 64 -34.78 6.55 19.56
CA LEU B 64 -35.07 7.09 20.88
C LEU B 64 -35.11 8.60 20.89
N ALA B 65 -34.29 9.24 20.07
CA ALA B 65 -34.24 10.69 20.10
C ALA B 65 -35.55 11.33 19.66
N THR B 66 -36.34 10.65 18.84
CA THR B 66 -37.68 11.12 18.51
C THR B 66 -38.64 11.01 19.69
N ASP B 67 -38.22 10.46 20.82
CA ASP B 67 -39.10 10.20 21.95
C ASP B 67 -38.89 11.30 22.97
N GLU B 68 -39.79 12.27 23.00
CA GLU B 68 -39.60 13.41 23.88
C GLU B 68 -39.93 13.09 25.34
N SER B 69 -40.34 11.85 25.60
CA SER B 69 -40.53 11.44 27.01
C SER B 69 -39.13 11.26 27.62
N VAL B 70 -38.17 10.89 26.78
CA VAL B 70 -36.76 10.76 27.24
C VAL B 70 -36.07 12.11 27.05
N SER B 71 -35.63 12.74 28.15
CA SER B 71 -35.02 14.08 28.06
C SER B 71 -33.77 14.05 27.18
N VAL B 72 -33.51 15.11 26.42
CA VAL B 72 -32.30 15.19 25.55
C VAL B 72 -31.07 14.84 26.42
N GLU B 73 -31.01 15.37 27.64
CA GLU B 73 -29.87 15.09 28.54
C GLU B 73 -29.80 13.58 28.82
N ASN B 74 -30.94 12.96 29.11
CA ASN B 74 -30.97 11.49 29.40
C ASN B 74 -30.46 10.75 28.16
N LEU B 75 -30.92 11.14 26.97
CA LEU B 75 -30.42 10.52 25.72
C LEU B 75 -28.90 10.66 25.66
N LEU B 76 -28.39 11.89 25.88
CA LEU B 76 -26.92 12.13 25.84
C LEU B 76 -26.23 11.29 26.92
N THR B 77 -26.81 11.25 28.13
CA THR B 77 -26.24 10.40 29.21
C THR B 77 -26.18 8.98 28.68
N VAL B 78 -27.32 8.43 28.28
CA VAL B 78 -27.35 7.06 27.69
C VAL B 78 -26.23 6.97 26.65
N PHE B 79 -26.09 7.98 25.78
CA PHE B 79 -25.08 7.87 24.74
C PHE B 79 -23.70 7.71 25.34
N ARG B 80 -23.31 8.67 26.19
CA ARG B 80 -21.98 8.63 26.78
C ARG B 80 -21.72 7.32 27.51
N THR B 81 -22.78 6.67 27.99
CA THR B 81 -22.56 5.39 28.65
C THR B 81 -22.38 4.28 27.62
N LEU B 82 -23.39 4.05 26.79
CA LEU B 82 -23.37 2.85 25.97
C LEU B 82 -22.32 2.91 24.85
N ASP B 83 -21.98 4.10 24.39
CA ASP B 83 -21.23 4.29 23.16
C ASP B 83 -19.73 3.98 23.26
N PRO B 84 -19.01 4.48 24.27
CA PRO B 84 -17.54 4.40 24.22
C PRO B 84 -17.00 2.98 24.06
N ILE B 85 -17.60 2.00 24.76
CA ILE B 85 -17.16 0.61 24.61
C ILE B 85 -17.13 0.21 23.15
N TYR B 86 -18.02 0.79 22.34
CA TYR B 86 -18.07 0.51 20.91
C TYR B 86 -17.11 1.39 20.12
N SER B 87 -17.18 2.71 20.33
CA SER B 87 -16.37 3.60 19.50
C SER B 87 -14.89 3.40 19.75
N THR B 88 -14.49 3.34 21.01
CA THR B 88 -13.08 3.18 21.32
C THR B 88 -12.54 1.89 20.74
N PHE B 89 -13.27 0.79 20.92
CA PHE B 89 -12.79 -0.46 20.36
C PHE B 89 -12.71 -0.38 18.84
N LEU B 90 -13.69 0.25 18.20
CA LEU B 90 -13.66 0.35 16.75
C LEU B 90 -12.49 1.19 16.29
N GLY B 91 -12.24 2.30 16.96
CA GLY B 91 -11.02 3.06 16.69
C GLY B 91 -9.79 2.18 16.72
N TYR B 92 -9.65 1.37 17.79
CA TYR B 92 -8.53 0.44 17.89
C TYR B 92 -8.49 -0.52 16.70
N ASN B 93 -9.65 -1.05 16.32
CA ASN B 93 -9.71 -2.10 15.31
C ASN B 93 -10.20 -1.60 13.96
N GLY B 94 -9.59 -0.53 13.42
CA GLY B 94 -9.77 -0.14 12.04
C GLY B 94 -10.58 1.12 11.77
N PHE B 95 -11.30 1.67 12.75
CA PHE B 95 -12.22 2.79 12.51
C PHE B 95 -11.93 4.01 13.39
N PRO B 96 -10.71 4.52 13.37
CA PRO B 96 -10.35 5.58 14.32
C PRO B 96 -11.09 6.88 14.10
N VAL B 97 -11.33 7.24 12.84
CA VAL B 97 -12.12 8.43 12.56
C VAL B 97 -13.49 8.32 13.20
N LEU B 98 -14.09 7.13 13.11
CA LEU B 98 -15.36 6.88 13.76
C LEU B 98 -15.28 7.14 15.26
N ALA B 99 -14.19 6.71 15.89
CA ALA B 99 -14.06 7.00 17.32
C ALA B 99 -14.10 8.50 17.58
N GLU B 100 -13.34 9.29 16.81
CA GLU B 100 -13.35 10.73 17.08
C GLU B 100 -14.74 11.33 16.80
N TYR B 101 -15.41 10.85 15.76
CA TYR B 101 -16.71 11.44 15.45
C TYR B 101 -17.75 11.02 16.47
N ALA B 102 -17.61 9.83 17.03
CA ALA B 102 -18.48 9.41 18.11
C ALA B 102 -18.29 10.32 19.32
N GLN B 103 -17.05 10.63 19.66
CA GLN B 103 -16.81 11.62 20.70
C GLN B 103 -17.57 12.91 20.38
N ARG B 104 -17.45 13.36 19.12
CA ARG B 104 -18.10 14.60 18.69
C ARG B 104 -19.61 14.55 18.93
N VAL B 105 -20.26 13.45 18.56
CA VAL B 105 -21.71 13.32 18.70
C VAL B 105 -22.13 13.49 20.14
N GLY B 106 -21.30 13.06 21.09
CA GLY B 106 -21.69 13.16 22.48
C GLY B 106 -21.60 14.55 23.07
N GLN B 107 -20.73 15.45 22.50
CA GLN B 107 -20.33 16.73 23.12
C GLN B 107 -21.59 17.46 23.54
N PRO B 108 -21.56 18.27 24.60
CA PRO B 108 -22.81 18.82 25.13
C PRO B 108 -23.60 19.61 24.10
N ALA B 109 -24.76 19.08 23.74
CA ALA B 109 -25.62 19.67 22.72
C ALA B 109 -26.72 20.47 23.38
N GLU B 110 -27.32 21.37 22.60
CA GLU B 110 -28.24 22.34 23.13
C GLU B 110 -29.67 22.20 22.64
N SER B 111 -29.92 21.51 21.53
CA SER B 111 -31.29 21.21 21.12
C SER B 111 -31.42 19.75 20.72
N ARG B 112 -32.63 19.21 20.92
CA ARG B 112 -32.95 17.86 20.46
C ARG B 112 -32.69 17.72 18.98
N ALA B 113 -33.16 18.68 18.18
CA ALA B 113 -32.94 18.61 16.75
C ALA B 113 -31.45 18.50 16.44
N GLU B 114 -30.61 19.20 17.19
CA GLU B 114 -29.18 19.16 16.87
C GLU B 114 -28.58 17.79 17.17
N LEU B 115 -28.82 17.29 18.38
CA LEU B 115 -28.44 15.94 18.73
C LEU B 115 -28.90 14.97 17.65
N LEU B 116 -30.18 15.04 17.31
CA LEU B 116 -30.78 14.14 16.34
C LEU B 116 -30.11 14.27 14.98
N ASP B 117 -29.70 15.47 14.61
CA ASP B 117 -29.05 15.57 13.32
C ASP B 117 -27.71 14.87 13.34
N ARG B 118 -26.95 15.03 14.44
CA ARG B 118 -25.73 14.25 14.62
C ARG B 118 -26.03 12.75 14.58
N LEU B 119 -27.11 12.33 15.23
CA LEU B 119 -27.36 10.90 15.33
C LEU B 119 -27.67 10.33 13.96
N THR B 120 -28.58 10.97 13.22
CA THR B 120 -28.89 10.52 11.87
C THR B 120 -27.64 10.55 10.97
N THR B 121 -26.85 11.62 11.04
CA THR B 121 -25.66 11.69 10.19
C THR B 121 -24.72 10.53 10.49
N PHE B 122 -24.29 10.43 11.74
CA PHE B 122 -23.37 9.39 12.18
C PHE B 122 -23.89 8.02 11.78
N THR B 123 -25.19 7.77 12.02
CA THR B 123 -25.75 6.47 11.67
C THR B 123 -25.60 6.21 10.18
N GLU B 124 -25.87 7.22 9.34
CA GLU B 124 -25.76 6.96 7.92
C GLU B 124 -24.33 6.57 7.56
N TYR B 125 -23.37 7.31 8.11
CA TYR B 125 -21.95 7.03 7.88
C TYR B 125 -21.62 5.60 8.27
N VAL B 126 -22.00 5.20 9.49
CA VAL B 126 -21.69 3.86 10.00
C VAL B 126 -22.42 2.79 9.19
N ASN B 127 -23.63 3.08 8.73
CA ASN B 127 -24.38 2.14 7.90
C ASN B 127 -23.64 1.85 6.61
N ARG B 128 -23.01 2.87 6.03
CA ARG B 128 -22.26 2.63 4.80
C ARG B 128 -20.96 1.88 5.07
N LEU B 129 -20.25 2.24 6.15
CA LEU B 129 -19.12 1.42 6.57
C LEU B 129 -19.53 -0.03 6.75
N THR B 130 -20.73 -0.24 7.28
CA THR B 130 -21.24 -1.60 7.48
C THR B 130 -21.59 -2.28 6.16
N ALA B 131 -22.18 -1.54 5.22
CA ALA B 131 -22.51 -2.13 3.91
C ALA B 131 -21.27 -2.61 3.19
N TRP B 132 -20.23 -1.79 3.16
CA TRP B 132 -18.98 -2.24 2.57
C TRP B 132 -18.41 -3.42 3.34
N SER B 133 -18.32 -3.28 4.67
CA SER B 133 -17.80 -4.35 5.49
C SER B 133 -18.53 -5.66 5.23
N HIS B 134 -19.82 -5.56 4.95
CA HIS B 134 -20.59 -6.77 4.70
C HIS B 134 -20.26 -7.34 3.33
N HIS B 135 -20.01 -6.47 2.34
CA HIS B 135 -19.73 -6.97 1.00
C HIS B 135 -18.46 -7.82 0.97
N TYR B 136 -17.53 -7.55 1.86
CA TYR B 136 -16.17 -8.07 1.73
C TYR B 136 -15.80 -9.16 2.74
N PHE B 137 -16.66 -9.50 3.67
CA PHE B 137 -16.35 -10.50 4.67
C PHE B 137 -16.36 -11.90 4.08
N PRO B 138 -15.43 -12.78 4.50
CA PRO B 138 -15.25 -14.14 3.93
C PRO B 138 -16.27 -15.16 4.41
N TRP B 139 -17.54 -14.90 4.11
CA TRP B 139 -18.62 -15.80 4.47
C TRP B 139 -18.42 -17.20 3.93
N ASP B 140 -17.66 -17.34 2.84
CA ASP B 140 -17.44 -18.63 2.20
C ASP B 140 -16.70 -19.60 3.10
N LEU B 141 -16.23 -19.15 4.26
CA LEU B 141 -15.33 -19.95 5.10
C LEU B 141 -15.98 -21.27 5.53
N GLY B 142 -17.17 -21.20 6.13
CA GLY B 142 -17.78 -22.43 6.63
C GLY B 142 -18.61 -23.13 5.58
N GLY B 143 -18.28 -22.84 4.33
CA GLY B 143 -19.05 -23.35 3.20
C GLY B 143 -18.73 -24.77 2.79
N GLU B 144 -17.48 -25.20 3.00
CA GLU B 144 -17.13 -26.60 2.93
C GLU B 144 -16.93 -27.21 4.31
N ARG B 145 -16.97 -26.39 5.35
CA ARG B 145 -16.79 -26.87 6.72
C ARG B 145 -18.11 -27.14 7.43
N TYR B 146 -19.18 -26.40 7.11
CA TYR B 146 -20.45 -26.51 7.86
C TYR B 146 -21.67 -26.35 6.95
N ARG B 147 -22.21 -27.48 6.46
CA ARG B 147 -23.35 -27.48 5.56
C ARG B 147 -24.60 -27.99 6.24
N TYR B 148 -25.73 -27.33 5.99
CA TYR B 148 -27.02 -27.96 6.21
C TYR B 148 -27.23 -29.04 5.16
N ALA B 149 -27.67 -30.20 5.60
CA ALA B 149 -27.86 -31.36 4.74
C ALA B 149 -29.19 -31.28 3.98
N ALA B 150 -29.15 -31.53 2.68
CA ALA B 150 -30.25 -31.16 1.79
C ALA B 150 -31.61 -31.69 2.26
N GLU B 151 -31.64 -32.94 2.73
CA GLU B 151 -32.92 -33.57 3.02
C GLU B 151 -33.59 -32.94 4.24
N GLU B 152 -32.82 -32.72 5.32
CA GLU B 152 -33.35 -32.01 6.49
C GLU B 152 -33.90 -30.65 6.09
N VAL B 153 -33.25 -30.01 5.11
CA VAL B 153 -33.63 -28.66 4.68
C VAL B 153 -34.98 -28.68 3.98
N ALA B 154 -35.07 -29.47 2.89
CA ALA B 154 -36.36 -29.69 2.24
C ALA B 154 -37.40 -30.14 3.27
N ALA B 155 -36.97 -30.86 4.29
CA ALA B 155 -37.90 -31.34 5.30
C ALA B 155 -38.47 -30.19 6.13
N GLN B 156 -37.63 -29.26 6.55
CA GLN B 156 -38.16 -28.16 7.34
C GLN B 156 -38.95 -27.20 6.46
N ALA B 157 -38.63 -27.14 5.17
CA ALA B 157 -39.50 -26.46 4.22
C ALA B 157 -40.87 -27.11 4.17
N ALA B 158 -40.90 -28.45 4.30
CA ALA B 158 -42.17 -29.17 4.31
C ALA B 158 -42.88 -29.08 5.66
N GLU B 159 -42.16 -28.79 6.74
CA GLU B 159 -42.82 -28.71 8.05
C GLU B 159 -43.75 -27.51 8.12
N ALA B 160 -43.40 -26.42 7.45
CA ALA B 160 -44.22 -25.23 7.41
C ALA B 160 -45.01 -25.14 6.10
N SER B 169 -54.71 -10.87 2.07
CA SER B 169 -53.25 -10.87 2.04
C SER B 169 -52.72 -9.45 2.15
N VAL B 170 -51.47 -9.32 2.61
CA VAL B 170 -50.86 -8.00 2.76
C VAL B 170 -50.62 -7.35 1.41
N ASP B 171 -50.58 -8.13 0.34
CA ASP B 171 -50.66 -7.55 -0.99
C ASP B 171 -52.08 -7.15 -1.37
N SER B 172 -53.08 -7.58 -0.60
CA SER B 172 -54.48 -7.25 -0.83
C SER B 172 -55.02 -6.17 0.09
N LEU B 173 -54.16 -5.49 0.86
CA LEU B 173 -54.61 -4.48 1.81
C LEU B 173 -54.44 -3.07 1.25
N GLY B 174 -55.29 -2.17 1.70
CA GLY B 174 -55.09 -0.87 1.11
C GLY B 174 -55.60 -0.84 -0.32
N ASP B 175 -55.05 0.07 -1.10
CA ASP B 175 -55.66 0.45 -2.37
C ASP B 175 -54.67 0.36 -3.52
N PRO B 176 -55.00 -0.37 -4.60
CA PRO B 176 -54.12 -0.37 -5.77
C PRO B 176 -53.92 1.00 -6.37
N SER B 177 -54.85 1.93 -6.16
CA SER B 177 -54.76 3.24 -6.80
C SER B 177 -53.56 4.01 -6.33
N GLN B 178 -53.01 3.66 -5.17
CA GLN B 178 -51.96 4.45 -4.55
C GLN B 178 -50.57 3.85 -4.79
N ARG B 179 -50.48 2.76 -5.56
CA ARG B 179 -49.21 2.16 -5.93
C ARG B 179 -48.35 3.11 -6.77
N ILE B 180 -47.11 3.30 -6.37
CA ILE B 180 -46.19 4.20 -7.06
C ILE B 180 -45.12 3.35 -7.74
N PRO B 181 -44.95 3.46 -9.07
CA PRO B 181 -44.05 2.55 -9.79
C PRO B 181 -42.61 3.04 -9.81
N VAL B 182 -41.70 2.06 -9.94
CA VAL B 182 -40.25 2.28 -9.89
C VAL B 182 -39.59 1.19 -10.71
N ARG B 183 -38.35 1.42 -11.10
CA ARG B 183 -37.60 0.35 -11.74
C ARG B 183 -36.31 0.07 -10.99
N LEU B 184 -36.05 -1.22 -10.85
CA LEU B 184 -34.80 -1.72 -10.30
C LEU B 184 -33.94 -2.21 -11.46
N THR B 185 -32.69 -1.75 -11.45
CA THR B 185 -31.74 -2.02 -12.51
C THR B 185 -30.50 -2.61 -11.85
N TRP B 186 -30.10 -3.81 -12.24
CA TRP B 186 -28.89 -4.45 -11.72
C TRP B 186 -27.84 -4.46 -12.81
N GLN B 187 -26.77 -3.69 -12.59
CA GLN B 187 -25.61 -3.66 -13.47
C GLN B 187 -24.44 -4.35 -12.80
N PRO B 188 -23.58 -5.09 -13.51
CA PRO B 188 -23.44 -5.27 -14.96
C PRO B 188 -24.30 -6.37 -15.56
N LEU B 189 -25.14 -7.00 -14.74
CA LEU B 189 -26.04 -8.04 -15.22
C LEU B 189 -26.93 -7.55 -16.34
N GLY B 190 -27.14 -6.24 -16.44
CA GLY B 190 -28.14 -5.66 -17.31
C GLY B 190 -29.51 -6.23 -17.08
N VAL B 191 -29.92 -6.40 -15.83
CA VAL B 191 -31.25 -6.94 -15.57
C VAL B 191 -32.13 -5.82 -15.03
N GLN B 192 -33.42 -5.93 -15.27
CA GLN B 192 -34.34 -4.86 -14.91
C GLN B 192 -35.72 -5.40 -14.59
N VAL B 193 -36.30 -4.89 -13.51
CA VAL B 193 -37.70 -5.16 -13.22
C VAL B 193 -38.40 -3.87 -12.89
N ASP B 194 -39.72 -3.93 -12.95
CA ASP B 194 -40.59 -2.84 -12.57
C ASP B 194 -41.34 -3.24 -11.32
N ALA B 195 -41.26 -2.40 -10.30
CA ALA B 195 -41.82 -2.65 -8.98
C ALA B 195 -42.85 -1.59 -8.65
N GLU B 196 -43.77 -1.94 -7.74
CA GLU B 196 -44.78 -1.03 -7.22
C GLU B 196 -44.57 -0.84 -5.73
N ILE B 197 -44.68 0.41 -5.28
CA ILE B 197 -44.46 0.78 -3.90
C ILE B 197 -45.81 1.13 -3.29
N TYR B 198 -46.18 0.45 -2.21
CA TYR B 198 -47.45 0.72 -1.55
C TYR B 198 -47.30 1.97 -0.71
N ALA B 199 -47.66 3.12 -1.30
CA ALA B 199 -47.58 4.36 -0.54
C ALA B 199 -48.58 4.36 0.60
N ASP B 200 -49.68 3.63 0.44
CA ASP B 200 -50.79 3.67 1.39
C ASP B 200 -50.54 2.87 2.65
N LEU B 201 -49.61 1.91 2.64
CA LEU B 201 -49.39 0.96 3.72
C LEU B 201 -48.48 1.53 4.81
N ASN B 202 -47.30 1.97 4.43
CA ASN B 202 -46.40 2.63 5.35
C ASN B 202 -46.09 3.97 4.69
N PRO B 203 -46.97 4.97 4.90
CA PRO B 203 -46.91 6.22 4.12
C PRO B 203 -45.63 7.02 4.27
N GLN B 204 -45.23 7.40 5.48
CA GLN B 204 -43.97 8.12 5.59
C GLN B 204 -42.78 7.22 5.31
N LEU B 205 -42.90 5.90 5.51
CA LEU B 205 -41.81 5.02 5.12
C LEU B 205 -41.55 5.13 3.61
N ALA B 206 -42.52 4.72 2.79
CA ALA B 206 -42.38 4.85 1.34
C ALA B 206 -42.06 6.29 0.94
N THR B 207 -42.57 7.29 1.67
CA THR B 207 -42.14 8.65 1.42
C THR B 207 -40.62 8.75 1.49
N ASP B 208 -40.07 8.38 2.64
CA ASP B 208 -38.63 8.50 2.87
C ASP B 208 -37.86 7.77 1.80
N VAL B 209 -38.46 6.71 1.24
CA VAL B 209 -37.76 5.91 0.24
C VAL B 209 -37.85 6.54 -1.15
N LEU B 210 -39.03 7.07 -1.51
CA LEU B 210 -39.20 7.73 -2.81
C LEU B 210 -38.46 9.07 -2.86
N LYS B 211 -38.42 9.81 -1.76
CA LYS B 211 -37.61 11.00 -1.71
C LYS B 211 -36.19 10.69 -2.17
N ALA B 212 -35.64 9.56 -1.74
CA ALA B 212 -34.25 9.31 -2.05
C ALA B 212 -34.02 9.04 -3.52
N LEU B 213 -35.09 8.87 -4.26
CA LEU B 213 -34.96 8.29 -5.59
C LEU B 213 -34.54 9.34 -6.60
N PRO B 214 -33.66 8.98 -7.53
CA PRO B 214 -33.05 7.66 -7.68
C PRO B 214 -31.76 7.52 -6.88
N PHE B 215 -31.18 6.33 -6.93
CA PHE B 215 -29.85 6.18 -6.35
C PHE B 215 -29.23 4.94 -6.94
N THR B 216 -27.94 4.81 -6.73
CA THR B 216 -27.21 3.63 -7.13
C THR B 216 -26.30 3.19 -5.99
N VAL B 217 -26.66 2.08 -5.37
CA VAL B 217 -25.97 1.53 -4.21
C VAL B 217 -25.47 0.14 -4.57
N LEU B 218 -24.77 -0.51 -3.65
CA LEU B 218 -24.21 -1.85 -3.91
C LEU B 218 -25.20 -2.92 -3.45
N GLN B 219 -25.39 -3.95 -4.28
CA GLN B 219 -26.32 -5.02 -3.96
C GLN B 219 -25.61 -6.27 -3.42
N ASP B 220 -26.00 -6.70 -2.21
CA ASP B 220 -25.41 -7.84 -1.54
C ASP B 220 -26.51 -8.78 -1.10
N HIS B 221 -26.12 -9.87 -0.47
CA HIS B 221 -27.02 -10.96 -0.14
C HIS B 221 -27.12 -11.14 1.36
N ALA B 222 -28.30 -11.49 1.82
CA ALA B 222 -28.46 -12.03 3.15
C ALA B 222 -27.56 -13.24 3.31
N VAL B 223 -27.03 -13.39 4.52
CA VAL B 223 -26.24 -14.57 4.84
C VAL B 223 -26.88 -15.37 5.95
N VAL B 224 -28.11 -15.05 6.35
CA VAL B 224 -28.76 -15.87 7.37
C VAL B 224 -30.15 -16.27 6.88
N SER B 225 -30.93 -15.31 6.41
CA SER B 225 -32.37 -15.56 6.32
C SER B 225 -32.76 -16.45 5.15
N GLY B 226 -31.89 -16.71 4.20
CA GLY B 226 -32.30 -17.50 3.06
C GLY B 226 -32.01 -16.80 1.74
N GLU B 227 -32.99 -16.84 0.81
CA GLU B 227 -32.79 -16.21 -0.49
C GLU B 227 -33.35 -14.80 -0.41
N SER B 228 -32.52 -13.87 0.06
CA SER B 228 -33.00 -12.52 0.30
C SER B 228 -31.89 -11.52 0.04
N MET B 229 -32.06 -10.69 -0.97
CA MET B 229 -31.06 -9.69 -1.32
C MET B 229 -31.34 -8.40 -0.58
N TYR B 230 -30.29 -7.77 -0.05
CA TYR B 230 -30.49 -6.44 0.49
C TYR B 230 -29.33 -5.54 0.11
N ALA B 231 -29.66 -4.25 -0.03
CA ALA B 231 -28.69 -3.21 -0.38
C ALA B 231 -29.00 -1.98 0.45
N TRP B 232 -27.96 -1.24 0.82
CA TRP B 232 -28.03 -0.22 1.85
C TRP B 232 -28.29 1.12 1.18
N ALA B 233 -29.54 1.60 1.26
CA ALA B 233 -29.90 2.85 0.59
C ALA B 233 -29.34 4.06 1.33
N PRO B 234 -29.04 5.15 0.61
CA PRO B 234 -28.58 6.37 1.27
C PRO B 234 -29.74 7.12 1.90
N LEU B 235 -30.18 6.62 3.06
CA LEU B 235 -31.16 7.36 3.85
C LEU B 235 -31.19 6.77 5.25
N VAL B 236 -31.75 7.55 6.18
CA VAL B 236 -32.17 7.06 7.48
C VAL B 236 -33.62 7.48 7.65
N SER B 237 -34.50 6.51 7.87
CA SER B 237 -35.92 6.77 8.11
C SER B 237 -36.28 6.28 9.51
N VAL B 238 -37.05 7.09 10.23
CA VAL B 238 -37.62 6.70 11.52
C VAL B 238 -39.12 6.75 11.35
N ALA B 239 -39.60 6.44 10.16
CA ALA B 239 -41.01 6.52 9.86
C ALA B 239 -41.75 5.41 10.58
N PRO B 240 -42.99 5.64 11.02
CA PRO B 240 -43.83 4.55 11.52
C PRO B 240 -43.78 3.39 10.54
N THR B 241 -44.02 2.18 11.03
CA THR B 241 -44.03 1.01 10.15
C THR B 241 -45.26 0.16 10.45
N PRO B 242 -46.45 0.75 10.39
CA PRO B 242 -47.66 0.04 10.83
C PRO B 242 -47.82 -1.33 10.20
N VAL B 243 -47.56 -1.45 8.91
CA VAL B 243 -47.59 -2.75 8.23
C VAL B 243 -46.19 -3.34 8.28
N ARG B 244 -46.09 -4.55 8.85
CA ARG B 244 -44.90 -5.36 8.76
C ARG B 244 -45.35 -6.79 8.50
N GLU B 245 -44.51 -7.53 7.77
CA GLU B 245 -44.79 -8.90 7.36
C GLU B 245 -43.62 -9.78 7.78
N ARG B 246 -43.92 -10.95 8.31
CA ARG B 246 -42.85 -11.87 8.66
C ARG B 246 -42.12 -12.30 7.41
N ILE B 247 -40.80 -12.43 7.53
CA ILE B 247 -39.97 -12.65 6.35
C ILE B 247 -40.17 -14.05 5.78
N CYS B 248 -40.40 -15.04 6.63
CA CYS B 248 -40.73 -16.39 6.17
C CYS B 248 -42.07 -16.44 5.44
N ASP B 249 -42.99 -15.52 5.72
CA ASP B 249 -44.28 -15.46 5.03
C ASP B 249 -44.24 -14.58 3.77
N ALA B 250 -43.13 -13.91 3.51
CA ALA B 250 -43.09 -13.02 2.36
C ALA B 250 -43.27 -13.80 1.06
N PRO B 251 -44.00 -13.27 0.09
CA PRO B 251 -44.01 -13.85 -1.26
C PRO B 251 -42.70 -13.61 -1.97
N VAL B 252 -42.53 -14.30 -3.11
CA VAL B 252 -41.42 -13.97 -3.99
C VAL B 252 -41.68 -12.62 -4.62
N GLY B 253 -40.67 -11.77 -4.63
CA GLY B 253 -40.78 -10.47 -5.24
C GLY B 253 -41.17 -9.38 -4.28
N ARG B 254 -41.24 -9.68 -2.98
CA ARG B 254 -41.59 -8.68 -1.98
C ARG B 254 -40.44 -7.68 -1.77
N LEU B 255 -40.80 -6.41 -1.71
CA LEU B 255 -39.78 -5.37 -1.41
C LEU B 255 -40.07 -4.91 0.02
N ARG B 256 -39.23 -5.31 0.96
CA ARG B 256 -39.42 -4.89 2.37
C ARG B 256 -38.32 -3.90 2.73
N PHE B 257 -38.66 -2.86 3.49
CA PHE B 257 -37.59 -1.96 3.98
C PHE B 257 -37.22 -2.49 5.37
N SER B 258 -36.22 -1.89 6.01
CA SER B 258 -35.86 -2.31 7.39
C SER B 258 -35.05 -1.20 8.07
N GLN B 259 -35.71 -0.07 8.36
CA GLN B 259 -35.01 1.07 9.00
C GLN B 259 -34.25 0.56 10.24
N ALA B 260 -34.79 -0.45 10.93
CA ALA B 260 -34.07 -1.04 12.09
C ALA B 260 -32.64 -1.39 11.67
N THR B 261 -32.49 -2.18 10.60
CA THR B 261 -31.14 -2.58 10.12
C THR B 261 -30.73 -1.66 9.00
N GLY B 262 -30.15 -0.51 9.35
CA GLY B 262 -29.80 0.49 8.32
C GLY B 262 -31.02 0.84 7.48
N ASN B 263 -30.84 1.15 6.20
CA ASN B 263 -32.02 1.37 5.32
C ASN B 263 -31.86 0.41 4.14
N LYS B 264 -32.01 -0.89 4.40
CA LYS B 264 -31.75 -1.89 3.33
C LYS B 264 -32.98 -2.08 2.43
N VAL B 265 -32.81 -1.90 1.12
CA VAL B 265 -33.93 -2.22 0.17
C VAL B 265 -33.88 -3.75 0.04
N ILE B 266 -34.79 -4.47 0.70
CA ILE B 266 -34.66 -5.95 0.71
C ILE B 266 -35.57 -6.63 -0.34
N VAL B 267 -35.00 -6.99 -1.50
CA VAL B 267 -35.78 -7.77 -2.44
C VAL B 267 -35.75 -9.20 -1.92
N GLN B 268 -36.91 -9.81 -1.75
CA GLN B 268 -36.92 -11.23 -1.44
C GLN B 268 -37.39 -12.02 -2.64
N TYR B 269 -36.56 -12.97 -3.08
CA TYR B 269 -36.82 -13.74 -4.29
C TYR B 269 -37.00 -15.24 -4.06
N GLY B 270 -36.75 -15.75 -2.87
CA GLY B 270 -36.85 -17.17 -2.66
C GLY B 270 -37.18 -17.47 -1.22
N PRO B 271 -37.17 -18.75 -0.87
CA PRO B 271 -37.63 -19.14 0.46
C PRO B 271 -36.67 -18.66 1.53
N THR B 272 -37.25 -18.05 2.57
CA THR B 272 -36.49 -17.58 3.72
C THR B 272 -37.07 -18.18 4.98
N THR B 273 -36.21 -18.32 5.99
CA THR B 273 -36.57 -18.95 7.26
C THR B 273 -36.75 -17.95 8.39
N GLU B 274 -36.18 -16.76 8.29
CA GLU B 274 -36.28 -15.80 9.38
C GLU B 274 -37.75 -15.49 9.70
N THR B 275 -38.05 -15.35 10.99
CA THR B 275 -39.43 -15.13 11.42
C THR B 275 -39.66 -13.72 11.94
N LEU B 276 -38.63 -12.88 12.02
CA LEU B 276 -38.82 -11.52 12.49
C LEU B 276 -39.56 -10.68 11.45
N SER B 277 -40.45 -9.80 11.92
CA SER B 277 -41.28 -8.98 11.05
C SER B 277 -40.49 -7.84 10.41
N SER B 278 -41.00 -7.39 9.25
CA SER B 278 -40.27 -6.46 8.41
C SER B 278 -41.22 -5.46 7.77
N PRO B 279 -40.85 -4.17 7.73
CA PRO B 279 -41.76 -3.17 7.16
C PRO B 279 -41.94 -3.36 5.66
N VAL B 280 -43.18 -3.33 5.22
CA VAL B 280 -43.53 -3.61 3.82
C VAL B 280 -43.40 -2.34 2.98
N LEU B 281 -42.63 -2.41 1.90
CA LEU B 281 -42.48 -1.28 0.96
C LEU B 281 -43.34 -1.48 -0.28
N GLY B 282 -43.11 -2.57 -1.01
CA GLY B 282 -43.91 -2.88 -2.18
C GLY B 282 -43.68 -4.28 -2.71
N LYS B 283 -43.67 -4.43 -4.03
CA LYS B 283 -43.52 -5.73 -4.68
C LYS B 283 -43.12 -5.55 -6.13
N VAL B 284 -42.30 -6.48 -6.63
CA VAL B 284 -42.04 -6.56 -8.06
C VAL B 284 -43.31 -6.94 -8.80
N VAL B 285 -43.55 -6.30 -9.95
CA VAL B 285 -44.72 -6.66 -10.73
C VAL B 285 -44.56 -8.11 -11.16
N ASP B 286 -45.62 -8.90 -10.94
CA ASP B 286 -45.61 -10.33 -11.20
C ASP B 286 -44.92 -10.64 -12.52
N SER B 287 -45.13 -9.79 -13.53
CA SER B 287 -44.51 -9.98 -14.84
C SER B 287 -43.02 -10.20 -14.73
N HIS B 288 -42.36 -9.54 -13.79
CA HIS B 288 -40.91 -9.53 -13.71
C HIS B 288 -40.36 -10.31 -12.52
N ALA B 289 -41.18 -11.11 -11.85
CA ALA B 289 -40.68 -11.86 -10.71
C ALA B 289 -39.69 -12.94 -11.13
N ASP B 290 -39.92 -13.58 -12.28
CA ASP B 290 -39.05 -14.67 -12.70
C ASP B 290 -37.65 -14.18 -12.97
N ARG B 291 -37.52 -12.91 -13.35
CA ARG B 291 -36.20 -12.32 -13.59
C ARG B 291 -35.34 -12.31 -12.34
N LEU B 292 -35.90 -12.67 -11.19
CA LEU B 292 -35.24 -12.44 -9.91
C LEU B 292 -34.27 -13.57 -9.57
N ALA B 293 -34.61 -14.79 -9.92
CA ALA B 293 -33.78 -15.91 -9.52
C ALA B 293 -32.35 -15.73 -10.02
N GLU B 294 -32.20 -15.26 -11.26
CA GLU B 294 -30.86 -15.05 -11.80
C GLU B 294 -30.08 -14.05 -10.95
N VAL B 295 -30.62 -12.84 -10.79
CA VAL B 295 -29.93 -11.82 -10.01
C VAL B 295 -29.62 -12.33 -8.61
N GLY B 296 -30.56 -13.07 -8.02
CA GLY B 296 -30.37 -13.60 -6.69
C GLY B 296 -29.17 -14.54 -6.62
N LYS B 297 -29.04 -15.40 -7.63
CA LYS B 297 -27.90 -16.29 -7.63
C LYS B 297 -26.60 -15.53 -7.87
N ALA B 298 -26.62 -14.55 -8.78
CA ALA B 298 -25.40 -13.79 -9.02
C ALA B 298 -25.00 -12.95 -7.81
N VAL B 299 -25.98 -12.51 -7.03
CA VAL B 299 -25.70 -11.72 -5.84
C VAL B 299 -25.25 -12.62 -4.70
N TRP B 300 -25.77 -13.85 -4.63
CA TRP B 300 -25.14 -14.86 -3.78
C TRP B 300 -23.68 -15.05 -4.16
N GLU B 301 -23.40 -15.16 -5.46
CA GLU B 301 -22.02 -15.33 -5.87
C GLU B 301 -21.16 -14.17 -5.38
N SER B 302 -21.59 -12.94 -5.65
CA SER B 302 -20.79 -11.77 -5.29
C SER B 302 -20.57 -11.71 -3.77
N THR B 303 -21.66 -11.85 -3.00
CA THR B 303 -21.58 -11.68 -1.55
C THR B 303 -20.87 -12.86 -0.88
N PHE B 304 -21.24 -14.08 -1.27
CA PHE B 304 -20.61 -15.26 -0.72
C PHE B 304 -19.16 -15.37 -1.15
N SER B 305 -18.85 -15.05 -2.41
CA SER B 305 -17.68 -15.61 -3.10
C SER B 305 -16.77 -14.62 -3.84
N SER B 306 -17.25 -14.08 -4.96
CA SER B 306 -16.35 -13.41 -5.90
C SER B 306 -16.02 -11.99 -5.49
N LYS B 307 -16.91 -11.35 -4.71
CA LYS B 307 -16.87 -9.94 -4.33
C LYS B 307 -16.99 -9.02 -5.55
N GLU B 308 -17.20 -9.60 -6.73
CA GLU B 308 -17.51 -8.83 -7.92
C GLU B 308 -18.71 -7.94 -7.62
N PRO B 309 -18.52 -6.63 -7.60
CA PRO B 309 -19.63 -5.71 -7.23
C PRO B 309 -20.80 -5.81 -8.19
N VAL B 310 -22.01 -5.73 -7.64
CA VAL B 310 -23.24 -5.67 -8.42
C VAL B 310 -24.02 -4.47 -7.93
N TRP B 311 -24.17 -3.47 -8.78
CA TRP B 311 -24.83 -2.25 -8.35
C TRP B 311 -26.31 -2.28 -8.64
N LEU B 312 -27.06 -1.69 -7.72
CA LEU B 312 -28.47 -1.41 -7.86
C LEU B 312 -28.66 0.05 -8.24
N THR B 313 -29.59 0.31 -9.17
CA THR B 313 -30.16 1.64 -9.34
C THR B 313 -31.67 1.52 -9.17
N VAL B 314 -32.21 2.32 -8.25
CA VAL B 314 -33.66 2.42 -8.08
C VAL B 314 -34.09 3.78 -8.59
N GLU B 315 -35.19 3.78 -9.36
CA GLU B 315 -35.67 4.96 -10.08
C GLU B 315 -37.18 5.06 -10.04
N ARG B 316 -37.67 6.28 -9.85
CA ARG B 316 -39.09 6.51 -9.97
C ARG B 316 -39.48 6.29 -11.42
N LEU B 317 -40.30 5.29 -11.69
CA LEU B 317 -40.91 5.27 -13.01
C LEU B 317 -41.90 6.43 -13.02
N ALA C 3 11.64 56.30 -9.85
CA ALA C 3 12.40 55.34 -9.01
C ALA C 3 13.58 54.76 -9.81
N LEU C 4 13.30 53.84 -10.72
CA LEU C 4 14.41 53.14 -11.42
C LEU C 4 14.22 53.35 -12.92
N PRO C 5 14.73 54.45 -13.48
CA PRO C 5 14.51 54.78 -14.91
C PRO C 5 15.07 53.73 -15.88
N GLU C 6 16.32 53.33 -15.67
CA GLU C 6 16.86 52.25 -16.53
C GLU C 6 15.89 51.06 -16.51
N LEU C 7 15.27 50.83 -15.35
CA LEU C 7 14.36 49.67 -15.25
C LEU C 7 13.19 49.84 -16.22
N ARG C 8 12.69 51.05 -16.40
CA ARG C 8 11.58 51.16 -17.36
C ARG C 8 12.10 51.08 -18.80
N GLU C 9 13.30 51.62 -19.04
CA GLU C 9 13.86 51.41 -20.39
C GLU C 9 13.77 49.89 -20.65
N LEU C 10 14.17 49.08 -19.67
CA LEU C 10 14.13 47.60 -19.82
C LEU C 10 12.70 47.10 -20.00
N ILE C 11 11.79 47.57 -19.15
CA ILE C 11 10.39 47.06 -19.20
C ILE C 11 9.82 47.29 -20.61
N ALA C 12 10.04 48.46 -21.16
CA ALA C 12 9.49 48.74 -22.51
C ALA C 12 10.23 47.94 -23.56
N SER C 13 11.52 47.67 -23.35
CA SER C 13 12.20 46.81 -24.33
C SER C 13 11.59 45.42 -24.30
N PHE C 14 11.21 44.94 -23.12
CA PHE C 14 10.86 43.50 -23.01
C PHE C 14 9.42 43.18 -23.30
N VAL C 15 8.57 44.17 -23.57
CA VAL C 15 7.18 43.86 -24.00
C VAL C 15 7.23 43.16 -25.35
N SER C 16 8.23 43.50 -26.17
CA SER C 16 8.37 42.89 -27.52
C SER C 16 9.63 42.03 -27.61
N GLU C 17 10.66 42.36 -26.84
CA GLU C 17 11.97 41.72 -27.06
C GLU C 17 12.28 40.66 -26.01
N GLU C 18 12.70 39.48 -26.48
CA GLU C 18 13.15 38.43 -25.56
C GLU C 18 14.34 38.94 -24.75
N PRO C 19 14.28 38.91 -23.41
CA PRO C 19 15.39 39.37 -22.58
C PRO C 19 16.61 38.49 -22.77
N PRO C 20 17.81 39.03 -22.61
CA PRO C 20 19.06 38.22 -22.71
C PRO C 20 19.14 37.20 -21.58
N GLU C 21 18.59 37.54 -20.40
CA GLU C 21 18.56 36.61 -19.25
C GLU C 21 17.91 35.28 -19.67
N ILE C 22 16.69 35.35 -20.19
CA ILE C 22 15.99 34.12 -20.65
C ILE C 22 16.76 33.47 -21.79
N ARG C 23 17.40 34.28 -22.64
CA ARG C 23 18.21 33.67 -23.71
C ARG C 23 19.30 32.79 -23.11
N ARG C 24 20.16 33.38 -22.30
CA ARG C 24 21.30 32.60 -21.75
C ARG C 24 20.79 31.43 -20.90
N ILE C 25 19.67 31.62 -20.20
CA ILE C 25 19.09 30.47 -19.47
C ILE C 25 18.81 29.34 -20.46
N ARG C 26 17.93 29.57 -21.44
CA ARG C 26 17.55 28.44 -22.31
C ARG C 26 18.73 27.99 -23.19
N THR C 27 19.74 28.83 -23.40
CA THR C 27 20.91 28.33 -24.14
C THR C 27 21.67 27.34 -23.29
N GLY C 28 21.76 27.61 -21.99
CA GLY C 28 22.67 26.80 -21.17
C GLY C 28 23.99 27.50 -21.24
N THR C 29 23.96 28.83 -21.19
CA THR C 29 25.21 29.62 -21.16
C THR C 29 25.14 30.61 -20.01
N VAL C 30 24.39 30.30 -18.96
CA VAL C 30 24.42 31.23 -17.80
C VAL C 30 25.84 31.25 -17.26
N PRO C 31 26.43 32.43 -17.07
CA PRO C 31 27.89 32.56 -16.77
C PRO C 31 28.50 31.50 -15.86
N ASP C 32 27.93 31.27 -14.67
CA ASP C 32 28.59 30.34 -13.71
C ASP C 32 28.17 28.89 -13.93
N LEU C 33 27.55 28.59 -15.06
CA LEU C 33 27.22 27.17 -15.36
C LEU C 33 26.36 26.53 -14.26
N PRO C 34 25.23 27.11 -13.84
CA PRO C 34 24.35 26.42 -12.88
C PRO C 34 23.89 25.06 -13.42
N GLY C 35 23.39 24.22 -12.51
CA GLY C 35 23.06 22.84 -12.89
C GLY C 35 23.98 21.88 -12.15
N SER C 36 23.62 20.60 -12.14
CA SER C 36 24.44 19.58 -11.44
C SER C 36 24.92 18.52 -12.42
N TYR C 37 26.19 18.15 -12.34
CA TYR C 37 26.75 17.04 -13.18
C TYR C 37 26.64 17.37 -14.66
N GLY C 38 26.96 18.61 -15.01
CA GLY C 38 27.00 18.95 -16.44
C GLY C 38 25.66 18.95 -17.15
N GLN C 39 24.59 19.37 -16.47
CA GLN C 39 23.29 19.53 -17.18
C GLN C 39 22.69 20.85 -16.65
N TYR C 40 21.81 21.46 -17.45
CA TYR C 40 21.19 22.72 -16.94
C TYR C 40 19.67 22.65 -16.99
N PHE C 41 19.09 21.48 -17.22
CA PHE C 41 17.60 21.44 -17.13
C PHE C 41 17.15 21.72 -15.70
N THR C 42 17.90 21.26 -14.70
CA THR C 42 17.54 21.58 -13.30
C THR C 42 17.70 23.06 -13.05
N ALA C 43 18.87 23.59 -13.38
CA ALA C 43 19.09 25.04 -13.22
C ALA C 43 17.94 25.78 -13.89
N TRP C 44 17.50 25.28 -15.04
CA TRP C 44 16.42 25.96 -15.79
C TRP C 44 15.10 25.84 -15.04
N ASP C 45 14.84 24.68 -14.45
CA ASP C 45 13.59 24.45 -13.68
C ASP C 45 13.51 25.43 -12.50
N PHE C 46 14.61 25.54 -11.75
CA PHE C 46 14.64 26.51 -10.62
C PHE C 46 14.57 27.94 -11.15
N SER C 47 15.29 28.24 -12.24
CA SER C 47 15.32 29.62 -12.78
C SER C 47 13.90 30.03 -13.21
N ASN C 48 13.15 29.09 -13.78
CA ASN C 48 11.75 29.42 -14.14
C ASN C 48 10.90 29.59 -12.88
N SER C 49 10.86 28.57 -12.01
CA SER C 49 9.93 28.57 -10.86
C SER C 49 10.16 29.72 -9.90
N ILE C 50 11.42 30.00 -9.59
CA ILE C 50 11.62 30.99 -8.50
C ILE C 50 11.36 32.40 -9.02
N VAL C 51 11.73 32.69 -10.26
CA VAL C 51 11.36 34.04 -10.78
C VAL C 51 9.83 34.14 -10.80
N ARG C 52 9.14 33.04 -11.07
CA ARG C 52 7.65 33.08 -11.04
C ARG C 52 7.13 33.38 -9.63
N ASP C 53 7.35 32.46 -8.70
CA ASP C 53 6.78 32.64 -7.33
C ASP C 53 7.33 33.91 -6.70
N TYR C 54 8.58 34.26 -7.05
CA TYR C 54 9.17 35.55 -6.58
C TYR C 54 8.34 36.71 -7.06
N ALA C 55 8.01 36.72 -8.34
CA ALA C 55 7.14 37.77 -8.88
C ALA C 55 5.87 37.83 -8.02
N MET C 56 5.36 36.67 -7.62
CA MET C 56 4.13 36.66 -6.81
C MET C 56 4.38 37.36 -5.47
N ASN C 57 5.47 37.00 -4.81
CA ASN C 57 5.82 37.70 -3.56
C ASN C 57 5.79 39.20 -3.84
N LEU C 58 6.61 39.63 -4.79
CA LEU C 58 6.71 41.09 -5.06
C LEU C 58 5.33 41.71 -5.28
N TYR C 59 4.42 40.99 -5.93
CA TYR C 59 3.07 41.58 -6.07
C TYR C 59 2.47 41.81 -4.69
N GLN C 60 2.55 40.81 -3.84
CA GLN C 60 1.91 40.98 -2.51
C GLN C 60 2.64 42.07 -1.71
N LEU C 61 3.96 42.17 -1.87
CA LEU C 61 4.71 43.21 -1.15
C LEU C 61 4.30 44.58 -1.68
N THR C 62 3.94 44.65 -2.95
CA THR C 62 3.43 45.90 -3.52
C THR C 62 2.08 46.21 -2.87
N ARG C 63 1.21 45.21 -2.77
CA ARG C 63 -0.08 45.42 -2.07
C ARG C 63 0.16 45.92 -0.64
N LEU C 64 1.09 45.26 0.07
CA LEU C 64 1.38 45.64 1.47
C LEU C 64 1.90 47.08 1.52
N ALA C 65 2.70 47.47 0.53
CA ALA C 65 3.18 48.88 0.46
C ALA C 65 2.02 49.87 0.31
N THR C 66 0.79 49.39 0.12
CA THR C 66 -0.39 50.30 0.10
C THR C 66 -1.15 50.19 1.40
N ASP C 67 -0.98 49.11 2.13
CA ASP C 67 -1.63 49.00 3.45
C ASP C 67 -0.91 49.94 4.41
N GLU C 68 -1.67 50.80 5.09
CA GLU C 68 -1.08 51.75 6.08
C GLU C 68 -1.15 51.17 7.50
N SER C 69 -1.74 49.99 7.66
CA SER C 69 -1.71 49.29 8.96
C SER C 69 -0.25 48.89 9.24
N VAL C 70 0.60 48.93 8.21
CA VAL C 70 2.03 48.56 8.34
C VAL C 70 2.89 49.78 7.97
N SER C 71 4.03 49.91 8.64
CA SER C 71 4.89 51.10 8.44
C SER C 71 5.89 50.92 7.30
N VAL C 72 6.28 52.04 6.68
CA VAL C 72 7.33 51.98 5.63
C VAL C 72 8.56 51.27 6.20
N GLU C 73 8.93 51.60 7.43
CA GLU C 73 10.12 50.97 8.05
C GLU C 73 9.88 49.47 8.21
N ASN C 74 8.73 49.11 8.79
CA ASN C 74 8.38 47.68 8.92
C ASN C 74 8.39 46.99 7.56
N LEU C 75 7.73 47.60 6.57
CA LEU C 75 7.74 47.00 5.22
C LEU C 75 9.18 46.80 4.76
N LEU C 76 10.03 47.78 5.01
CA LEU C 76 11.42 47.65 4.56
C LEU C 76 12.04 46.41 5.20
N THR C 77 11.80 46.20 6.49
CA THR C 77 12.42 45.03 7.14
C THR C 77 11.77 43.76 6.62
N VAL C 78 10.46 43.80 6.39
CA VAL C 78 9.82 42.60 5.79
C VAL C 78 10.56 42.28 4.49
N PHE C 79 10.62 43.23 3.57
CA PHE C 79 11.22 42.94 2.25
C PHE C 79 12.65 42.47 2.44
N ARG C 80 13.41 43.15 3.29
CA ARG C 80 14.84 42.78 3.45
C ARG C 80 14.96 41.39 4.07
N THR C 81 13.92 40.88 4.71
CA THR C 81 14.00 39.49 5.19
C THR C 81 13.58 38.57 4.06
N LEU C 82 12.36 38.69 3.58
CA LEU C 82 11.90 37.72 2.56
C LEU C 82 12.77 37.74 1.32
N ASP C 83 13.37 38.87 1.00
CA ASP C 83 13.91 38.94 -0.37
C ASP C 83 15.26 38.29 -0.67
N PRO C 84 16.31 38.32 0.17
CA PRO C 84 17.62 37.74 -0.22
C PRO C 84 17.60 36.22 -0.17
N ILE C 85 16.40 35.62 -0.26
CA ILE C 85 16.29 34.14 -0.30
C ILE C 85 15.80 33.74 -1.70
N TYR C 86 15.40 34.72 -2.50
CA TYR C 86 14.94 34.45 -3.89
C TYR C 86 15.88 35.16 -4.86
N SER C 87 15.92 36.49 -4.78
CA SER C 87 16.77 37.30 -5.70
C SER C 87 18.20 36.75 -5.75
N THR C 88 18.82 36.49 -4.59
CA THR C 88 20.22 36.02 -4.55
C THR C 88 20.38 34.84 -5.47
N PHE C 89 19.65 33.75 -5.22
CA PHE C 89 19.78 32.53 -6.04
C PHE C 89 19.54 32.90 -7.50
N LEU C 90 18.44 33.60 -7.78
CA LEU C 90 18.10 33.99 -9.17
C LEU C 90 19.30 34.70 -9.82
N GLY C 91 19.93 35.63 -9.09
CA GLY C 91 21.12 36.32 -9.62
C GLY C 91 22.12 35.32 -10.17
N TYR C 92 22.65 34.43 -9.30
CA TYR C 92 23.64 33.41 -9.74
C TYR C 92 23.02 32.53 -10.82
N ASN C 93 21.69 32.40 -10.78
CA ASN C 93 21.00 31.50 -11.73
C ASN C 93 20.43 32.29 -12.91
N GLY C 94 21.26 33.08 -13.58
CA GLY C 94 20.80 33.73 -14.82
C GLY C 94 19.97 34.99 -14.65
N PHE C 95 19.99 35.63 -13.48
CA PHE C 95 19.27 36.93 -13.33
C PHE C 95 20.12 37.95 -12.58
N PRO C 96 21.39 38.18 -12.95
CA PRO C 96 22.27 39.07 -12.15
C PRO C 96 21.76 40.50 -12.03
N VAL C 97 20.99 41.01 -13.00
CA VAL C 97 20.54 42.41 -12.83
C VAL C 97 19.38 42.48 -11.84
N LEU C 98 18.49 41.48 -11.87
CA LEU C 98 17.39 41.42 -10.88
C LEU C 98 18.00 41.49 -9.48
N ALA C 99 19.03 40.67 -9.26
CA ALA C 99 19.75 40.66 -7.97
C ALA C 99 20.06 42.08 -7.50
N GLU C 100 20.72 42.87 -8.36
CA GLU C 100 21.20 44.20 -7.91
C GLU C 100 20.09 45.26 -7.89
N TYR C 101 18.96 45.01 -8.54
CA TYR C 101 17.86 46.01 -8.42
C TYR C 101 17.08 45.78 -7.14
N ALA C 102 16.93 44.51 -6.75
CA ALA C 102 16.22 44.21 -5.50
C ALA C 102 16.90 44.94 -4.33
N GLN C 103 18.23 44.99 -4.32
CA GLN C 103 18.94 45.66 -3.21
C GLN C 103 18.54 47.14 -3.17
N ARG C 104 18.37 47.73 -4.35
CA ARG C 104 17.93 49.14 -4.40
C ARG C 104 16.53 49.25 -3.78
N VAL C 105 15.66 48.32 -4.11
CA VAL C 105 14.33 48.35 -3.45
C VAL C 105 14.53 48.25 -1.93
N GLY C 106 15.56 47.54 -1.50
CA GLY C 106 15.82 47.48 -0.06
C GLY C 106 16.16 48.83 0.53
N GLN C 107 16.90 49.67 -0.22
CA GLN C 107 17.41 50.99 0.27
C GLN C 107 16.30 51.82 0.92
N PRO C 108 16.61 52.74 1.82
CA PRO C 108 15.56 53.47 2.58
C PRO C 108 14.72 54.32 1.65
N ALA C 109 13.41 54.38 1.94
CA ALA C 109 12.50 55.23 1.15
C ALA C 109 12.04 56.39 2.04
N GLU C 110 12.23 57.62 1.55
CA GLU C 110 11.74 58.77 2.33
C GLU C 110 10.22 58.64 2.49
N SER C 111 9.54 58.15 1.46
CA SER C 111 8.07 58.15 1.48
C SER C 111 7.53 56.76 1.14
N ARG C 112 6.39 56.41 1.72
CA ARG C 112 5.74 55.15 1.29
C ARG C 112 5.61 55.19 -0.23
N ALA C 113 5.32 56.37 -0.79
CA ALA C 113 5.08 56.45 -2.25
C ALA C 113 6.37 56.16 -3.03
N GLU C 114 7.50 56.61 -2.49
CA GLU C 114 8.78 56.25 -3.14
C GLU C 114 8.90 54.73 -3.14
N LEU C 115 8.50 54.10 -2.04
CA LEU C 115 8.63 52.63 -1.94
C LEU C 115 7.70 51.94 -2.93
N LEU C 116 6.44 52.39 -3.00
CA LEU C 116 5.47 51.80 -3.95
C LEU C 116 5.98 51.96 -5.38
N ASP C 117 6.57 53.11 -5.69
CA ASP C 117 7.15 53.25 -7.04
C ASP C 117 8.16 52.12 -7.25
N ARG C 118 9.09 51.99 -6.30
CA ARG C 118 10.12 50.93 -6.43
C ARG C 118 9.47 49.55 -6.59
N LEU C 119 8.49 49.23 -5.75
CA LEU C 119 7.96 47.85 -5.78
C LEU C 119 7.17 47.58 -7.06
N THR C 120 6.31 48.50 -7.48
CA THR C 120 5.52 48.18 -8.69
C THR C 120 6.42 48.14 -9.92
N THR C 121 7.39 49.04 -10.02
CA THR C 121 8.25 48.95 -11.20
C THR C 121 9.01 47.63 -11.17
N PHE C 122 9.62 47.31 -10.05
CA PHE C 122 10.45 46.07 -10.00
C PHE C 122 9.58 44.86 -10.27
N THR C 123 8.33 44.88 -9.79
CA THR C 123 7.42 43.75 -10.05
C THR C 123 7.12 43.64 -11.53
N GLU C 124 6.83 44.76 -12.18
CA GLU C 124 6.58 44.69 -13.64
C GLU C 124 7.81 44.10 -14.33
N TYR C 125 9.00 44.48 -13.86
CA TYR C 125 10.25 43.87 -14.40
C TYR C 125 10.23 42.36 -14.23
N VAL C 126 10.15 41.90 -12.99
CA VAL C 126 10.26 40.45 -12.75
C VAL C 126 9.07 39.70 -13.36
N ASN C 127 7.95 40.38 -13.53
CA ASN C 127 6.79 39.69 -14.16
C ASN C 127 7.02 39.53 -15.67
N ARG C 128 7.60 40.55 -16.31
CA ARG C 128 7.96 40.37 -17.73
C ARG C 128 8.97 39.22 -17.86
N LEU C 129 9.98 39.21 -16.99
CA LEU C 129 10.98 38.11 -17.00
C LEU C 129 10.24 36.77 -16.88
N THR C 130 9.32 36.65 -15.93
CA THR C 130 8.55 35.40 -15.77
C THR C 130 7.83 35.05 -17.05
N ALA C 131 7.14 36.01 -17.64
CA ALA C 131 6.35 35.75 -18.87
C ALA C 131 7.22 35.06 -19.92
N TRP C 132 8.41 35.62 -20.14
CA TRP C 132 9.30 35.02 -21.15
C TRP C 132 9.79 33.65 -20.68
N SER C 133 10.02 33.47 -19.38
CA SER C 133 10.43 32.14 -18.88
C SER C 133 9.31 31.11 -19.12
N HIS C 134 8.08 31.51 -18.80
CA HIS C 134 6.91 30.62 -19.04
C HIS C 134 6.88 30.19 -20.50
N HIS C 135 6.95 31.16 -21.40
CA HIS C 135 6.87 30.80 -22.83
C HIS C 135 7.99 29.84 -23.19
N TYR C 136 9.21 30.11 -22.75
CA TYR C 136 10.32 29.28 -23.28
C TYR C 136 10.67 28.04 -22.46
N PHE C 137 10.04 27.79 -21.31
CA PHE C 137 10.39 26.56 -20.54
C PHE C 137 9.85 25.32 -21.23
N PRO C 138 10.66 24.25 -21.40
CA PRO C 138 10.23 23.03 -22.14
C PRO C 138 9.17 22.18 -21.44
N TRP C 139 7.92 22.64 -21.39
CA TRP C 139 6.85 21.86 -20.72
C TRP C 139 6.51 20.56 -21.45
N ASP C 140 7.11 20.29 -22.60
CA ASP C 140 6.69 19.07 -23.33
C ASP C 140 7.56 17.86 -22.96
N LEU C 141 8.65 18.08 -22.22
CA LEU C 141 9.49 16.94 -21.77
C LEU C 141 8.59 15.88 -21.14
N GLY C 142 7.54 16.30 -20.44
CA GLY C 142 6.56 15.33 -19.94
C GLY C 142 5.23 15.60 -20.61
N GLU C 144 3.71 12.61 -22.85
CA GLU C 144 4.83 11.65 -22.98
C GLU C 144 4.79 10.62 -21.84
N ARG C 145 5.69 10.77 -20.88
CA ARG C 145 5.78 9.75 -19.80
C ARG C 145 4.65 9.94 -18.78
N TYR C 146 4.34 11.18 -18.41
CA TYR C 146 3.36 11.40 -17.30
C TYR C 146 2.00 11.83 -17.84
N ARG C 147 1.60 11.25 -18.96
CA ARG C 147 0.25 11.58 -19.48
C ARG C 147 -0.82 10.85 -18.67
N TYR C 148 -2.03 11.40 -18.68
CA TYR C 148 -3.15 10.75 -17.94
C TYR C 148 -3.70 9.56 -18.70
N ALA C 149 -4.41 8.69 -17.99
CA ALA C 149 -5.08 7.55 -18.66
C ALA C 149 -6.09 8.09 -19.67
N ALA C 150 -6.24 7.37 -20.79
CA ALA C 150 -7.22 7.79 -21.82
C ALA C 150 -8.62 7.84 -21.21
N GLU C 151 -9.02 6.78 -20.51
CA GLU C 151 -10.39 6.75 -19.95
C GLU C 151 -10.53 7.84 -18.89
N GLU C 152 -9.43 8.18 -18.22
CA GLU C 152 -9.47 9.22 -17.17
C GLU C 152 -9.79 10.59 -17.78
N VAL C 153 -9.05 10.97 -18.81
CA VAL C 153 -9.28 12.30 -19.44
C VAL C 153 -10.62 12.26 -20.19
N ALA C 154 -11.07 11.08 -20.59
CA ALA C 154 -12.43 11.00 -21.20
C ALA C 154 -13.45 11.57 -20.22
N ALA C 155 -13.25 11.32 -18.92
CA ALA C 155 -14.22 11.81 -17.91
C ALA C 155 -13.60 12.87 -17.02
N VAL C 170 -23.30 36.45 -14.41
CA VAL C 170 -22.66 37.78 -14.14
C VAL C 170 -22.59 38.59 -15.45
N ASP C 171 -22.83 37.98 -16.60
CA ASP C 171 -22.74 38.82 -17.83
C ASP C 171 -23.95 39.74 -17.93
N SER C 172 -25.13 39.26 -17.51
CA SER C 172 -26.35 40.12 -17.50
C SER C 172 -26.26 41.14 -16.36
N LEU C 173 -25.79 40.70 -15.19
CA LEU C 173 -25.54 41.67 -14.10
C LEU C 173 -24.53 42.71 -14.63
N GLY C 174 -24.56 43.89 -14.04
CA GLY C 174 -23.75 44.98 -14.60
C GLY C 174 -24.62 45.98 -15.32
N ASP C 175 -24.08 46.67 -16.30
CA ASP C 175 -24.88 47.74 -16.92
C ASP C 175 -24.55 47.75 -18.40
N PRO C 176 -25.56 47.85 -19.27
CA PRO C 176 -25.30 47.95 -20.72
C PRO C 176 -24.40 49.14 -21.08
N SER C 177 -24.65 50.30 -20.47
CA SER C 177 -23.84 51.50 -20.78
C SER C 177 -22.43 51.42 -20.16
N GLN C 178 -22.17 50.42 -19.33
CA GLN C 178 -20.84 50.37 -18.66
C GLN C 178 -19.92 49.38 -19.37
N ARG C 179 -20.42 48.69 -20.39
CA ARG C 179 -19.53 47.79 -21.15
C ARG C 179 -18.70 48.63 -22.12
N ILE C 180 -17.43 48.29 -22.23
CA ILE C 180 -16.50 49.02 -23.13
C ILE C 180 -16.08 48.05 -24.23
N PRO C 181 -16.20 48.42 -25.50
CA PRO C 181 -15.92 47.47 -26.59
C PRO C 181 -14.45 47.40 -26.92
N VAL C 182 -13.92 46.19 -27.05
CA VAL C 182 -12.47 46.02 -27.37
C VAL C 182 -12.32 44.96 -28.47
N ARG C 183 -11.17 44.97 -29.11
CA ARG C 183 -10.90 43.89 -30.07
C ARG C 183 -9.60 43.20 -29.67
N LEU C 184 -9.61 41.87 -29.75
CA LEU C 184 -8.39 41.08 -29.47
C LEU C 184 -7.96 40.46 -30.81
N THR C 185 -6.67 40.61 -31.14
CA THR C 185 -6.15 40.12 -32.43
C THR C 185 -4.91 39.26 -32.20
N TRP C 186 -4.97 38.02 -32.67
CA TRP C 186 -3.82 37.10 -32.53
C TRP C 186 -3.08 36.99 -33.84
N GLN C 187 -1.82 37.47 -33.86
CA GLN C 187 -0.93 37.39 -35.04
C GLN C 187 0.23 36.46 -34.72
N PRO C 188 0.61 35.54 -35.62
CA PRO C 188 0.22 35.53 -37.06
C PRO C 188 -0.94 34.59 -37.27
N LEU C 189 -1.67 34.27 -36.19
CA LEU C 189 -2.89 33.46 -36.37
C LEU C 189 -3.82 34.21 -37.34
N GLY C 190 -3.73 35.54 -37.36
CA GLY C 190 -4.67 36.33 -38.17
C GLY C 190 -6.09 36.15 -37.64
N VAL C 191 -6.25 36.04 -36.32
CA VAL C 191 -7.65 35.94 -35.84
C VAL C 191 -8.00 37.25 -35.13
N GLN C 192 -9.27 37.64 -35.22
CA GLN C 192 -9.75 38.78 -34.42
C GLN C 192 -11.06 38.37 -33.74
N VAL C 193 -11.26 38.82 -32.51
CA VAL C 193 -12.59 38.64 -31.87
C VAL C 193 -12.91 39.97 -31.17
N ASP C 194 -14.21 40.20 -30.96
CA ASP C 194 -14.66 41.42 -30.28
C ASP C 194 -15.11 41.05 -28.88
N ALA C 195 -15.01 42.01 -27.96
CA ALA C 195 -15.34 41.65 -26.58
C ALA C 195 -15.81 42.87 -25.80
N GLU C 196 -16.46 42.60 -24.67
CA GLU C 196 -16.89 43.69 -23.76
C GLU C 196 -16.02 43.70 -22.51
N ILE C 197 -15.80 44.90 -21.98
CA ILE C 197 -15.09 45.05 -20.67
C ILE C 197 -16.13 45.64 -19.71
N TYR C 198 -16.51 44.84 -18.71
CA TYR C 198 -17.55 45.30 -17.75
C TYR C 198 -16.92 46.28 -16.77
N ALA C 199 -17.12 47.57 -16.98
CA ALA C 199 -16.59 48.59 -16.04
C ALA C 199 -17.56 48.73 -14.86
N ASP C 200 -18.48 47.77 -14.71
CA ASP C 200 -19.44 47.79 -13.57
C ASP C 200 -19.07 46.67 -12.60
N LEU C 201 -18.40 45.62 -13.11
CA LEU C 201 -18.02 44.46 -12.26
C LEU C 201 -16.78 44.84 -11.42
N ASN C 202 -15.67 45.18 -12.08
CA ASN C 202 -14.46 45.64 -11.34
C ASN C 202 -13.99 46.96 -11.96
N PRO C 203 -14.70 48.10 -11.73
CA PRO C 203 -14.36 49.41 -12.36
C PRO C 203 -12.89 49.77 -12.16
N GLN C 204 -12.48 49.92 -10.90
CA GLN C 204 -11.08 50.33 -10.58
C GLN C 204 -10.11 49.50 -11.44
N LEU C 205 -10.23 48.17 -11.39
CA LEU C 205 -9.35 47.30 -12.19
C LEU C 205 -9.52 47.64 -13.67
N ALA C 206 -10.77 47.74 -14.14
CA ALA C 206 -11.03 48.01 -15.57
C ALA C 206 -10.44 49.35 -15.96
N THR C 207 -10.53 50.34 -15.07
CA THR C 207 -9.85 51.63 -15.33
C THR C 207 -8.38 51.38 -15.59
N ASP C 208 -7.74 50.63 -14.69
CA ASP C 208 -6.28 50.41 -14.81
C ASP C 208 -5.95 49.65 -16.09
N VAL C 209 -6.86 48.80 -16.55
CA VAL C 209 -6.58 48.00 -17.77
C VAL C 209 -6.83 48.88 -19.01
N LEU C 210 -7.91 49.65 -19.00
CA LEU C 210 -8.17 50.58 -20.12
C LEU C 210 -6.96 51.51 -20.28
N LYS C 211 -6.36 51.91 -19.16
CA LYS C 211 -5.22 52.85 -19.26
C LYS C 211 -4.01 52.22 -19.97
N ALA C 212 -3.88 50.88 -19.94
CA ALA C 212 -2.69 50.21 -20.54
C ALA C 212 -2.92 49.91 -22.02
N LEU C 213 -4.14 50.16 -22.53
CA LEU C 213 -4.51 49.87 -23.93
C LEU C 213 -4.14 51.05 -24.84
N PRO C 214 -3.79 50.81 -26.10
CA PRO C 214 -3.70 49.46 -26.71
C PRO C 214 -2.39 48.80 -26.33
N PHE C 215 -2.37 47.48 -26.26
CA PHE C 215 -1.04 46.87 -26.08
C PHE C 215 -1.00 45.60 -26.86
N THR C 216 0.14 45.34 -27.49
CA THR C 216 0.36 43.99 -28.01
C THR C 216 1.29 43.36 -27.00
N VAL C 217 1.04 42.11 -26.65
CA VAL C 217 2.02 41.40 -25.79
C VAL C 217 2.13 39.97 -26.34
N LEU C 218 2.86 39.13 -25.62
CA LEU C 218 2.95 37.71 -26.02
C LEU C 218 1.82 36.94 -25.36
N GLN C 219 1.39 35.86 -26.01
CA GLN C 219 0.25 35.10 -25.45
C GLN C 219 0.66 33.65 -25.32
N ASP C 220 0.74 33.18 -24.08
CA ASP C 220 1.10 31.76 -23.84
C ASP C 220 -0.13 31.01 -23.35
N HIS C 221 0.05 29.71 -23.14
CA HIS C 221 -1.09 28.88 -22.70
C HIS C 221 -0.87 28.41 -21.26
N ALA C 222 -1.99 28.30 -20.54
CA ALA C 222 -1.94 27.78 -19.16
C ALA C 222 -1.52 26.31 -19.18
N VAL C 223 -0.60 25.95 -18.30
CA VAL C 223 -0.08 24.56 -18.30
C VAL C 223 -0.72 23.72 -17.18
N VAL C 224 -1.67 24.26 -16.42
CA VAL C 224 -2.20 23.43 -15.32
C VAL C 224 -3.72 23.56 -15.29
N SER C 225 -4.23 24.78 -15.44
CA SER C 225 -5.69 25.04 -15.31
C SER C 225 -6.49 24.37 -16.41
N GLY C 226 -5.90 24.24 -17.60
CA GLY C 226 -6.62 23.60 -18.72
C GLY C 226 -6.64 24.46 -19.94
N GLU C 227 -7.82 24.66 -20.54
CA GLU C 227 -7.92 25.39 -21.83
C GLU C 227 -8.16 26.88 -21.58
N SER C 228 -7.15 27.53 -21.02
CA SER C 228 -7.22 29.00 -20.85
C SER C 228 -5.87 29.52 -21.33
N MET C 229 -5.89 30.67 -22.01
CA MET C 229 -4.62 31.29 -22.45
C MET C 229 -4.39 32.54 -21.60
N TYR C 230 -3.14 32.91 -21.37
CA TYR C 230 -2.95 34.22 -20.68
C TYR C 230 -1.77 34.97 -21.27
N ALA C 231 -1.76 36.27 -20.96
CA ALA C 231 -0.71 37.18 -21.47
C ALA C 231 -0.45 38.23 -20.41
N TRP C 232 0.83 38.46 -20.11
CA TRP C 232 1.21 39.42 -19.04
C TRP C 232 0.99 40.84 -19.55
N ALA C 233 -0.15 41.43 -19.19
CA ALA C 233 -0.45 42.82 -19.60
C ALA C 233 0.60 43.77 -19.00
N PRO C 234 0.88 44.91 -19.65
CA PRO C 234 1.97 45.83 -19.19
C PRO C 234 1.51 46.84 -18.14
N LEU C 235 0.88 46.36 -17.07
CA LEU C 235 0.52 47.27 -15.96
C LEU C 235 0.72 46.50 -14.65
N VAL C 236 0.64 47.21 -13.53
CA VAL C 236 0.68 46.53 -12.21
C VAL C 236 -0.51 47.07 -11.42
N SER C 237 -1.63 46.36 -11.48
CA SER C 237 -2.86 46.88 -10.84
C SER C 237 -2.97 46.36 -9.41
N VAL C 238 -3.11 47.26 -8.44
CA VAL C 238 -3.36 46.83 -7.04
C VAL C 238 -4.84 47.08 -6.75
N ALA C 239 -5.68 47.06 -7.79
CA ALA C 239 -7.10 47.41 -7.61
C ALA C 239 -7.82 46.40 -6.73
N PRO C 240 -8.93 46.80 -6.09
CA PRO C 240 -9.77 45.85 -5.34
C PRO C 240 -10.53 45.00 -6.35
N THR C 241 -10.94 43.81 -5.93
CA THR C 241 -11.63 42.87 -6.86
C THR C 241 -12.94 42.43 -6.25
N PRO C 242 -13.92 43.33 -6.12
CA PRO C 242 -15.21 42.97 -5.46
C PRO C 242 -15.95 41.85 -6.19
N VAL C 243 -15.67 41.63 -7.48
CA VAL C 243 -16.47 40.64 -8.24
C VAL C 243 -15.49 39.68 -8.92
N ARG C 244 -15.36 38.50 -8.33
CA ARG C 244 -14.49 37.46 -8.93
C ARG C 244 -15.41 36.29 -9.30
N GLU C 245 -14.85 35.29 -9.97
CA GLU C 245 -15.68 34.12 -10.33
C GLU C 245 -14.75 32.92 -10.28
N ARG C 246 -15.31 31.75 -10.00
CA ARG C 246 -14.45 30.55 -10.03
C ARG C 246 -13.97 30.31 -11.47
N ILE C 247 -12.70 30.00 -11.61
CA ILE C 247 -12.17 29.68 -12.97
C ILE C 247 -12.95 28.48 -13.50
N CYS C 248 -13.25 27.52 -12.64
CA CYS C 248 -14.08 26.37 -13.07
C CYS C 248 -15.41 26.88 -13.65
N ASP C 249 -15.97 27.93 -13.06
CA ASP C 249 -17.36 28.34 -13.41
C ASP C 249 -17.40 29.41 -14.51
N ALA C 250 -16.38 29.49 -15.38
CA ALA C 250 -16.28 30.58 -16.38
C ALA C 250 -16.80 30.16 -17.75
N PRO C 251 -17.70 30.94 -18.36
CA PRO C 251 -18.22 30.63 -19.71
C PRO C 251 -17.12 30.76 -20.75
N VAL C 252 -17.29 30.03 -21.84
CA VAL C 252 -16.33 30.17 -22.96
C VAL C 252 -16.36 31.62 -23.42
N GLY C 253 -15.18 32.20 -23.59
CA GLY C 253 -15.12 33.61 -23.98
C GLY C 253 -14.89 34.54 -22.81
N ARG C 254 -14.91 34.03 -21.59
CA ARG C 254 -14.67 34.87 -20.41
C ARG C 254 -13.29 35.53 -20.47
N LEU C 255 -13.23 36.83 -20.16
CA LEU C 255 -11.91 37.48 -20.02
C LEU C 255 -11.64 37.67 -18.52
N ARG C 256 -10.56 37.06 -18.02
CA ARG C 256 -10.18 37.19 -16.60
C ARG C 256 -8.88 37.98 -16.53
N PHE C 257 -8.67 38.70 -15.43
CA PHE C 257 -7.38 39.40 -15.23
C PHE C 257 -6.86 38.98 -13.87
N SER C 258 -5.74 38.27 -13.86
CA SER C 258 -5.15 37.83 -12.59
C SER C 258 -4.05 38.81 -12.18
N GLN C 259 -4.28 39.54 -11.10
CA GLN C 259 -3.21 40.41 -10.59
C GLN C 259 -2.15 39.53 -9.91
N ALA C 260 -2.58 38.60 -9.07
CA ALA C 260 -1.64 37.81 -8.26
C ALA C 260 -0.69 36.97 -9.12
N THR C 261 -1.14 36.54 -10.30
CA THR C 261 -0.29 35.62 -11.10
C THR C 261 0.37 36.33 -12.27
N GLY C 262 0.52 37.65 -12.18
CA GLY C 262 1.32 38.34 -13.21
C GLY C 262 0.66 39.55 -13.84
N ASN C 263 -0.52 39.95 -13.34
CA ASN C 263 -1.29 41.01 -14.04
C ASN C 263 -1.54 40.55 -15.46
N LYS C 264 -2.10 39.36 -15.58
CA LYS C 264 -2.32 38.79 -16.92
C LYS C 264 -3.76 39.00 -17.37
N VAL C 265 -3.90 39.39 -18.63
CA VAL C 265 -5.23 39.27 -19.24
C VAL C 265 -5.29 37.81 -19.71
N ILE C 266 -6.43 37.16 -19.43
CA ILE C 266 -6.54 35.69 -19.64
C ILE C 266 -7.85 35.43 -20.37
N VAL C 267 -7.84 34.44 -21.25
CA VAL C 267 -9.06 34.12 -22.05
C VAL C 267 -9.47 32.68 -21.77
N GLN C 268 -10.72 32.50 -21.39
CA GLN C 268 -11.22 31.13 -21.20
C GLN C 268 -11.85 30.68 -22.52
N TYR C 269 -11.30 29.64 -23.13
CA TYR C 269 -11.95 29.12 -24.35
C TYR C 269 -12.38 27.68 -24.14
N GLY C 270 -11.99 27.08 -23.02
CA GLY C 270 -12.42 25.70 -22.73
C GLY C 270 -12.83 25.59 -21.30
N PRO C 271 -13.35 24.43 -20.89
CA PRO C 271 -13.59 24.18 -19.45
C PRO C 271 -12.24 23.95 -18.78
N THR C 272 -12.13 24.40 -17.52
CA THR C 272 -10.87 24.24 -16.78
C THR C 272 -11.14 23.55 -15.47
N THR C 273 -10.07 23.22 -14.73
CA THR C 273 -10.22 22.47 -13.46
C THR C 273 -9.97 23.34 -12.24
N GLU C 274 -9.33 24.51 -12.41
CA GLU C 274 -8.90 25.31 -11.24
C GLU C 274 -10.07 25.93 -10.49
N THR C 275 -10.18 25.63 -9.19
CA THR C 275 -11.31 26.10 -8.35
C THR C 275 -11.10 27.51 -7.85
N LEU C 276 -9.91 28.06 -7.99
CA LEU C 276 -9.62 29.38 -7.37
C LEU C 276 -10.56 30.47 -7.89
N SER C 277 -10.57 31.60 -7.17
CA SER C 277 -11.39 32.75 -7.63
C SER C 277 -10.52 33.72 -8.42
N SER C 278 -11.05 34.26 -9.51
CA SER C 278 -10.29 35.27 -10.26
C SER C 278 -11.20 36.41 -10.69
N PRO C 279 -10.71 37.65 -10.66
CA PRO C 279 -11.49 38.82 -11.15
C PRO C 279 -12.03 38.63 -12.56
N VAL C 280 -13.12 39.34 -12.87
CA VAL C 280 -13.73 39.26 -14.23
C VAL C 280 -13.49 40.60 -14.94
N LEU C 281 -12.85 40.55 -16.10
CA LEU C 281 -12.68 41.79 -16.88
C LEU C 281 -13.89 42.04 -17.79
N GLY C 282 -14.36 40.99 -18.46
CA GLY C 282 -15.46 41.17 -19.40
C GLY C 282 -15.80 39.86 -20.05
N LYS C 283 -16.04 39.88 -21.36
CA LYS C 283 -16.43 38.64 -22.07
C LYS C 283 -16.38 38.86 -23.58
N VAL C 284 -15.86 37.88 -24.31
CA VAL C 284 -15.88 37.99 -25.79
C VAL C 284 -17.31 37.75 -26.29
N VAL C 285 -17.67 38.44 -27.36
CA VAL C 285 -19.06 38.32 -27.87
C VAL C 285 -19.36 36.86 -28.26
N ASP C 286 -20.57 36.41 -27.95
CA ASP C 286 -20.92 34.98 -28.17
C ASP C 286 -20.58 34.55 -29.59
N SER C 287 -20.96 35.34 -30.58
CA SER C 287 -20.75 34.92 -32.00
C SER C 287 -19.27 34.65 -32.30
N HIS C 288 -18.37 35.35 -31.59
CA HIS C 288 -16.92 35.17 -31.86
C HIS C 288 -16.34 34.03 -31.04
N ALA C 289 -17.12 33.45 -30.13
CA ALA C 289 -16.56 32.39 -29.26
C ALA C 289 -15.98 31.26 -30.11
N ASP C 290 -16.65 30.94 -31.22
CA ASP C 290 -16.20 29.79 -32.04
C ASP C 290 -14.78 30.03 -32.56
N ARG C 291 -14.37 31.29 -32.65
CA ARG C 291 -13.02 31.59 -33.19
C ARG C 291 -11.93 31.33 -32.15
N LEU C 292 -12.29 31.30 -30.87
CA LEU C 292 -11.24 31.20 -29.82
C LEU C 292 -10.61 29.81 -29.80
N ALA C 293 -11.41 28.76 -29.94
CA ALA C 293 -10.87 27.38 -29.79
C ALA C 293 -9.61 27.21 -30.64
N GLU C 294 -9.65 27.65 -31.90
CA GLU C 294 -8.49 27.39 -32.78
C GLU C 294 -7.28 28.19 -32.32
N VAL C 295 -7.51 29.38 -31.79
CA VAL C 295 -6.37 30.13 -31.21
C VAL C 295 -5.80 29.30 -30.05
N GLY C 296 -6.68 28.75 -29.22
CA GLY C 296 -6.21 27.93 -28.08
C GLY C 296 -5.27 26.85 -28.55
N LYS C 297 -5.77 25.94 -29.39
CA LYS C 297 -4.94 24.86 -29.96
C LYS C 297 -3.60 25.45 -30.43
N ALA C 298 -3.64 26.60 -31.10
CA ALA C 298 -2.38 27.16 -31.62
C ALA C 298 -1.49 27.59 -30.46
N VAL C 299 -2.00 28.48 -29.61
CA VAL C 299 -1.17 29.03 -28.49
C VAL C 299 -0.67 27.88 -27.60
N TRP C 300 -1.53 26.88 -27.36
CA TRP C 300 -1.06 25.67 -26.66
C TRP C 300 0.18 25.09 -27.36
N GLU C 301 0.04 24.72 -28.62
CA GLU C 301 1.22 24.15 -29.30
C GLU C 301 2.37 25.16 -29.22
N SER C 302 2.05 26.45 -29.16
CA SER C 302 3.09 27.47 -28.94
C SER C 302 3.83 27.19 -27.64
N THR C 303 3.13 27.26 -26.51
CA THR C 303 3.82 27.15 -25.21
C THR C 303 4.30 25.74 -24.92
N PHE C 304 3.61 24.74 -25.43
CA PHE C 304 4.01 23.35 -25.06
C PHE C 304 5.30 22.94 -25.78
N SER C 305 5.39 23.14 -27.09
CA SER C 305 6.54 22.57 -27.84
C SER C 305 7.18 23.52 -28.84
N SER C 306 6.40 24.12 -29.73
CA SER C 306 7.00 24.90 -30.84
C SER C 306 7.79 26.11 -30.34
N LYS C 307 7.24 26.82 -29.35
CA LYS C 307 7.83 28.10 -28.86
C LYS C 307 7.68 29.22 -29.92
N GLU C 308 6.88 28.98 -30.96
CA GLU C 308 6.69 30.05 -31.96
C GLU C 308 5.70 31.06 -31.38
N PRO C 309 6.06 32.35 -31.34
CA PRO C 309 5.26 33.36 -30.62
C PRO C 309 3.95 33.77 -31.25
N VAL C 310 2.85 33.43 -30.57
CA VAL C 310 1.54 34.01 -30.96
C VAL C 310 1.48 35.32 -30.18
N TRP C 311 1.33 36.45 -30.88
CA TRP C 311 1.19 37.75 -30.18
C TRP C 311 -0.26 38.15 -30.10
N LEU C 312 -0.62 38.74 -28.95
CA LEU C 312 -2.01 39.18 -28.72
C LEU C 312 -2.06 40.70 -28.75
N THR C 313 -3.07 41.24 -29.42
CA THR C 313 -3.28 42.69 -29.40
C THR C 313 -4.60 42.96 -28.72
N VAL C 314 -4.58 43.81 -27.69
CA VAL C 314 -5.86 44.22 -27.06
C VAL C 314 -6.01 45.73 -27.31
N GLU C 315 -7.18 46.13 -27.80
CA GLU C 315 -7.34 47.56 -28.15
C GLU C 315 -8.78 48.00 -27.91
N ARG C 316 -8.94 49.30 -27.73
CA ARG C 316 -10.31 49.83 -27.51
C ARG C 316 -11.06 49.97 -28.82
N LEU C 317 -12.38 49.89 -28.74
CA LEU C 317 -13.26 50.16 -29.90
C LEU C 317 -14.13 51.37 -29.52
N LEU D 4 0.41 23.17 16.60
CA LEU D 4 -0.83 22.33 16.55
C LEU D 4 -0.43 20.86 16.60
N PRO D 5 -0.89 20.11 17.60
CA PRO D 5 -0.41 18.73 17.83
C PRO D 5 -0.51 17.83 16.61
N GLU D 6 -1.61 17.93 15.86
CA GLU D 6 -1.79 16.98 14.74
C GLU D 6 -0.72 17.23 13.67
N LEU D 7 -0.34 18.48 13.48
CA LEU D 7 0.80 18.71 12.56
C LEU D 7 2.02 17.97 13.09
N ARG D 8 2.36 18.19 14.36
CA ARG D 8 3.53 17.49 14.96
C ARG D 8 3.47 15.98 14.66
N GLU D 9 2.29 15.36 14.76
CA GLU D 9 2.26 13.92 14.47
C GLU D 9 2.50 13.69 12.96
N LEU D 10 1.95 14.55 12.11
CA LEU D 10 2.22 14.43 10.66
C LEU D 10 3.71 14.53 10.38
N ILE D 11 4.38 15.48 11.01
CA ILE D 11 5.86 15.59 10.85
C ILE D 11 6.51 14.28 11.33
N ALA D 12 6.22 13.87 12.57
CA ALA D 12 6.84 12.67 13.16
C ALA D 12 6.71 11.47 12.21
N SER D 13 5.52 11.27 11.67
CA SER D 13 5.34 10.16 10.71
C SER D 13 6.17 10.41 9.46
N PHE D 14 6.04 11.59 8.87
CA PHE D 14 6.63 11.80 7.52
C PHE D 14 8.14 11.80 7.48
N VAL D 15 8.83 11.81 8.62
CA VAL D 15 10.31 11.67 8.51
C VAL D 15 10.60 10.38 7.71
N SER D 16 9.90 9.30 8.04
CA SER D 16 10.23 7.99 7.41
C SER D 16 9.23 7.56 6.34
N GLU D 17 8.01 8.09 6.35
CA GLU D 17 7.00 7.56 5.40
C GLU D 17 6.60 8.63 4.38
N GLU D 18 6.44 8.21 3.14
CA GLU D 18 6.16 9.20 2.09
C GLU D 18 4.75 9.75 2.26
N PRO D 19 4.59 11.07 2.28
CA PRO D 19 3.26 11.70 2.45
C PRO D 19 2.32 11.21 1.37
N PRO D 20 1.03 11.03 1.70
CA PRO D 20 0.04 10.61 0.70
C PRO D 20 -0.03 11.58 -0.48
N GLU D 21 -0.07 12.89 -0.21
CA GLU D 21 -0.15 13.90 -1.30
C GLU D 21 1.06 13.74 -2.23
N ILE D 22 2.25 13.59 -1.66
CA ILE D 22 3.42 13.30 -2.53
C ILE D 22 3.08 12.07 -3.37
N ARG D 23 2.48 11.06 -2.76
CA ARG D 23 2.25 9.83 -3.55
C ARG D 23 1.28 10.12 -4.70
N ARG D 24 0.10 10.66 -4.38
CA ARG D 24 -0.89 11.01 -5.43
C ARG D 24 -0.21 11.86 -6.52
N ILE D 25 0.52 12.92 -6.13
CA ILE D 25 1.14 13.83 -7.14
C ILE D 25 2.13 13.04 -8.00
N ARG D 26 2.99 12.23 -7.38
CA ARG D 26 4.02 11.47 -8.14
C ARG D 26 3.32 10.55 -9.15
N THR D 27 2.18 9.96 -8.74
CA THR D 27 1.43 9.05 -9.63
C THR D 27 0.49 9.85 -10.49
N GLY D 28 0.41 11.16 -10.24
CA GLY D 28 -0.52 12.02 -11.00
C GLY D 28 -1.96 11.61 -10.78
N THR D 29 -2.26 11.06 -9.61
CA THR D 29 -3.64 10.65 -9.27
C THR D 29 -4.26 11.73 -8.41
N VAL D 30 -3.73 12.96 -8.47
CA VAL D 30 -4.28 14.09 -7.68
C VAL D 30 -5.79 14.15 -7.92
N PRO D 31 -6.64 14.23 -6.87
CA PRO D 31 -8.13 14.23 -7.03
C PRO D 31 -8.55 15.28 -8.04
N ASP D 32 -7.96 16.47 -7.97
CA ASP D 32 -8.37 17.58 -8.89
C ASP D 32 -7.98 17.22 -10.33
N LEU D 33 -7.12 16.21 -10.51
CA LEU D 33 -6.66 15.82 -11.86
C LEU D 33 -6.24 17.07 -12.64
N PRO D 34 -5.22 17.83 -12.18
CA PRO D 34 -4.80 19.11 -12.82
C PRO D 34 -3.98 18.84 -14.09
N GLY D 35 -3.26 19.85 -14.58
CA GLY D 35 -2.50 19.69 -15.83
C GLY D 35 -3.36 19.97 -17.04
N SER D 36 -2.72 20.34 -18.15
CA SER D 36 -3.47 20.71 -19.38
C SER D 36 -3.38 19.62 -20.43
N TYR D 37 -4.52 19.24 -21.03
CA TYR D 37 -4.52 18.33 -22.21
C TYR D 37 -4.05 16.93 -21.88
N GLY D 38 -4.60 16.31 -20.83
CA GLY D 38 -4.32 14.89 -20.57
C GLY D 38 -2.90 14.57 -20.13
N GLN D 39 -2.19 15.53 -19.55
CA GLN D 39 -0.85 15.23 -18.99
C GLN D 39 -0.77 15.85 -17.59
N TYR D 40 0.02 15.26 -16.71
CA TYR D 40 0.07 15.82 -15.33
C TYR D 40 1.46 16.33 -14.98
N PHE D 41 2.42 16.20 -15.89
CA PHE D 41 3.82 16.58 -15.52
C PHE D 41 3.92 18.08 -15.18
N THR D 42 3.29 18.94 -15.98
CA THR D 42 3.41 20.39 -15.71
C THR D 42 2.86 20.72 -14.34
N ALA D 43 1.70 20.17 -14.01
CA ALA D 43 1.16 20.38 -12.65
C ALA D 43 2.20 19.93 -11.63
N TRP D 44 2.84 18.78 -11.90
CA TRP D 44 3.90 18.26 -11.00
C TRP D 44 5.00 19.30 -10.82
N ASP D 45 5.52 19.81 -11.93
CA ASP D 45 6.54 20.89 -11.86
C ASP D 45 6.02 21.99 -10.95
N PHE D 46 4.72 22.29 -11.08
CA PHE D 46 4.18 23.42 -10.30
C PHE D 46 4.11 23.07 -8.82
N SER D 47 3.52 21.93 -8.48
CA SER D 47 3.37 21.61 -7.03
C SER D 47 4.76 21.51 -6.39
N ASN D 48 5.72 20.89 -7.07
CA ASN D 48 7.09 20.80 -6.53
C ASN D 48 7.64 22.21 -6.28
N SER D 49 7.76 23.00 -7.35
CA SER D 49 8.35 24.34 -7.23
C SER D 49 7.61 25.18 -6.20
N ILE D 50 6.29 25.11 -6.20
CA ILE D 50 5.54 26.05 -5.34
C ILE D 50 5.58 25.59 -3.89
N VAL D 51 5.47 24.30 -3.62
CA VAL D 51 5.61 23.92 -2.19
C VAL D 51 7.02 24.32 -1.72
N ARG D 52 8.02 24.13 -2.58
CA ARG D 52 9.40 24.47 -2.18
C ARG D 52 9.49 25.96 -1.84
N ASP D 53 8.98 26.82 -2.72
CA ASP D 53 9.14 28.28 -2.49
C ASP D 53 8.17 28.78 -1.41
N TYR D 54 7.00 28.17 -1.32
CA TYR D 54 6.11 28.55 -0.20
C TYR D 54 6.81 28.22 1.11
N ALA D 55 7.47 27.06 1.15
CA ALA D 55 8.26 26.70 2.36
C ALA D 55 9.31 27.77 2.63
N MET D 56 9.98 28.25 1.59
CA MET D 56 10.96 29.33 1.80
C MET D 56 10.27 30.54 2.43
N ASN D 57 9.11 30.91 1.90
CA ASN D 57 8.35 32.04 2.48
C ASN D 57 8.06 31.76 3.94
N LEU D 58 7.65 30.53 4.24
CA LEU D 58 7.27 30.17 5.62
C LEU D 58 8.47 30.30 6.55
N TYR D 59 9.65 29.91 6.07
CA TYR D 59 10.81 30.08 6.98
C TYR D 59 11.05 31.57 7.22
N GLN D 60 11.01 32.39 6.18
CA GLN D 60 11.34 33.80 6.43
C GLN D 60 10.28 34.43 7.34
N LEU D 61 9.03 34.00 7.21
CA LEU D 61 8.01 34.50 8.15
C LEU D 61 8.32 34.05 9.58
N THR D 62 8.70 32.79 9.76
CA THR D 62 9.10 32.33 11.10
C THR D 62 10.18 33.24 11.65
N ARG D 63 11.11 33.67 10.80
CA ARG D 63 12.13 34.63 11.25
C ARG D 63 11.46 35.93 11.69
N LEU D 64 10.52 36.43 10.88
CA LEU D 64 9.86 37.70 11.22
C LEU D 64 9.20 37.58 12.60
N ALA D 65 8.61 36.42 12.90
CA ALA D 65 7.88 36.28 14.18
C ALA D 65 8.84 36.38 15.38
N THR D 66 10.15 36.43 15.14
CA THR D 66 11.11 36.68 16.24
C THR D 66 11.51 38.14 16.24
N ASP D 67 11.07 38.88 15.24
CA ASP D 67 11.36 40.33 15.16
C ASP D 67 10.42 41.10 16.08
N GLU D 68 10.98 41.88 17.00
CA GLU D 68 10.13 42.68 17.92
C GLU D 68 9.98 44.11 17.39
N SER D 69 10.55 44.39 16.21
CA SER D 69 10.26 45.69 15.57
C SER D 69 8.96 45.54 14.76
N VAL D 70 8.46 44.31 14.63
CA VAL D 70 7.27 44.09 13.77
C VAL D 70 6.17 43.47 14.63
N SER D 71 5.11 44.24 14.87
CA SER D 71 4.01 43.78 15.75
C SER D 71 3.34 42.52 15.19
N VAL D 72 2.48 41.94 16.02
CA VAL D 72 1.69 40.78 15.54
C VAL D 72 0.54 41.26 14.63
N GLU D 73 -0.01 42.45 14.85
CA GLU D 73 -1.01 42.90 13.86
C GLU D 73 -0.32 43.01 12.49
N ASN D 74 0.85 43.66 12.47
CA ASN D 74 1.56 43.86 11.18
C ASN D 74 2.01 42.52 10.60
N LEU D 75 2.65 41.70 11.44
CA LEU D 75 3.16 40.39 10.95
C LEU D 75 2.00 39.53 10.43
N LEU D 76 0.93 39.44 11.23
CA LEU D 76 -0.24 38.65 10.79
C LEU D 76 -0.82 39.19 9.48
N THR D 77 -0.84 40.51 9.27
CA THR D 77 -1.36 40.98 7.97
C THR D 77 -0.35 40.65 6.88
N VAL D 78 0.92 40.66 7.23
CA VAL D 78 1.94 40.23 6.23
C VAL D 78 1.62 38.80 5.81
N PHE D 79 1.31 37.95 6.79
CA PHE D 79 0.92 36.57 6.45
C PHE D 79 -0.36 36.57 5.63
N ARG D 80 -1.38 37.29 6.10
CA ARG D 80 -2.70 37.21 5.44
C ARG D 80 -2.60 37.68 3.98
N THR D 81 -1.79 38.70 3.72
CA THR D 81 -1.65 39.13 2.31
C THR D 81 -0.76 38.17 1.55
N LEU D 82 0.33 37.71 2.17
CA LEU D 82 1.32 36.93 1.39
C LEU D 82 0.95 35.47 1.20
N ASP D 83 0.09 34.92 2.04
CA ASP D 83 -0.08 33.45 1.97
C ASP D 83 -1.03 32.92 0.91
N PRO D 84 -2.26 33.45 0.76
CA PRO D 84 -3.31 32.76 -0.01
C PRO D 84 -2.91 32.36 -1.43
N ILE D 85 -2.29 33.27 -2.19
CA ILE D 85 -2.02 32.90 -3.61
C ILE D 85 -1.22 31.61 -3.64
N TYR D 86 -0.36 31.41 -2.64
CA TYR D 86 0.38 30.13 -2.55
C TYR D 86 -0.50 29.03 -2.02
N SER D 87 -1.11 29.22 -0.85
CA SER D 87 -1.79 28.08 -0.21
C SER D 87 -3.00 27.59 -1.00
N THR D 88 -3.85 28.50 -1.45
CA THR D 88 -5.08 28.05 -2.15
C THR D 88 -4.70 27.32 -3.42
N PHE D 89 -3.71 27.84 -4.14
CA PHE D 89 -3.23 27.07 -5.32
C PHE D 89 -2.81 25.69 -4.84
N LEU D 90 -1.88 25.62 -3.88
CA LEU D 90 -1.36 24.31 -3.42
C LEU D 90 -2.52 23.38 -3.06
N GLY D 91 -3.51 23.91 -2.34
CA GLY D 91 -4.69 23.08 -2.07
C GLY D 91 -5.26 22.49 -3.36
N TYR D 92 -5.59 23.35 -4.33
CA TYR D 92 -6.17 22.86 -5.61
C TYR D 92 -5.16 21.94 -6.32
N ASN D 93 -3.88 22.06 -6.01
CA ASN D 93 -2.86 21.32 -6.80
C ASN D 93 -2.03 20.38 -5.93
N GLY D 94 -2.69 19.54 -5.13
CA GLY D 94 -1.95 18.47 -4.42
C GLY D 94 -1.97 18.51 -2.91
N PHE D 95 -2.12 19.69 -2.29
CA PHE D 95 -1.96 19.79 -0.81
C PHE D 95 -3.14 20.48 -0.15
N PRO D 96 -4.31 19.84 -0.11
CA PRO D 96 -5.50 20.43 0.57
C PRO D 96 -5.24 20.64 2.05
N VAL D 97 -4.66 19.65 2.73
CA VAL D 97 -4.47 19.75 4.21
C VAL D 97 -3.57 20.94 4.51
N LEU D 98 -2.47 21.07 3.77
CA LEU D 98 -1.61 22.27 3.92
C LEU D 98 -2.49 23.51 3.85
N ALA D 99 -3.43 23.54 2.90
CA ALA D 99 -4.28 24.75 2.74
C ALA D 99 -5.09 25.00 4.01
N GLU D 100 -5.62 23.92 4.61
CA GLU D 100 -6.39 24.07 5.87
C GLU D 100 -5.48 24.63 6.98
N TYR D 101 -4.33 24.01 7.20
CA TYR D 101 -3.51 24.52 8.33
C TYR D 101 -3.00 25.92 8.01
N ALA D 102 -2.78 26.20 6.72
CA ALA D 102 -2.39 27.56 6.31
C ALA D 102 -3.46 28.55 6.78
N GLN D 103 -4.73 28.24 6.51
CA GLN D 103 -5.81 29.11 7.05
C GLN D 103 -5.67 29.20 8.57
N ARG D 104 -5.36 28.08 9.22
CA ARG D 104 -5.29 28.08 10.70
C ARG D 104 -4.20 29.05 11.21
N VAL D 105 -3.07 29.12 10.49
CA VAL D 105 -2.00 30.10 10.88
C VAL D 105 -2.50 31.51 10.56
N GLY D 106 -3.35 31.65 9.53
CA GLY D 106 -3.90 32.97 9.16
C GLY D 106 -4.71 33.57 10.28
N GLN D 107 -5.41 32.73 11.05
CA GLN D 107 -6.25 33.21 12.17
C GLN D 107 -5.37 34.04 13.13
N PRO D 108 -5.89 35.13 13.75
CA PRO D 108 -5.09 36.01 14.66
C PRO D 108 -4.50 35.21 15.81
N ALA D 109 -3.30 35.61 16.26
CA ALA D 109 -2.62 34.89 17.37
C ALA D 109 -2.81 35.67 18.67
N GLU D 110 -3.10 34.96 19.77
CA GLU D 110 -3.25 35.61 21.09
C GLU D 110 -1.91 36.23 21.50
N SER D 111 -0.80 35.53 21.21
CA SER D 111 0.55 36.03 21.60
C SER D 111 1.54 35.84 20.44
N ARG D 112 2.62 36.63 20.43
CA ARG D 112 3.66 36.48 19.38
C ARG D 112 4.28 35.09 19.50
N ALA D 113 4.51 34.61 20.72
CA ALA D 113 5.09 33.27 20.94
C ALA D 113 4.16 32.22 20.33
N GLU D 114 2.85 32.35 20.54
CA GLU D 114 1.87 31.43 19.92
C GLU D 114 2.05 31.47 18.40
N LEU D 115 2.20 32.68 17.84
CA LEU D 115 2.36 32.83 16.38
C LEU D 115 3.72 32.27 15.97
N LEU D 116 4.74 32.55 16.76
CA LEU D 116 6.04 31.90 16.49
C LEU D 116 5.83 30.38 16.45
N ASP D 117 5.02 29.85 17.34
CA ASP D 117 4.87 28.38 17.38
C ASP D 117 4.07 27.86 16.17
N ARG D 118 2.94 28.50 15.85
CA ARG D 118 2.21 28.01 14.66
C ARG D 118 3.13 28.07 13.45
N LEU D 119 3.83 29.18 13.30
CA LEU D 119 4.71 29.32 12.13
C LEU D 119 5.80 28.26 12.18
N THR D 120 6.42 28.05 13.34
CA THR D 120 7.58 27.15 13.40
C THR D 120 7.19 25.73 13.02
N THR D 121 6.09 25.24 13.60
CA THR D 121 5.67 23.88 13.27
C THR D 121 5.28 23.78 11.80
N PHE D 122 4.48 24.74 11.33
CA PHE D 122 4.01 24.68 9.92
C PHE D 122 5.19 24.68 8.98
N THR D 123 6.20 25.51 9.26
CA THR D 123 7.41 25.53 8.42
C THR D 123 8.03 24.14 8.39
N GLU D 124 8.15 23.50 9.55
CA GLU D 124 8.79 22.18 9.51
C GLU D 124 7.92 21.24 8.65
N TYR D 125 6.61 21.34 8.79
CA TYR D 125 5.74 20.37 8.08
C TYR D 125 5.89 20.54 6.57
N VAL D 126 5.83 21.77 6.10
CA VAL D 126 5.95 22.00 4.64
C VAL D 126 7.39 21.71 4.20
N ASN D 127 8.35 21.89 5.10
CA ASN D 127 9.74 21.52 4.75
C ASN D 127 9.83 20.01 4.52
N ARG D 128 9.12 19.22 5.32
CA ARG D 128 9.09 17.76 5.12
C ARG D 128 8.39 17.41 3.80
N LEU D 129 7.24 18.04 3.55
CA LEU D 129 6.57 17.83 2.25
C LEU D 129 7.56 18.14 1.13
N THR D 130 8.21 19.29 1.21
CA THR D 130 9.14 19.69 0.13
C THR D 130 10.25 18.67 -0.02
N ALA D 131 10.80 18.18 1.08
CA ALA D 131 11.83 17.12 1.00
C ALA D 131 11.30 15.93 0.19
N TRP D 132 10.14 15.41 0.55
CA TRP D 132 9.68 14.22 -0.18
C TRP D 132 9.43 14.54 -1.64
N SER D 133 8.89 15.72 -1.90
CA SER D 133 8.60 16.10 -3.30
C SER D 133 9.91 16.18 -4.09
N HIS D 134 10.94 16.78 -3.50
CA HIS D 134 12.19 17.00 -4.26
C HIS D 134 12.96 15.68 -4.44
N HIS D 135 12.77 14.73 -3.53
CA HIS D 135 13.41 13.41 -3.76
C HIS D 135 12.81 12.77 -5.01
N TYR D 136 11.47 12.86 -5.16
CA TYR D 136 10.76 12.07 -6.20
C TYR D 136 10.51 12.82 -7.48
N PHE D 137 11.08 14.02 -7.63
CA PHE D 137 10.83 14.83 -8.85
C PHE D 137 11.80 14.40 -9.96
N PRO D 138 11.32 14.24 -11.22
CA PRO D 138 12.20 13.86 -12.37
C PRO D 138 13.14 15.01 -12.72
N TRP D 139 14.43 14.85 -12.44
CA TRP D 139 15.42 15.89 -12.83
C TRP D 139 16.15 15.41 -14.09
N ASP D 140 15.95 14.14 -14.45
CA ASP D 140 16.65 13.56 -15.64
C ASP D 140 16.01 14.07 -16.94
N LEU D 141 14.81 14.65 -16.86
CA LEU D 141 14.08 15.11 -18.08
C LEU D 141 15.08 15.76 -19.06
N SER D 169 42.21 28.95 6.79
CA SER D 169 40.84 29.27 6.31
C SER D 169 39.85 29.22 7.47
N VAL D 170 38.57 29.05 7.15
CA VAL D 170 37.52 29.07 8.21
C VAL D 170 37.71 27.91 9.18
N ASP D 171 38.18 26.77 8.68
CA ASP D 171 38.41 25.60 9.56
C ASP D 171 39.57 25.86 10.52
N SER D 172 40.30 26.94 10.31
CA SER D 172 41.36 27.29 11.29
C SER D 172 40.72 28.06 12.44
N LEU D 173 39.77 28.94 12.14
CA LEU D 173 39.26 29.90 13.15
C LEU D 173 38.75 29.22 14.42
N GLY D 174 38.69 30.03 15.46
CA GLY D 174 38.15 29.49 16.71
C GLY D 174 38.99 28.41 17.33
N ASP D 175 38.31 27.46 17.96
CA ASP D 175 39.00 26.47 18.81
C ASP D 175 38.94 25.06 18.26
N PRO D 176 40.09 24.43 18.07
CA PRO D 176 40.11 22.99 17.76
C PRO D 176 39.51 22.23 18.93
N SER D 177 39.65 22.78 20.14
CA SER D 177 39.20 22.02 21.33
C SER D 177 37.67 21.97 21.39
N GLN D 178 36.97 22.90 20.75
CA GLN D 178 35.50 22.95 20.94
C GLN D 178 34.71 22.28 19.82
N ARG D 179 35.40 21.70 18.84
CA ARG D 179 34.64 20.88 17.87
C ARG D 179 33.97 19.72 18.61
N ILE D 180 32.89 19.20 18.04
CA ILE D 180 32.13 18.13 18.73
C ILE D 180 32.06 16.92 17.80
N PRO D 181 32.53 15.76 18.21
CA PRO D 181 32.57 14.60 17.30
C PRO D 181 31.17 14.04 17.10
N VAL D 182 30.84 13.70 15.85
CA VAL D 182 29.52 13.08 15.53
C VAL D 182 29.75 12.08 14.39
N ARG D 183 28.74 11.25 14.12
CA ARG D 183 28.93 10.22 13.09
C ARG D 183 27.75 10.25 12.10
N LEU D 184 28.09 10.19 10.81
CA LEU D 184 27.07 10.16 9.73
C LEU D 184 27.13 8.77 9.08
N THR D 185 25.98 8.13 8.94
CA THR D 185 25.92 6.81 8.26
C THR D 185 24.75 6.81 7.31
N TRP D 186 25.00 6.56 6.01
CA TRP D 186 23.92 6.58 5.00
C TRP D 186 23.37 5.16 4.83
N GLN D 187 22.04 5.02 4.84
CA GLN D 187 21.41 3.68 4.74
C GLN D 187 20.59 3.59 3.44
N PRO D 188 20.51 2.42 2.76
CA PRO D 188 21.19 1.16 3.19
C PRO D 188 22.64 1.13 2.70
N LEU D 189 23.14 2.28 2.22
CA LEU D 189 24.53 2.35 1.71
C LEU D 189 25.48 1.71 2.74
N GLY D 190 25.31 2.02 4.02
CA GLY D 190 26.16 1.46 5.09
C GLY D 190 27.41 2.30 5.28
N VAL D 191 27.73 3.15 4.30
CA VAL D 191 28.96 3.99 4.38
C VAL D 191 28.90 4.83 5.67
N GLN D 192 30.02 4.94 6.38
CA GLN D 192 30.00 5.65 7.68
C GLN D 192 31.26 6.52 7.85
N VAL D 193 31.06 7.79 8.18
CA VAL D 193 32.24 8.68 8.45
C VAL D 193 32.01 9.45 9.74
N ASP D 194 33.11 10.04 10.22
CA ASP D 194 33.13 10.85 11.46
C ASP D 194 33.27 12.32 11.06
N ALA D 195 32.65 13.21 11.85
CA ALA D 195 32.72 14.65 11.53
C ALA D 195 32.78 15.45 12.84
N GLU D 196 33.43 16.60 12.82
CA GLU D 196 33.55 17.44 14.04
C GLU D 196 32.70 18.70 13.89
N ILE D 197 31.52 18.74 14.53
CA ILE D 197 30.63 19.92 14.45
C ILE D 197 31.39 21.13 15.01
N TYR D 198 31.57 22.17 14.18
CA TYR D 198 32.30 23.39 14.62
C TYR D 198 31.40 24.21 15.53
N ALA D 199 31.40 23.89 16.83
CA ALA D 199 30.60 24.66 17.81
C ALA D 199 31.32 25.98 18.12
N ASP D 200 32.53 26.15 17.57
CA ASP D 200 33.31 27.40 17.80
C ASP D 200 33.00 28.41 16.70
N LEU D 201 32.27 27.99 15.65
CA LEU D 201 31.97 28.89 14.51
C LEU D 201 30.56 29.47 14.69
N ASN D 202 29.53 28.63 14.58
CA ASN D 202 28.13 29.10 14.79
C ASN D 202 27.55 28.34 15.98
N PRO D 203 27.94 28.65 17.25
CA PRO D 203 27.51 27.84 18.42
C PRO D 203 26.00 27.69 18.41
N GLN D 204 25.28 28.80 18.36
CA GLN D 204 23.80 28.78 18.32
C GLN D 204 23.33 27.74 17.30
N LEU D 205 23.69 27.94 16.02
CA LEU D 205 23.31 26.99 14.94
C LEU D 205 23.82 25.59 15.32
N ALA D 206 25.12 25.46 15.58
CA ALA D 206 25.71 24.15 15.96
C ALA D 206 24.81 23.48 17.00
N THR D 207 24.55 24.17 18.11
CA THR D 207 23.75 23.57 19.19
C THR D 207 22.44 23.06 18.64
N ASP D 208 21.70 23.91 17.92
CA ASP D 208 20.37 23.51 17.38
C ASP D 208 20.48 22.15 16.70
N VAL D 209 21.46 21.99 15.80
CA VAL D 209 21.63 20.71 15.06
C VAL D 209 22.03 19.60 16.05
N LEU D 210 23.04 19.87 16.89
CA LEU D 210 23.48 18.87 17.91
C LEU D 210 22.28 18.44 18.77
N LYS D 211 21.38 19.39 19.08
CA LYS D 211 20.18 19.06 19.90
C LYS D 211 19.25 18.13 19.10
N ALA D 212 19.11 18.40 17.79
CA ALA D 212 18.25 17.54 16.94
C ALA D 212 18.83 16.13 16.88
N LEU D 213 20.15 16.00 16.98
CA LEU D 213 20.81 14.66 17.00
C LEU D 213 20.21 13.83 18.15
N PRO D 214 20.01 12.50 17.98
CA PRO D 214 20.25 11.80 16.68
C PRO D 214 19.00 11.79 15.82
N PHE D 215 19.16 11.55 14.52
CA PHE D 215 17.96 11.43 13.66
C PHE D 215 18.36 10.72 12.39
N THR D 216 17.36 10.09 11.77
CA THR D 216 17.62 9.37 10.52
C THR D 216 16.61 9.87 9.52
N VAL D 217 17.10 10.61 8.53
CA VAL D 217 16.16 11.26 7.58
C VAL D 217 16.48 10.81 6.15
N LEU D 218 15.58 11.13 5.23
CA LEU D 218 15.88 10.83 3.82
C LEU D 218 17.11 11.62 3.39
N GLN D 219 17.93 11.01 2.54
CA GLN D 219 19.12 11.72 2.03
C GLN D 219 18.98 11.94 0.51
N ASP D 220 19.24 13.17 0.07
CA ASP D 220 19.11 13.53 -1.36
C ASP D 220 20.32 14.34 -1.79
N HIS D 221 20.34 14.70 -3.07
CA HIS D 221 21.48 15.41 -3.66
C HIS D 221 21.08 16.82 -4.10
N ALA D 222 22.02 17.75 -3.98
CA ALA D 222 21.79 19.09 -4.59
C ALA D 222 21.80 18.94 -6.11
N VAL D 223 20.81 19.56 -6.75
CA VAL D 223 20.73 19.45 -8.24
C VAL D 223 21.08 20.79 -8.91
N VAL D 224 21.34 21.84 -8.15
CA VAL D 224 21.76 23.11 -8.80
C VAL D 224 23.14 23.57 -8.29
N SER D 225 23.61 23.11 -7.14
CA SER D 225 24.89 23.66 -6.60
C SER D 225 26.10 22.87 -7.11
N GLY D 226 25.90 21.61 -7.45
CA GLY D 226 27.04 20.77 -7.88
C GLY D 226 27.17 19.52 -7.03
N GLU D 227 28.42 19.07 -6.85
CA GLU D 227 28.66 17.81 -6.13
C GLU D 227 28.44 18.03 -4.63
N SER D 228 27.18 17.93 -4.22
CA SER D 228 26.83 18.19 -2.79
C SER D 228 25.48 17.54 -2.51
N MET D 229 25.34 17.02 -1.32
CA MET D 229 24.07 16.36 -0.98
C MET D 229 23.46 17.12 0.20
N TYR D 230 22.18 16.89 0.45
CA TYR D 230 21.61 17.57 1.61
C TYR D 230 20.44 16.78 2.16
N ALA D 231 20.12 17.04 3.42
CA ALA D 231 19.03 16.29 4.07
C ALA D 231 18.25 17.25 4.95
N TRP D 232 16.92 17.18 4.85
CA TRP D 232 16.06 18.02 5.70
C TRP D 232 16.04 17.43 7.12
N ALA D 233 16.48 18.23 8.11
CA ALA D 233 16.58 17.73 9.51
C ALA D 233 15.34 18.17 10.31
N PRO D 234 15.00 17.48 11.41
CA PRO D 234 13.71 17.71 12.10
C PRO D 234 13.67 18.92 13.03
N LEU D 235 14.35 20.00 12.66
CA LEU D 235 14.34 21.23 13.49
C LEU D 235 13.87 22.42 12.68
N VAL D 236 13.62 23.55 13.35
CA VAL D 236 13.37 24.83 12.64
C VAL D 236 14.29 25.84 13.36
N SER D 237 15.53 25.95 12.91
CA SER D 237 16.51 26.80 13.63
C SER D 237 16.38 28.26 13.24
N VAL D 238 16.01 29.11 14.20
CA VAL D 238 16.05 30.57 13.90
C VAL D 238 17.36 31.09 14.48
N ALA D 239 18.31 30.18 14.68
CA ALA D 239 19.56 30.58 15.35
C ALA D 239 20.28 31.67 14.57
N PRO D 240 21.13 32.46 15.23
CA PRO D 240 22.04 33.40 14.52
C PRO D 240 23.19 32.64 13.87
N THR D 241 23.70 33.17 12.75
CA THR D 241 24.76 32.46 11.98
C THR D 241 25.83 33.45 11.57
N PRO D 242 26.69 33.89 12.49
CA PRO D 242 27.73 34.88 12.18
C PRO D 242 28.86 34.32 11.31
N VAL D 243 28.93 33.01 11.12
CA VAL D 243 30.05 32.43 10.33
C VAL D 243 29.45 31.80 9.07
N ARG D 244 29.61 32.48 7.95
CA ARG D 244 29.10 31.94 6.67
C ARG D 244 30.28 31.72 5.73
N GLU D 245 30.15 30.71 4.87
CA GLU D 245 31.22 30.45 3.89
C GLU D 245 30.60 30.44 2.48
N ARG D 246 31.34 30.97 1.52
CA ARG D 246 30.85 30.93 0.11
C ARG D 246 30.90 29.50 -0.39
N ILE D 247 29.76 29.01 -0.85
CA ILE D 247 29.62 27.56 -1.14
C ILE D 247 30.67 27.05 -2.13
N CYS D 248 30.95 27.83 -3.17
CA CYS D 248 31.89 27.33 -4.21
C CYS D 248 33.30 27.16 -3.61
N ASP D 249 33.60 27.91 -2.55
CA ASP D 249 34.95 27.86 -1.92
C ASP D 249 35.02 26.81 -0.81
N ALA D 250 33.91 26.17 -0.47
CA ALA D 250 33.92 25.24 0.68
C ALA D 250 34.76 24.00 0.38
N PRO D 251 35.50 23.46 1.37
CA PRO D 251 36.36 22.27 1.12
C PRO D 251 35.53 21.01 0.94
N VAL D 252 36.21 19.91 0.61
CA VAL D 252 35.52 18.60 0.55
C VAL D 252 35.31 18.15 2.00
N GLY D 253 34.13 17.60 2.28
CA GLY D 253 33.82 17.16 3.65
C GLY D 253 33.10 18.23 4.44
N ARG D 254 33.04 19.46 3.92
CA ARG D 254 32.37 20.56 4.63
C ARG D 254 30.91 20.21 4.94
N LEU D 255 30.55 20.37 6.21
CA LEU D 255 29.13 20.28 6.57
C LEU D 255 28.62 21.71 6.65
N ARG D 256 27.50 21.97 5.99
CA ARG D 256 26.86 23.29 6.10
C ARG D 256 25.45 23.05 6.66
N PHE D 257 24.83 24.11 7.17
CA PHE D 257 23.43 23.94 7.60
C PHE D 257 22.65 25.07 6.98
N SER D 258 21.56 24.73 6.31
CA SER D 258 20.78 25.77 5.59
C SER D 258 19.43 25.93 6.32
N GLN D 259 19.31 26.96 7.15
CA GLN D 259 18.04 27.05 7.92
C GLN D 259 16.98 27.67 7.00
N ALA D 260 17.41 28.32 5.92
CA ALA D 260 16.47 29.03 5.02
C ALA D 260 15.81 28.06 4.04
N THR D 261 16.56 27.12 3.48
CA THR D 261 16.00 26.24 2.42
C THR D 261 15.49 24.94 3.01
N GLY D 262 15.12 24.93 4.30
CA GLY D 262 14.51 23.71 4.89
C GLY D 262 15.37 23.08 5.95
N ASN D 263 16.08 23.88 6.76
CA ASN D 263 16.89 23.32 7.88
C ASN D 263 17.61 22.07 7.40
N LYS D 264 18.53 22.22 6.45
CA LYS D 264 19.16 21.00 5.91
C LYS D 264 20.60 20.90 6.36
N VAL D 265 21.07 19.67 6.52
CA VAL D 265 22.52 19.47 6.71
C VAL D 265 23.07 19.20 5.30
N ILE D 266 24.17 19.86 4.97
CA ILE D 266 24.66 19.81 3.58
C ILE D 266 26.07 19.24 3.56
N VAL D 267 26.22 18.12 2.90
CA VAL D 267 27.56 17.51 2.83
C VAL D 267 28.15 17.84 1.46
N GLN D 268 29.22 18.61 1.47
CA GLN D 268 29.88 18.87 0.18
C GLN D 268 30.90 17.75 -0.03
N TYR D 269 30.84 17.13 -1.21
CA TYR D 269 31.83 16.07 -1.53
C TYR D 269 32.56 16.34 -2.85
N GLY D 270 32.47 17.56 -3.36
CA GLY D 270 33.21 17.88 -4.58
C GLY D 270 33.14 19.35 -4.85
N PRO D 271 33.36 19.77 -6.10
CA PRO D 271 33.24 21.20 -6.45
C PRO D 271 31.80 21.65 -6.62
N THR D 272 31.56 22.91 -6.25
CA THR D 272 30.20 23.49 -6.34
C THR D 272 30.30 24.79 -7.11
N THR D 273 29.27 25.10 -7.90
CA THR D 273 29.28 26.34 -8.71
C THR D 273 28.59 27.47 -7.99
N GLU D 274 27.92 27.19 -6.87
CA GLU D 274 27.08 28.23 -6.23
C GLU D 274 27.91 29.28 -5.49
N THR D 275 27.54 30.55 -5.63
CA THR D 275 28.29 31.65 -4.98
C THR D 275 27.69 32.06 -3.66
N LEU D 276 26.54 31.49 -3.28
CA LEU D 276 25.87 31.97 -2.05
C LEU D 276 26.66 31.50 -0.82
N SER D 277 26.50 32.24 0.28
CA SER D 277 27.25 31.92 1.51
C SER D 277 26.31 31.26 2.53
N SER D 278 26.61 30.02 2.90
CA SER D 278 25.77 29.36 3.91
C SER D 278 26.57 29.12 5.19
N PRO D 279 25.90 29.02 6.35
CA PRO D 279 26.61 28.84 7.62
C PRO D 279 27.45 27.56 7.60
N VAL D 280 28.61 27.64 8.26
CA VAL D 280 29.47 26.45 8.34
C VAL D 280 29.10 25.67 9.61
N LEU D 281 28.61 24.44 9.41
CA LEU D 281 28.21 23.62 10.57
C LEU D 281 29.39 22.81 11.11
N GLY D 282 30.47 22.68 10.33
CA GLY D 282 31.61 21.86 10.75
C GLY D 282 32.20 21.13 9.56
N LYS D 283 32.91 20.03 9.80
CA LYS D 283 33.62 19.38 8.67
C LYS D 283 33.82 17.89 8.93
N VAL D 284 33.80 17.09 7.87
CA VAL D 284 34.10 15.64 8.04
C VAL D 284 35.61 15.52 8.26
N VAL D 285 36.04 15.03 9.42
CA VAL D 285 37.50 14.97 9.76
C VAL D 285 38.27 14.45 8.54
N ASP D 286 39.37 15.12 8.18
CA ASP D 286 40.20 14.70 7.02
C ASP D 286 40.29 13.17 6.95
N SER D 287 40.62 12.52 8.07
CA SER D 287 40.74 11.04 8.11
C SER D 287 39.49 10.40 7.49
N HIS D 288 38.30 10.94 7.78
CA HIS D 288 37.04 10.34 7.27
C HIS D 288 36.50 11.16 6.09
N ALA D 289 37.24 12.18 5.63
CA ALA D 289 36.74 13.07 4.55
C ALA D 289 36.59 12.29 3.24
N ASP D 290 36.89 10.99 3.24
CA ASP D 290 36.69 10.15 2.03
C ASP D 290 35.29 9.53 2.07
N ARG D 291 34.99 8.58 1.18
CA ARG D 291 33.69 7.86 1.18
C ARG D 291 32.55 8.79 0.70
N LEU D 292 32.39 9.96 1.33
CA LEU D 292 31.26 10.86 0.96
C LEU D 292 31.22 11.03 -0.57
N ALA D 293 32.39 11.05 -1.22
CA ALA D 293 32.42 11.12 -2.71
C ALA D 293 31.64 9.93 -3.27
N GLU D 294 32.02 8.71 -2.90
CA GLU D 294 31.29 7.51 -3.36
C GLU D 294 29.81 7.65 -2.97
N VAL D 295 29.53 7.95 -1.70
CA VAL D 295 28.13 8.18 -1.26
C VAL D 295 27.48 9.16 -2.26
N GLY D 296 28.19 10.25 -2.56
CA GLY D 296 27.66 11.27 -3.49
C GLY D 296 27.15 10.65 -4.78
N LYS D 297 28.01 9.92 -5.49
CA LYS D 297 27.61 9.29 -6.77
C LYS D 297 26.31 8.49 -6.55
N ALA D 298 26.29 7.63 -5.53
CA ALA D 298 25.10 6.80 -5.24
C ALA D 298 23.89 7.71 -4.94
N VAL D 299 24.07 8.68 -4.06
CA VAL D 299 22.89 9.52 -3.65
C VAL D 299 22.40 10.32 -4.87
N TRP D 300 23.31 10.67 -5.79
CA TRP D 300 22.92 11.50 -6.96
C TRP D 300 21.78 10.81 -7.72
N GLU D 301 21.97 9.56 -8.13
CA GLU D 301 20.93 8.84 -8.90
C GLU D 301 19.64 8.79 -8.08
N SER D 302 19.75 8.61 -6.75
CA SER D 302 18.56 8.61 -5.86
C SER D 302 17.83 9.95 -5.94
N THR D 303 18.49 10.98 -6.46
CA THR D 303 17.81 12.29 -6.65
C THR D 303 17.61 12.52 -8.12
N PHE D 304 18.39 11.86 -8.98
CA PHE D 304 18.30 12.11 -10.45
C PHE D 304 17.12 11.33 -11.02
N VAL D 310 17.70 7.21 0.18
CA VAL D 310 18.92 7.02 1.03
C VAL D 310 18.56 7.49 2.44
N TRP D 311 19.22 6.95 3.47
CA TRP D 311 18.83 7.31 4.86
C TRP D 311 20.03 7.78 5.67
N LEU D 312 20.24 9.09 5.69
CA LEU D 312 21.36 9.62 6.49
C LEU D 312 20.99 9.51 7.97
N THR D 313 21.90 8.90 8.74
CA THR D 313 21.74 8.88 10.21
C THR D 313 22.81 9.78 10.76
N VAL D 314 22.42 10.66 11.68
CA VAL D 314 23.46 11.47 12.38
C VAL D 314 23.27 11.26 13.87
N GLU D 315 24.36 11.01 14.57
CA GLU D 315 24.27 10.75 16.02
C GLU D 315 25.54 11.26 16.69
N ARG D 316 25.50 11.37 18.01
CA ARG D 316 26.64 11.97 18.73
C ARG D 316 27.62 10.90 19.23
N LEU D 317 28.89 11.01 18.81
CA LEU D 317 29.96 10.11 19.31
C LEU D 317 30.37 10.51 20.74
N SER E 2 3.69 -43.30 4.12
CA SER E 2 3.82 -42.00 3.40
C SER E 2 3.13 -42.07 2.04
N ALA E 3 3.30 -41.04 1.22
CA ALA E 3 2.65 -41.01 -0.10
C ALA E 3 3.39 -41.91 -1.09
N LEU E 4 4.67 -41.64 -1.32
CA LEU E 4 5.43 -42.40 -2.36
C LEU E 4 6.51 -43.26 -1.70
N PRO E 5 6.25 -44.55 -1.43
CA PRO E 5 7.26 -45.45 -0.83
C PRO E 5 8.50 -45.60 -1.72
N GLU E 6 8.27 -45.83 -3.01
CA GLU E 6 9.38 -46.07 -3.97
C GLU E 6 10.40 -44.93 -3.89
N LEU E 7 9.94 -43.72 -3.57
CA LEU E 7 10.88 -42.58 -3.50
C LEU E 7 11.74 -42.68 -2.24
N ARG E 8 11.11 -42.90 -1.08
CA ARG E 8 11.89 -43.03 0.18
C ARG E 8 12.99 -44.08 0.00
N GLU E 9 12.66 -45.21 -0.62
CA GLU E 9 13.66 -46.28 -0.80
C GLU E 9 14.87 -45.73 -1.60
N LEU E 10 14.68 -44.67 -2.39
CA LEU E 10 15.77 -44.07 -3.19
C LEU E 10 16.48 -42.95 -2.38
N ILE E 11 15.69 -42.13 -1.70
CA ILE E 11 16.31 -41.00 -0.94
C ILE E 11 17.35 -41.56 0.03
N ALA E 12 17.02 -42.66 0.69
CA ALA E 12 17.96 -43.22 1.69
C ALA E 12 19.22 -43.75 0.99
N SER E 13 19.04 -44.56 -0.05
CA SER E 13 20.21 -45.11 -0.77
C SER E 13 21.11 -43.98 -1.25
N PHE E 14 20.52 -42.84 -1.60
CA PHE E 14 21.34 -41.79 -2.25
C PHE E 14 22.09 -40.95 -1.23
N VAL E 15 21.67 -40.99 0.04
CA VAL E 15 22.43 -40.26 1.10
C VAL E 15 23.90 -40.70 1.03
N SER E 16 24.13 -42.01 0.88
CA SER E 16 25.51 -42.53 0.90
C SER E 16 25.97 -42.94 -0.51
N GLU E 17 25.03 -43.40 -1.34
CA GLU E 17 25.40 -43.86 -2.70
C GLU E 17 25.19 -42.75 -3.74
N GLU E 18 26.09 -42.67 -4.70
CA GLU E 18 25.90 -41.70 -5.80
C GLU E 18 24.76 -42.20 -6.69
N PRO E 19 23.82 -41.33 -7.11
CA PRO E 19 22.75 -41.73 -8.05
C PRO E 19 23.32 -42.02 -9.44
N PRO E 20 22.73 -42.97 -10.17
CA PRO E 20 23.17 -43.28 -11.56
C PRO E 20 22.95 -42.10 -12.48
N GLU E 21 21.88 -41.33 -12.25
CA GLU E 21 21.60 -40.13 -13.08
C GLU E 21 22.82 -39.22 -13.08
N ILE E 22 23.32 -38.90 -11.89
CA ILE E 22 24.50 -37.99 -11.80
C ILE E 22 25.66 -38.62 -12.56
N ARG E 23 25.91 -39.91 -12.33
CA ARG E 23 27.10 -40.55 -12.93
C ARG E 23 27.02 -40.51 -14.47
N ARG E 24 25.84 -40.75 -15.04
CA ARG E 24 25.73 -40.71 -16.51
C ARG E 24 25.81 -39.25 -17.00
N ILE E 25 25.37 -38.30 -16.19
CA ILE E 25 25.49 -36.89 -16.61
C ILE E 25 26.97 -36.47 -16.66
N ARG E 26 27.70 -36.75 -15.59
CA ARG E 26 29.11 -36.25 -15.55
C ARG E 26 30.03 -37.10 -16.43
N THR E 27 29.64 -38.32 -16.78
CA THR E 27 30.49 -39.14 -17.68
C THR E 27 30.15 -38.87 -19.13
N GLY E 28 28.98 -38.30 -19.42
CA GLY E 28 28.57 -38.17 -20.83
C GLY E 28 27.93 -39.45 -21.31
N THR E 29 27.22 -40.15 -20.42
CA THR E 29 26.61 -41.44 -20.79
C THR E 29 25.11 -41.36 -20.57
N VAL E 30 24.54 -40.15 -20.66
CA VAL E 30 23.06 -40.04 -20.60
C VAL E 30 22.56 -40.64 -21.92
N PRO E 31 21.65 -41.61 -21.88
CA PRO E 31 21.21 -42.36 -23.07
C PRO E 31 20.92 -41.47 -24.26
N ASP E 32 20.04 -40.50 -24.08
CA ASP E 32 19.61 -39.63 -25.22
C ASP E 32 20.81 -39.02 -25.94
N LEU E 33 21.99 -39.00 -25.30
CA LEU E 33 23.16 -38.28 -25.89
C LEU E 33 22.82 -36.79 -25.98
N PRO E 34 22.36 -36.13 -24.90
CA PRO E 34 21.92 -34.70 -25.00
C PRO E 34 23.09 -33.75 -25.15
N GLY E 35 22.83 -32.61 -25.80
CA GLY E 35 23.88 -31.60 -26.02
C GLY E 35 24.02 -31.24 -27.50
N SER E 36 24.73 -30.14 -27.78
CA SER E 36 24.89 -29.69 -29.19
C SER E 36 26.31 -29.92 -29.70
N TYR E 37 26.45 -30.32 -30.97
CA TYR E 37 27.77 -30.41 -31.63
C TYR E 37 28.73 -31.38 -30.96
N GLY E 38 28.23 -32.49 -30.43
CA GLY E 38 29.14 -33.51 -29.88
C GLY E 38 29.85 -33.07 -28.62
N GLN E 39 29.09 -32.60 -27.63
CA GLN E 39 29.69 -32.17 -26.34
C GLN E 39 28.57 -32.20 -25.29
N TYR E 40 28.87 -32.56 -24.05
CA TYR E 40 27.78 -32.72 -23.05
C TYR E 40 27.94 -31.68 -21.91
N PHE E 41 28.91 -30.79 -22.01
CA PHE E 41 29.07 -29.74 -20.98
C PHE E 41 27.73 -29.00 -20.83
N THR E 42 27.16 -28.54 -21.94
CA THR E 42 25.89 -27.79 -21.87
C THR E 42 24.82 -28.66 -21.25
N ALA E 43 24.70 -29.91 -21.72
CA ALA E 43 23.72 -30.85 -21.11
C ALA E 43 23.99 -30.92 -19.60
N TRP E 44 25.23 -31.19 -19.21
CA TRP E 44 25.60 -31.26 -17.78
C TRP E 44 25.13 -29.99 -17.07
N ASP E 45 25.51 -28.82 -17.60
CA ASP E 45 25.09 -27.53 -16.98
C ASP E 45 23.58 -27.54 -16.78
N PHE E 46 22.82 -27.86 -17.83
CA PHE E 46 21.33 -27.81 -17.75
C PHE E 46 20.81 -28.99 -16.93
N SER E 47 21.65 -29.99 -16.63
CA SER E 47 21.22 -31.10 -15.76
C SER E 47 21.46 -30.70 -14.30
N ASN E 48 22.44 -29.83 -14.07
CA ASN E 48 22.78 -29.38 -12.69
C ASN E 48 22.00 -28.11 -12.36
N SER E 49 22.24 -27.04 -13.12
CA SER E 49 21.60 -25.72 -12.86
C SER E 49 20.08 -25.85 -12.75
N ILE E 50 19.44 -26.39 -13.79
CA ILE E 50 17.95 -26.48 -13.81
C ILE E 50 17.49 -27.30 -12.60
N VAL E 51 18.12 -28.46 -12.35
CA VAL E 51 17.68 -29.33 -11.22
C VAL E 51 17.84 -28.57 -9.90
N ARG E 52 18.89 -27.75 -9.78
CA ARG E 52 19.09 -26.93 -8.55
C ARG E 52 17.92 -25.95 -8.41
N ASP E 53 17.63 -25.21 -9.48
CA ASP E 53 16.50 -24.25 -9.46
C ASP E 53 15.18 -25.01 -9.25
N TYR E 54 15.04 -26.19 -9.85
CA TYR E 54 13.81 -27.01 -9.68
C TYR E 54 13.60 -27.27 -8.20
N ALA E 55 14.65 -27.69 -7.50
CA ALA E 55 14.54 -27.98 -6.05
C ALA E 55 13.91 -26.78 -5.34
N MET E 56 14.41 -25.56 -5.64
CA MET E 56 13.83 -24.33 -5.03
C MET E 56 12.31 -24.31 -5.29
N ASN E 57 11.90 -24.41 -6.56
CA ASN E 57 10.46 -24.41 -6.91
C ASN E 57 9.73 -25.47 -6.07
N LEU E 58 10.25 -26.71 -6.07
CA LEU E 58 9.59 -27.82 -5.33
C LEU E 58 9.36 -27.41 -3.86
N TYR E 59 10.37 -26.84 -3.22
CA TYR E 59 10.23 -26.47 -1.79
C TYR E 59 9.20 -25.37 -1.63
N GLN E 60 9.23 -24.37 -2.52
CA GLN E 60 8.20 -23.29 -2.48
C GLN E 60 6.82 -23.93 -2.61
N LEU E 61 6.67 -24.90 -3.51
CA LEU E 61 5.37 -25.62 -3.65
C LEU E 61 5.04 -26.30 -2.32
N THR E 62 6.04 -26.95 -1.71
CA THR E 62 5.82 -27.61 -0.40
C THR E 62 5.30 -26.59 0.60
N ARG E 63 5.91 -25.41 0.66
CA ARG E 63 5.43 -24.35 1.56
C ARG E 63 4.00 -23.92 1.16
N LEU E 64 3.69 -23.92 -0.13
CA LEU E 64 2.33 -23.52 -0.55
C LEU E 64 1.33 -24.61 -0.13
N ALA E 65 1.76 -25.87 -0.11
CA ALA E 65 0.87 -26.99 0.29
C ALA E 65 0.48 -26.86 1.77
N THR E 66 1.31 -26.22 2.60
CA THR E 66 0.91 -26.03 4.02
C THR E 66 -0.06 -24.89 4.14
N ASP E 67 0.03 -23.91 3.25
CA ASP E 67 -0.85 -22.70 3.33
C ASP E 67 -2.30 -23.08 3.10
N GLU E 68 -3.18 -22.74 4.05
CA GLU E 68 -4.60 -23.17 3.94
C GLU E 68 -5.43 -22.17 3.11
N SER E 69 -4.89 -20.99 2.82
CA SER E 69 -5.63 -19.99 2.00
C SER E 69 -5.70 -20.47 0.55
N VAL E 70 -4.85 -21.43 0.18
CA VAL E 70 -4.84 -21.91 -1.23
C VAL E 70 -5.39 -23.34 -1.25
N SER E 71 -6.42 -23.58 -2.04
CA SER E 71 -7.07 -24.92 -2.02
C SER E 71 -6.15 -25.98 -2.66
N VAL E 72 -6.46 -27.24 -2.41
CA VAL E 72 -5.67 -28.32 -3.06
C VAL E 72 -5.82 -28.17 -4.59
N GLU E 73 -7.02 -27.89 -5.07
CA GLU E 73 -7.26 -27.84 -6.54
C GLU E 73 -6.43 -26.73 -7.16
N ASN E 74 -6.51 -25.52 -6.59
CA ASN E 74 -5.64 -24.43 -7.10
C ASN E 74 -4.19 -24.91 -7.03
N LEU E 75 -3.79 -25.46 -5.88
CA LEU E 75 -2.40 -25.91 -5.69
C LEU E 75 -1.99 -26.84 -6.84
N LEU E 76 -2.90 -27.72 -7.23
CA LEU E 76 -2.59 -28.70 -8.31
C LEU E 76 -2.38 -27.97 -9.63
N THR E 77 -3.24 -26.99 -9.96
CA THR E 77 -3.10 -26.25 -11.23
C THR E 77 -1.73 -25.61 -11.28
N VAL E 78 -1.28 -25.00 -10.18
CA VAL E 78 0.08 -24.39 -10.13
C VAL E 78 1.11 -25.49 -10.46
N PHE E 79 0.90 -26.70 -9.94
CA PHE E 79 1.85 -27.82 -10.18
C PHE E 79 1.74 -28.33 -11.62
N ARG E 80 0.67 -27.97 -12.34
CA ARG E 80 0.54 -28.37 -13.77
C ARG E 80 1.11 -27.27 -14.67
N THR E 81 1.81 -26.30 -14.09
CA THR E 81 2.34 -25.16 -14.90
C THR E 81 3.85 -25.16 -14.82
N LEU E 82 4.40 -24.98 -13.60
CA LEU E 82 5.87 -24.89 -13.43
C LEU E 82 6.48 -26.30 -13.48
N ASP E 83 6.03 -27.21 -12.62
CA ASP E 83 6.63 -28.57 -12.54
C ASP E 83 6.87 -29.13 -13.96
N PRO E 84 5.87 -29.23 -14.86
CA PRO E 84 6.08 -29.87 -16.20
C PRO E 84 7.28 -29.27 -16.93
N ILE E 85 7.29 -27.96 -17.11
CA ILE E 85 8.37 -27.30 -17.89
C ILE E 85 9.71 -27.51 -17.16
N TYR E 86 9.68 -28.06 -15.94
CA TYR E 86 10.94 -28.37 -15.21
C TYR E 86 11.02 -29.87 -14.92
N SER E 87 10.24 -30.68 -15.62
CA SER E 87 10.30 -32.15 -15.43
C SER E 87 10.59 -32.82 -16.78
N THR E 88 9.79 -32.51 -17.79
CA THR E 88 9.98 -33.11 -19.14
C THR E 88 11.42 -32.90 -19.56
N PHE E 89 11.95 -31.70 -19.35
CA PHE E 89 13.34 -31.40 -19.80
C PHE E 89 14.34 -32.23 -18.98
N LEU E 90 14.19 -32.28 -17.66
CA LEU E 90 15.13 -33.12 -16.91
C LEU E 90 14.95 -34.59 -17.32
N GLY E 91 13.74 -35.00 -17.69
CA GLY E 91 13.54 -36.36 -18.19
C GLY E 91 14.34 -36.61 -19.45
N TYR E 92 14.58 -35.56 -20.22
CA TYR E 92 15.42 -35.71 -21.44
C TYR E 92 16.90 -35.55 -21.09
N ASN E 93 17.20 -34.75 -20.06
CA ASN E 93 18.63 -34.45 -19.76
C ASN E 93 19.17 -35.26 -18.58
N GLY E 94 18.89 -36.57 -18.55
CA GLY E 94 19.51 -37.45 -17.52
C GLY E 94 18.73 -37.65 -16.23
N PHE E 95 17.42 -37.44 -16.21
CA PHE E 95 16.62 -37.73 -14.99
C PHE E 95 15.24 -38.32 -15.32
N PRO E 96 15.16 -39.46 -16.03
CA PRO E 96 13.85 -40.05 -16.43
C PRO E 96 12.93 -40.34 -15.23
N VAL E 97 13.48 -40.84 -14.12
CA VAL E 97 12.61 -41.23 -12.98
C VAL E 97 12.01 -39.97 -12.33
N LEU E 98 12.79 -38.91 -12.23
CA LEU E 98 12.25 -37.63 -11.69
C LEU E 98 11.01 -37.24 -12.50
N ALA E 99 11.13 -37.30 -13.83
CA ALA E 99 9.96 -36.99 -14.70
C ALA E 99 8.78 -37.85 -14.28
N GLU E 100 8.96 -39.17 -14.24
CA GLU E 100 7.81 -40.06 -13.94
C GLU E 100 7.17 -39.66 -12.62
N TYR E 101 7.96 -39.46 -11.57
CA TYR E 101 7.33 -39.21 -10.24
C TYR E 101 6.78 -37.79 -10.17
N ALA E 102 7.24 -36.89 -11.03
CA ALA E 102 6.63 -35.55 -11.07
C ALA E 102 5.18 -35.69 -11.58
N GLN E 103 5.00 -36.51 -12.61
CA GLN E 103 3.61 -36.77 -13.08
C GLN E 103 2.83 -37.44 -11.94
N ARG E 104 3.48 -38.33 -11.20
CA ARG E 104 2.79 -39.00 -10.07
C ARG E 104 2.29 -37.94 -9.07
N VAL E 105 3.14 -36.99 -8.71
CA VAL E 105 2.68 -35.93 -7.76
C VAL E 105 1.52 -35.15 -8.39
N GLY E 106 1.55 -34.95 -9.70
CA GLY E 106 0.53 -34.10 -10.34
C GLY E 106 -0.87 -34.68 -10.39
N GLN E 107 -1.07 -35.92 -9.93
CA GLN E 107 -2.40 -36.56 -10.02
C GLN E 107 -3.37 -35.86 -9.04
N PRO E 108 -4.68 -36.10 -9.11
CA PRO E 108 -5.66 -35.43 -8.21
C PRO E 108 -5.54 -35.97 -6.79
N ALA E 109 -5.14 -35.11 -5.85
CA ALA E 109 -4.94 -35.56 -4.45
C ALA E 109 -6.26 -35.54 -3.69
N GLU E 110 -6.60 -36.68 -3.08
CA GLU E 110 -7.83 -36.75 -2.26
C GLU E 110 -7.69 -35.81 -1.06
N SER E 111 -6.46 -35.58 -0.59
CA SER E 111 -6.30 -34.79 0.66
C SER E 111 -5.13 -33.82 0.58
N ARG E 112 -5.21 -32.73 1.34
CA ARG E 112 -4.06 -31.80 1.41
C ARG E 112 -2.87 -32.53 2.05
N ALA E 113 -3.14 -33.37 3.06
CA ALA E 113 -2.04 -34.12 3.70
C ALA E 113 -1.35 -35.01 2.68
N GLU E 114 -2.12 -35.61 1.77
CA GLU E 114 -1.50 -36.43 0.71
C GLU E 114 -0.63 -35.54 -0.19
N LEU E 115 -1.17 -34.39 -0.60
CA LEU E 115 -0.38 -33.48 -1.47
C LEU E 115 0.94 -33.17 -0.75
N LEU E 116 0.86 -32.84 0.54
CA LEU E 116 2.10 -32.46 1.28
C LEU E 116 3.04 -33.66 1.40
N ASP E 117 2.50 -34.85 1.63
CA ASP E 117 3.39 -36.04 1.68
C ASP E 117 4.15 -36.17 0.36
N ARG E 118 3.44 -36.17 -0.76
CA ARG E 118 4.11 -36.30 -2.07
C ARG E 118 5.11 -35.15 -2.27
N LEU E 119 4.69 -33.92 -1.98
CA LEU E 119 5.60 -32.78 -2.25
C LEU E 119 6.86 -32.92 -1.39
N THR E 120 6.71 -33.21 -0.09
CA THR E 120 7.89 -33.32 0.77
C THR E 120 8.78 -34.44 0.28
N THR E 121 8.19 -35.60 -0.04
CA THR E 121 9.02 -36.73 -0.46
C THR E 121 9.78 -36.36 -1.71
N PHE E 122 9.07 -35.91 -2.74
CA PHE E 122 9.73 -35.58 -4.04
C PHE E 122 10.76 -34.47 -3.84
N THR E 123 10.45 -33.47 -3.02
CA THR E 123 11.39 -32.37 -2.79
C THR E 123 12.65 -32.89 -2.11
N GLU E 124 12.51 -33.85 -1.20
CA GLU E 124 13.74 -34.43 -0.60
C GLU E 124 14.51 -35.21 -1.68
N TYR E 125 13.80 -36.03 -2.44
CA TYR E 125 14.45 -36.77 -3.54
C TYR E 125 15.22 -35.82 -4.42
N VAL E 126 14.55 -34.76 -4.90
CA VAL E 126 15.21 -33.84 -5.87
C VAL E 126 16.34 -33.06 -5.15
N ASN E 127 16.18 -32.77 -3.87
CA ASN E 127 17.28 -32.08 -3.15
C ASN E 127 18.50 -33.01 -3.03
N ARG E 128 18.26 -34.28 -2.78
CA ARG E 128 19.38 -35.24 -2.66
C ARG E 128 20.09 -35.34 -4.02
N LEU E 129 19.32 -35.36 -5.11
CA LEU E 129 19.96 -35.39 -6.46
C LEU E 129 20.73 -34.09 -6.67
N THR E 130 20.17 -32.96 -6.23
CA THR E 130 20.84 -31.65 -6.38
C THR E 130 22.15 -31.65 -5.62
N ALA E 131 22.17 -32.26 -4.44
CA ALA E 131 23.40 -32.30 -3.60
C ALA E 131 24.53 -32.92 -4.40
N TRP E 132 24.29 -34.09 -4.98
CA TRP E 132 25.37 -34.80 -5.72
C TRP E 132 25.71 -34.05 -7.03
N SER E 133 24.72 -33.49 -7.71
CA SER E 133 25.06 -32.75 -8.95
C SER E 133 25.91 -31.52 -8.61
N HIS E 134 25.69 -30.93 -7.43
CA HIS E 134 26.59 -29.81 -7.01
C HIS E 134 27.97 -30.37 -6.65
N HIS E 135 28.01 -31.56 -6.06
CA HIS E 135 29.33 -32.09 -5.65
C HIS E 135 30.15 -32.44 -6.90
N TYR E 136 29.48 -32.84 -7.98
CA TYR E 136 30.24 -33.32 -9.18
C TYR E 136 30.28 -32.26 -10.28
N PHE E 137 29.48 -31.19 -10.18
CA PHE E 137 29.56 -30.12 -11.22
C PHE E 137 31.01 -29.59 -11.27
N PRO E 138 31.62 -29.44 -12.47
CA PRO E 138 32.99 -28.89 -12.60
C PRO E 138 33.02 -27.40 -12.27
N TRP E 139 33.34 -27.07 -11.02
CA TRP E 139 33.42 -25.65 -10.61
C TRP E 139 34.78 -25.08 -10.99
N ASP E 140 35.76 -25.95 -11.25
CA ASP E 140 37.11 -25.49 -11.69
C ASP E 140 37.06 -25.15 -13.19
N LEU E 141 36.12 -25.75 -13.93
CA LEU E 141 36.02 -25.54 -15.40
C LEU E 141 36.44 -24.11 -15.76
N ASP E 175 16.63 -17.63 25.84
CA ASP E 175 17.05 -18.68 26.81
C ASP E 175 18.38 -19.28 26.37
N PRO E 176 19.48 -19.01 27.08
CA PRO E 176 20.82 -19.59 26.78
C PRO E 176 20.94 -21.03 27.30
N SER E 177 19.83 -21.78 27.27
CA SER E 177 19.85 -23.18 27.73
C SER E 177 19.36 -24.10 26.60
N GLN E 178 18.78 -23.51 25.55
CA GLN E 178 18.29 -24.29 24.39
C GLN E 178 19.49 -24.68 23.51
N ARG E 179 20.68 -24.18 23.84
CA ARG E 179 21.90 -24.54 23.09
C ARG E 179 22.07 -26.06 23.16
N ILE E 180 21.95 -26.75 22.02
CA ILE E 180 22.02 -28.25 22.02
C ILE E 180 23.47 -28.67 21.72
N PRO E 181 24.19 -29.31 22.68
CA PRO E 181 25.56 -29.81 22.43
C PRO E 181 25.56 -30.80 21.26
N VAL E 182 26.22 -30.42 20.16
CA VAL E 182 26.31 -31.34 18.99
C VAL E 182 27.80 -31.46 18.61
N ARG E 183 28.14 -32.37 17.69
CA ARG E 183 29.55 -32.56 17.26
C ARG E 183 29.59 -32.59 15.73
N LEU E 184 30.64 -32.02 15.12
CA LEU E 184 30.70 -31.93 13.64
C LEU E 184 31.85 -32.80 13.09
N THR E 185 31.95 -34.05 13.51
CA THR E 185 32.99 -34.95 12.96
C THR E 185 32.97 -34.82 11.45
N TRP E 186 34.14 -34.64 10.83
CA TRP E 186 34.20 -34.43 9.37
C TRP E 186 35.03 -35.51 8.69
N GLN E 187 34.42 -36.65 8.37
CA GLN E 187 35.15 -37.74 7.66
C GLN E 187 35.51 -37.27 6.24
N PRO E 188 36.49 -37.88 5.55
CA PRO E 188 37.45 -38.88 6.13
C PRO E 188 38.54 -38.17 6.93
N LEU E 189 38.47 -36.85 7.01
CA LEU E 189 39.47 -36.06 7.78
C LEU E 189 39.17 -36.17 9.28
N GLY E 190 38.00 -36.71 9.64
CA GLY E 190 37.64 -36.92 11.05
C GLY E 190 37.89 -35.67 11.87
N VAL E 191 37.41 -34.52 11.41
CA VAL E 191 37.57 -33.25 12.19
C VAL E 191 36.30 -33.03 13.04
N GLN E 192 36.28 -33.58 14.25
CA GLN E 192 35.11 -33.40 15.15
C GLN E 192 35.10 -31.96 15.67
N VAL E 193 34.40 -31.06 14.97
CA VAL E 193 34.30 -29.64 15.46
C VAL E 193 33.00 -29.52 16.29
N ASP E 194 33.00 -30.10 17.49
CA ASP E 194 31.80 -30.05 18.37
C ASP E 194 31.20 -28.64 18.34
N ALA E 195 29.92 -28.53 17.96
CA ALA E 195 29.26 -27.21 17.88
C ALA E 195 28.11 -27.15 18.89
N GLU E 196 27.15 -26.23 18.68
CA GLU E 196 25.99 -26.10 19.60
C GLU E 196 24.75 -25.63 18.81
N ILE E 197 23.73 -26.49 18.66
CA ILE E 197 22.47 -26.04 18.02
C ILE E 197 21.75 -25.15 19.04
N TYR E 198 21.88 -23.82 18.91
CA TYR E 198 21.30 -22.91 19.95
C TYR E 198 19.80 -23.16 20.09
N ALA E 199 19.13 -23.66 19.05
CA ALA E 199 17.69 -24.03 19.14
C ALA E 199 16.89 -22.97 19.92
N ASP E 200 17.29 -21.70 19.82
CA ASP E 200 16.56 -20.61 20.51
C ASP E 200 16.13 -19.60 19.45
N LEU E 201 16.85 -19.59 18.32
CA LEU E 201 16.52 -18.66 17.22
C LEU E 201 15.26 -19.17 16.52
N ASN E 202 15.34 -20.34 15.88
CA ASN E 202 14.14 -20.96 15.24
C ASN E 202 13.95 -22.36 15.85
N PRO E 203 13.43 -22.48 17.10
CA PRO E 203 13.30 -23.81 17.78
C PRO E 203 12.63 -24.81 16.87
N GLN E 204 11.45 -24.47 16.31
CA GLN E 204 10.74 -25.38 15.40
C GLN E 204 11.73 -25.92 14.36
N LEU E 205 12.36 -25.03 13.59
CA LEU E 205 13.37 -25.46 12.58
C LEU E 205 14.40 -26.36 13.26
N ALA E 206 15.00 -25.90 14.36
CA ALA E 206 16.03 -26.70 15.07
C ALA E 206 15.45 -28.06 15.47
N THR E 207 14.19 -28.10 15.90
CA THR E 207 13.56 -29.37 16.36
C THR E 207 13.57 -30.36 15.21
N ASP E 208 13.11 -29.94 14.03
CA ASP E 208 13.15 -30.83 12.84
C ASP E 208 14.58 -31.34 12.68
N VAL E 209 15.56 -30.42 12.77
CA VAL E 209 16.99 -30.82 12.65
C VAL E 209 17.36 -31.78 13.80
N LEU E 210 16.88 -31.51 15.01
CA LEU E 210 17.16 -32.47 16.10
C LEU E 210 16.50 -33.81 15.79
N LYS E 211 15.26 -33.81 15.35
CA LYS E 211 14.61 -35.09 14.95
C LYS E 211 15.46 -35.81 13.89
N ALA E 212 16.34 -35.10 13.18
CA ALA E 212 17.12 -35.74 12.10
C ALA E 212 18.44 -36.32 12.62
N LEU E 213 18.90 -35.87 13.78
CA LEU E 213 20.23 -36.36 14.23
C LEU E 213 20.11 -37.80 14.71
N PRO E 214 21.15 -38.63 14.52
CA PRO E 214 22.41 -38.24 13.83
C PRO E 214 22.31 -38.44 12.32
N PHE E 215 23.03 -37.63 11.53
CA PHE E 215 23.04 -37.92 10.07
C PHE E 215 24.47 -37.81 9.57
N THR E 216 24.77 -38.55 8.50
CA THR E 216 26.10 -38.45 7.88
C THR E 216 25.88 -38.10 6.42
N VAL E 217 26.04 -36.82 6.09
CA VAL E 217 25.77 -36.41 4.69
C VAL E 217 27.08 -35.95 4.04
N LEU E 218 27.15 -36.07 2.72
CA LEU E 218 28.34 -35.52 2.04
C LEU E 218 28.43 -34.03 2.39
N GLN E 219 29.66 -33.51 2.40
CA GLN E 219 29.85 -32.09 2.76
C GLN E 219 30.45 -31.37 1.56
N ASP E 220 29.91 -30.19 1.24
CA ASP E 220 30.39 -29.48 0.03
C ASP E 220 30.61 -28.00 0.36
N HIS E 221 31.24 -27.26 -0.56
CA HIS E 221 31.59 -25.84 -0.32
C HIS E 221 30.61 -24.90 -1.04
N ALA E 222 30.53 -23.66 -0.56
CA ALA E 222 29.70 -22.64 -1.24
C ALA E 222 30.52 -22.05 -2.40
N VAL E 223 29.94 -22.01 -3.58
CA VAL E 223 30.74 -21.55 -4.75
C VAL E 223 30.45 -20.08 -5.07
N VAL E 224 29.51 -19.45 -4.37
CA VAL E 224 29.30 -17.99 -4.63
C VAL E 224 29.37 -17.24 -3.29
N SER E 225 29.03 -17.92 -2.20
CA SER E 225 28.88 -17.24 -0.88
C SER E 225 30.22 -16.82 -0.23
N GLY E 226 31.36 -17.26 -0.76
CA GLY E 226 32.64 -16.93 -0.10
C GLY E 226 33.10 -18.07 0.80
N GLU E 227 33.46 -17.77 2.05
CA GLU E 227 33.94 -18.84 2.96
C GLU E 227 32.76 -19.43 3.75
N SER E 228 31.98 -20.26 3.07
CA SER E 228 30.92 -21.03 3.76
C SER E 228 30.95 -22.43 3.16
N MET E 229 30.41 -23.41 3.89
CA MET E 229 30.28 -24.76 3.31
C MET E 229 28.88 -25.24 3.71
N TYR E 230 28.33 -26.17 2.94
CA TYR E 230 26.93 -26.55 3.25
C TYR E 230 26.68 -28.03 2.95
N ALA E 231 25.76 -28.61 3.71
CA ALA E 231 25.50 -30.06 3.57
C ALA E 231 23.99 -30.31 3.55
N TRP E 232 23.50 -30.91 2.46
CA TRP E 232 22.06 -31.24 2.34
C TRP E 232 21.70 -32.28 3.39
N ALA E 233 20.97 -31.88 4.43
CA ALA E 233 20.56 -32.83 5.49
C ALA E 233 19.32 -33.62 5.03
N PRO E 234 19.05 -34.80 5.59
CA PRO E 234 17.94 -35.70 5.09
C PRO E 234 16.57 -35.39 5.66
N LEU E 235 16.13 -34.13 5.55
CA LEU E 235 14.76 -33.76 6.01
C LEU E 235 14.17 -32.69 5.10
N VAL E 236 12.85 -32.53 5.15
CA VAL E 236 12.23 -31.38 4.42
C VAL E 236 11.47 -30.58 5.48
N SER E 237 12.10 -29.52 5.98
CA SER E 237 11.50 -28.70 7.06
C SER E 237 10.69 -27.54 6.47
N VAL E 238 9.43 -27.41 6.91
CA VAL E 238 8.62 -26.24 6.47
C VAL E 238 8.34 -25.40 7.72
N ALA E 239 9.29 -25.38 8.66
CA ALA E 239 9.10 -24.65 9.94
C ALA E 239 9.32 -23.15 9.73
N PRO E 240 8.75 -22.28 10.59
CA PRO E 240 8.94 -20.80 10.51
C PRO E 240 10.40 -20.42 10.73
N THR E 241 10.75 -19.17 10.42
CA THR E 241 12.12 -18.69 10.63
C THR E 241 12.06 -17.31 11.24
N PRO E 242 11.68 -17.16 12.53
CA PRO E 242 11.51 -15.82 13.17
C PRO E 242 12.84 -15.12 13.39
N VAL E 243 13.93 -15.88 13.36
CA VAL E 243 15.27 -15.27 13.63
C VAL E 243 16.21 -15.64 12.49
N ARG E 244 16.42 -14.71 11.57
CA ARG E 244 17.34 -14.98 10.43
C ARG E 244 18.46 -13.93 10.48
N GLU E 245 19.71 -14.39 10.40
CA GLU E 245 20.83 -13.44 10.31
C GLU E 245 21.36 -13.49 8.89
N ARG E 246 21.79 -12.35 8.35
CA ARG E 246 22.20 -12.37 6.93
C ARG E 246 23.65 -12.85 6.83
N ILE E 247 23.97 -13.53 5.72
CA ILE E 247 25.29 -14.20 5.62
C ILE E 247 26.48 -13.25 5.85
N CYS E 248 26.52 -12.09 5.22
CA CYS E 248 27.76 -11.28 5.37
C CYS E 248 27.91 -10.77 6.81
N ASP E 249 26.89 -10.94 7.65
CA ASP E 249 27.04 -10.55 9.07
C ASP E 249 27.29 -11.79 9.92
N ALA E 250 27.57 -12.92 9.30
CA ALA E 250 27.65 -14.14 10.13
C ALA E 250 28.98 -14.22 10.86
N PRO E 251 28.99 -14.66 12.13
CA PRO E 251 30.26 -14.90 12.87
C PRO E 251 30.87 -16.21 12.39
N VAL E 252 32.19 -16.31 12.48
CA VAL E 252 32.85 -17.59 12.11
C VAL E 252 32.35 -18.67 13.08
N GLY E 253 31.84 -19.78 12.54
CA GLY E 253 31.24 -20.81 13.42
C GLY E 253 29.72 -20.74 13.34
N ARG E 254 29.19 -19.73 12.65
CA ARG E 254 27.73 -19.64 12.51
C ARG E 254 27.19 -20.86 11.76
N LEU E 255 26.23 -21.55 12.38
CA LEU E 255 25.56 -22.66 11.67
C LEU E 255 24.20 -22.13 11.26
N ARG E 256 23.96 -22.04 9.95
CA ARG E 256 22.61 -21.65 9.49
C ARG E 256 21.94 -22.90 8.89
N PHE E 257 20.65 -22.79 8.60
CA PHE E 257 19.94 -23.93 7.94
C PHE E 257 19.16 -23.42 6.73
N SER E 258 19.64 -23.74 5.53
CA SER E 258 18.92 -23.33 4.29
C SER E 258 17.60 -24.10 4.20
N GLN E 259 16.55 -23.44 3.71
CA GLN E 259 15.23 -24.12 3.53
C GLN E 259 14.75 -23.88 2.09
N ALA E 260 14.60 -22.60 1.70
CA ALA E 260 14.11 -22.26 0.35
C ALA E 260 15.08 -22.78 -0.71
N THR E 261 16.38 -22.55 -0.52
CA THR E 261 17.40 -23.04 -1.48
C THR E 261 17.43 -24.54 -1.42
N GLY E 262 17.08 -25.12 -0.27
CA GLY E 262 17.10 -26.59 -0.10
C GLY E 262 17.43 -26.94 1.33
N ASN E 263 16.54 -27.68 2.01
CA ASN E 263 16.77 -28.00 3.45
C ASN E 263 18.18 -28.56 3.64
N LYS E 264 19.07 -27.79 4.28
CA LYS E 264 20.48 -28.23 4.43
C LYS E 264 21.14 -27.43 5.57
N VAL E 265 22.14 -28.03 6.23
CA VAL E 265 22.89 -27.32 7.32
C VAL E 265 24.04 -26.54 6.67
N ILE E 266 24.49 -25.45 7.30
CA ILE E 266 25.54 -24.60 6.68
C ILE E 266 26.53 -24.12 7.75
N VAL E 267 27.83 -24.31 7.47
CA VAL E 267 28.88 -23.90 8.43
C VAL E 267 29.63 -22.71 7.85
N GLN E 268 29.69 -21.60 8.58
CA GLN E 268 30.49 -20.46 8.10
C GLN E 268 31.86 -20.49 8.80
N TYR E 269 32.93 -20.46 8.00
CA TYR E 269 34.29 -20.45 8.60
C TYR E 269 35.06 -19.20 8.17
N GLY E 270 34.44 -18.35 7.36
CA GLY E 270 35.11 -17.09 6.98
C GLY E 270 34.14 -16.05 6.51
N PRO E 271 34.61 -14.85 6.17
CA PRO E 271 33.73 -13.73 5.78
C PRO E 271 32.95 -14.12 4.53
N THR E 272 31.75 -13.56 4.39
CA THR E 272 30.87 -14.00 3.30
C THR E 272 30.33 -12.83 2.52
N THR E 273 30.32 -12.94 1.20
CA THR E 273 29.90 -11.80 0.37
C THR E 273 28.39 -11.65 0.31
N GLU E 274 27.64 -12.74 0.45
CA GLU E 274 26.17 -12.67 0.22
C GLU E 274 25.44 -11.67 1.13
N THR E 275 24.27 -11.20 0.68
CA THR E 275 23.50 -10.17 1.43
C THR E 275 22.11 -10.68 1.81
N LEU E 276 21.82 -11.95 1.57
CA LEU E 276 20.49 -12.49 1.97
C LEU E 276 20.54 -12.97 3.42
N SER E 277 19.37 -13.17 4.02
CA SER E 277 19.35 -13.54 5.46
C SER E 277 18.89 -14.99 5.63
N SER E 278 19.66 -15.79 6.38
CA SER E 278 19.36 -17.24 6.57
C SER E 278 18.95 -17.51 8.01
N PRO E 279 18.09 -18.51 8.27
CA PRO E 279 17.75 -18.90 9.65
C PRO E 279 19.03 -19.23 10.41
N VAL E 280 18.98 -19.03 11.72
CA VAL E 280 20.20 -19.28 12.55
C VAL E 280 19.97 -20.56 13.35
N LEU E 281 20.77 -21.59 13.10
CA LEU E 281 20.60 -22.89 13.79
C LEU E 281 21.44 -22.92 15.08
N GLY E 282 22.67 -22.42 15.01
CA GLY E 282 23.47 -22.38 16.25
C GLY E 282 24.85 -21.84 15.98
N LYS E 283 25.82 -22.24 16.82
CA LYS E 283 27.21 -21.81 16.53
C LYS E 283 28.18 -22.81 17.16
N VAL E 284 29.36 -22.93 16.54
CA VAL E 284 30.40 -23.83 17.10
C VAL E 284 30.87 -23.27 18.45
N VAL E 285 31.24 -24.16 19.35
CA VAL E 285 31.80 -23.66 20.63
C VAL E 285 33.08 -22.87 20.31
N ASP E 286 33.37 -21.84 21.09
CA ASP E 286 34.51 -20.96 20.75
C ASP E 286 35.81 -21.75 20.56
N SER E 287 36.25 -22.51 21.56
CA SER E 287 37.57 -23.20 21.50
C SER E 287 37.76 -24.06 20.25
N HIS E 288 36.67 -24.48 19.60
CA HIS E 288 36.85 -25.43 18.46
C HIS E 288 36.79 -24.69 17.12
N ALA E 289 36.49 -23.39 17.12
CA ALA E 289 36.51 -22.62 15.86
C ALA E 289 37.86 -22.83 15.15
N ASP E 290 38.93 -22.98 15.94
CA ASP E 290 40.29 -23.16 15.35
C ASP E 290 40.28 -24.28 14.31
N ARG E 291 39.57 -25.37 14.57
CA ARG E 291 39.69 -26.51 13.63
C ARG E 291 38.86 -26.31 12.36
N LEU E 292 38.08 -25.23 12.24
CA LEU E 292 37.16 -25.11 11.08
C LEU E 292 37.89 -24.76 9.76
N ALA E 293 38.86 -23.84 9.79
CA ALA E 293 39.49 -23.40 8.52
C ALA E 293 40.09 -24.58 7.76
N GLU E 294 40.77 -25.48 8.49
CA GLU E 294 41.39 -26.65 7.84
C GLU E 294 40.31 -27.48 7.16
N VAL E 295 39.11 -27.52 7.75
CA VAL E 295 37.99 -28.20 7.05
C VAL E 295 37.67 -27.38 5.80
N GLY E 296 37.47 -26.07 5.98
CA GLY E 296 37.10 -25.21 4.83
C GLY E 296 37.96 -25.49 3.62
N LYS E 297 39.26 -25.24 3.71
CA LYS E 297 40.12 -25.40 2.51
C LYS E 297 39.88 -26.78 1.87
N ALA E 298 39.91 -27.84 2.69
CA ALA E 298 39.73 -29.20 2.13
C ALA E 298 38.35 -29.31 1.49
N VAL E 299 37.32 -28.86 2.20
CA VAL E 299 35.97 -28.86 1.58
C VAL E 299 36.06 -28.11 0.25
N TRP E 300 36.79 -26.99 0.22
CA TRP E 300 36.88 -26.20 -1.02
C TRP E 300 37.57 -26.98 -2.13
N GLU E 301 38.54 -27.82 -1.77
CA GLU E 301 39.22 -28.63 -2.82
C GLU E 301 38.28 -29.73 -3.32
N SER E 302 37.26 -30.10 -2.53
CA SER E 302 36.39 -31.24 -2.93
C SER E 302 35.41 -30.82 -4.05
N THR E 303 34.65 -29.75 -3.83
CA THR E 303 33.71 -29.33 -4.89
C THR E 303 34.47 -28.84 -6.10
N PHE E 304 35.50 -28.02 -5.89
CA PHE E 304 36.16 -27.41 -7.08
C PHE E 304 36.89 -28.44 -7.91
N SER E 305 37.97 -28.99 -7.37
CA SER E 305 38.85 -29.86 -8.19
C SER E 305 38.75 -31.34 -7.84
N SER E 306 39.08 -31.71 -6.61
CA SER E 306 39.19 -33.15 -6.25
C SER E 306 37.90 -33.97 -6.45
N LYS E 307 36.74 -33.42 -6.14
CA LYS E 307 35.47 -34.22 -6.18
C LYS E 307 35.64 -35.46 -5.28
N GLU E 308 36.56 -35.36 -4.31
CA GLU E 308 36.84 -36.50 -3.40
C GLU E 308 35.96 -36.34 -2.18
N PRO E 309 35.04 -37.26 -1.93
CA PRO E 309 34.02 -37.11 -0.87
C PRO E 309 34.53 -36.75 0.51
N VAL E 310 33.90 -35.72 1.08
CA VAL E 310 34.17 -35.37 2.50
C VAL E 310 32.82 -35.54 3.19
N TRP E 311 32.80 -36.27 4.31
CA TRP E 311 31.51 -36.62 4.95
C TRP E 311 31.36 -35.93 6.30
N LEU E 312 30.17 -35.39 6.54
CA LEU E 312 29.91 -34.74 7.83
C LEU E 312 28.95 -35.58 8.65
N THR E 313 29.36 -35.92 9.88
CA THR E 313 28.44 -36.59 10.81
C THR E 313 27.95 -35.52 11.76
N VAL E 314 26.63 -35.47 11.96
CA VAL E 314 26.08 -34.53 12.97
C VAL E 314 25.32 -35.38 13.99
N GLU E 315 25.66 -35.23 15.26
CA GLU E 315 25.04 -36.08 16.30
C GLU E 315 24.77 -35.22 17.54
N ARG E 316 23.82 -35.65 18.37
CA ARG E 316 23.58 -34.86 19.59
C ARG E 316 24.41 -35.39 20.74
N LEU E 317 25.07 -34.48 21.47
CA LEU E 317 25.77 -34.88 22.71
C LEU E 317 24.79 -34.66 23.86
N ALA F 3 1.37 -0.11 -16.16
CA ALA F 3 1.81 -0.69 -14.90
C ALA F 3 3.31 -0.38 -14.63
N LEU F 4 4.17 -0.61 -15.64
CA LEU F 4 5.58 -0.31 -15.45
C LEU F 4 6.21 0.26 -16.72
N PRO F 5 5.78 1.42 -17.20
CA PRO F 5 6.30 1.91 -18.49
C PRO F 5 7.80 2.10 -18.52
N GLU F 6 8.44 2.29 -17.37
CA GLU F 6 9.90 2.37 -17.33
C GLU F 6 10.51 1.03 -17.67
N LEU F 7 9.96 -0.05 -17.11
CA LEU F 7 10.38 -1.37 -17.52
C LEU F 7 10.21 -1.54 -19.01
N ARG F 8 9.21 -0.88 -19.59
CA ARG F 8 8.94 -1.00 -21.02
C ARG F 8 9.99 -0.26 -21.86
N GLU F 9 10.42 0.91 -21.40
CA GLU F 9 11.56 1.55 -22.07
C GLU F 9 12.83 0.74 -21.89
N LEU F 10 13.01 0.12 -20.72
CA LEU F 10 14.10 -0.84 -20.51
C LEU F 10 14.07 -1.94 -21.59
N ILE F 11 12.90 -2.57 -21.77
CA ILE F 11 12.79 -3.63 -22.78
C ILE F 11 13.17 -3.10 -24.14
N ALA F 12 12.42 -2.10 -24.62
CA ALA F 12 12.63 -1.60 -25.97
C ALA F 12 14.07 -1.12 -26.17
N SER F 13 14.73 -0.69 -25.11
CA SER F 13 16.11 -0.27 -25.18
C SER F 13 17.04 -1.47 -25.29
N PHE F 14 16.70 -2.56 -24.61
CA PHE F 14 17.55 -3.73 -24.54
C PHE F 14 17.41 -4.65 -25.74
N VAL F 15 16.36 -4.48 -26.54
CA VAL F 15 16.28 -5.22 -27.81
C VAL F 15 17.51 -4.93 -28.66
N SER F 16 17.98 -3.69 -28.61
CA SER F 16 19.04 -3.18 -29.45
C SER F 16 20.41 -3.26 -28.79
N GLU F 17 20.47 -3.03 -27.48
CA GLU F 17 21.72 -2.86 -26.77
C GLU F 17 21.82 -3.85 -25.61
N GLU F 18 23.03 -4.06 -25.16
CA GLU F 18 23.30 -5.08 -24.15
C GLU F 18 23.05 -4.52 -22.74
N PRO F 19 22.37 -5.27 -21.86
CA PRO F 19 22.11 -4.74 -20.52
C PRO F 19 23.41 -4.46 -19.80
N PRO F 20 23.51 -3.35 -19.07
CA PRO F 20 24.73 -3.11 -18.29
C PRO F 20 25.01 -4.23 -17.31
N GLU F 21 23.95 -4.88 -16.82
CA GLU F 21 24.07 -6.03 -15.93
C GLU F 21 24.91 -7.13 -16.56
N ILE F 22 24.50 -7.60 -17.75
CA ILE F 22 25.21 -8.65 -18.48
C ILE F 22 26.68 -8.29 -18.64
N ARG F 23 26.94 -7.09 -19.13
CA ARG F 23 28.31 -6.70 -19.39
C ARG F 23 29.13 -6.75 -18.11
N ARG F 24 28.64 -6.13 -17.03
CA ARG F 24 29.35 -6.22 -15.76
C ARG F 24 29.62 -7.66 -15.39
N ILE F 25 28.60 -8.52 -15.48
CA ILE F 25 28.74 -9.92 -15.10
C ILE F 25 29.88 -10.57 -15.87
N ARG F 26 29.85 -10.48 -17.20
CA ARG F 26 30.86 -11.17 -18.00
C ARG F 26 32.26 -10.62 -17.75
N THR F 27 32.34 -9.34 -17.43
CA THR F 27 33.62 -8.71 -17.15
C THR F 27 34.06 -8.88 -15.72
N GLY F 28 33.15 -9.37 -14.87
CA GLY F 28 33.48 -9.59 -13.45
C GLY F 28 33.37 -8.30 -12.66
N THR F 29 32.90 -7.23 -13.31
CA THR F 29 32.70 -5.95 -12.59
C THR F 29 31.30 -5.94 -12.01
N VAL F 30 30.74 -7.11 -11.73
CA VAL F 30 29.40 -7.19 -11.07
C VAL F 30 29.50 -6.47 -9.71
N PHE F 41 33.44 -17.24 -12.14
CA PHE F 41 32.87 -18.17 -13.14
C PHE F 41 31.68 -18.87 -12.50
N THR F 42 31.85 -19.27 -11.23
CA THR F 42 30.77 -19.96 -10.49
C THR F 42 29.58 -19.02 -10.36
N ALA F 43 29.81 -17.82 -9.84
CA ALA F 43 28.73 -16.81 -9.72
C ALA F 43 28.09 -16.57 -11.08
N TRP F 44 28.92 -16.41 -12.12
CA TRP F 44 28.38 -16.23 -13.49
C TRP F 44 27.44 -17.38 -13.82
N ASP F 45 27.91 -18.63 -13.67
CA ASP F 45 27.04 -19.80 -13.91
C ASP F 45 25.72 -19.61 -13.18
N PHE F 46 25.78 -19.28 -11.88
CA PHE F 46 24.55 -19.12 -11.12
C PHE F 46 23.70 -17.99 -11.68
N SER F 47 24.33 -16.87 -12.03
CA SER F 47 23.59 -15.75 -12.62
C SER F 47 22.86 -16.18 -13.87
N ASN F 48 23.60 -16.76 -14.80
CA ASN F 48 23.03 -17.24 -16.05
C ASN F 48 21.84 -18.18 -15.82
N SER F 49 22.09 -19.32 -15.18
CA SER F 49 21.01 -20.30 -15.10
C SER F 49 19.85 -19.80 -14.24
N ILE F 50 20.14 -19.04 -13.18
CA ILE F 50 19.06 -18.67 -12.29
C ILE F 50 18.18 -17.61 -12.92
N VAL F 51 18.75 -16.67 -13.69
CA VAL F 51 17.89 -15.74 -14.40
C VAL F 51 17.11 -16.46 -15.51
N ARG F 52 17.74 -17.44 -16.17
CA ARG F 52 17.03 -18.22 -17.16
C ARG F 52 15.77 -18.81 -16.53
N ASP F 53 15.98 -19.53 -15.44
CA ASP F 53 14.88 -20.30 -14.86
C ASP F 53 13.90 -19.36 -14.18
N TYR F 54 14.37 -18.21 -13.76
CA TYR F 54 13.45 -17.22 -13.23
C TYR F 54 12.44 -16.85 -14.28
N ALA F 55 12.92 -16.46 -15.46
CA ALA F 55 11.99 -16.15 -16.54
C ALA F 55 11.09 -17.32 -16.85
N MET F 56 11.59 -18.55 -16.70
CA MET F 56 10.69 -19.68 -16.92
C MET F 56 9.58 -19.73 -15.88
N ASN F 57 9.89 -19.34 -14.63
CA ASN F 57 8.85 -19.31 -13.60
C ASN F 57 7.86 -18.19 -13.85
N LEU F 58 8.37 -17.00 -14.16
CA LEU F 58 7.53 -15.86 -14.50
C LEU F 58 6.59 -16.16 -15.66
N TYR F 59 7.03 -16.92 -16.66
CA TYR F 59 6.11 -17.17 -17.75
C TYR F 59 4.92 -17.99 -17.27
N GLN F 60 5.16 -19.01 -16.45
CA GLN F 60 4.04 -19.82 -16.01
C GLN F 60 3.19 -19.05 -15.03
N LEU F 61 3.78 -18.11 -14.30
CA LEU F 61 2.96 -17.25 -13.46
C LEU F 61 2.04 -16.40 -14.33
N THR F 62 2.52 -16.00 -15.50
CA THR F 62 1.66 -15.27 -16.45
C THR F 62 0.56 -16.20 -17.01
N ARG F 63 0.97 -17.32 -17.59
CA ARG F 63 0.04 -18.33 -18.06
C ARG F 63 -1.00 -18.69 -17.00
N LEU F 64 -0.64 -18.60 -15.72
CA LEU F 64 -1.61 -18.83 -14.65
C LEU F 64 -2.44 -17.61 -14.36
N ALA F 65 -1.87 -16.42 -14.53
CA ALA F 65 -2.68 -15.21 -14.44
C ALA F 65 -3.86 -15.29 -15.38
N THR F 66 -3.70 -15.95 -16.55
CA THR F 66 -4.87 -16.14 -17.41
C THR F 66 -5.93 -16.99 -16.73
N ASP F 67 -5.52 -17.89 -15.82
CA ASP F 67 -6.43 -18.84 -15.21
C ASP F 67 -7.35 -18.13 -14.22
N GLU F 68 -8.61 -17.96 -14.59
CA GLU F 68 -9.59 -17.44 -13.64
C GLU F 68 -10.02 -18.48 -12.61
N SER F 69 -9.40 -19.67 -12.64
CA SER F 69 -9.70 -20.69 -11.61
C SER F 69 -9.01 -20.30 -10.28
N VAL F 70 -7.92 -19.55 -10.35
CA VAL F 70 -7.18 -19.20 -9.15
C VAL F 70 -7.42 -17.74 -8.83
N SER F 71 -7.67 -17.44 -7.57
CA SER F 71 -7.89 -16.07 -7.14
C SER F 71 -6.68 -15.22 -7.43
N VAL F 72 -6.88 -13.90 -7.40
CA VAL F 72 -5.75 -13.00 -7.46
C VAL F 72 -5.03 -12.98 -6.11
N GLU F 73 -5.77 -13.01 -5.01
CA GLU F 73 -5.11 -13.11 -3.71
C GLU F 73 -4.21 -14.34 -3.66
N ASN F 74 -4.71 -15.48 -4.15
CA ASN F 74 -3.93 -16.71 -4.13
C ASN F 74 -2.78 -16.66 -5.13
N LEU F 75 -3.00 -16.05 -6.28
CA LEU F 75 -1.93 -15.94 -7.26
C LEU F 75 -0.80 -15.08 -6.74
N LEU F 76 -1.14 -13.99 -6.09
CA LEU F 76 -0.17 -13.16 -5.40
C LEU F 76 0.53 -13.91 -4.29
N THR F 77 -0.17 -14.78 -3.56
CA THR F 77 0.55 -15.49 -2.50
C THR F 77 1.47 -16.57 -3.07
N VAL F 78 1.12 -17.19 -4.19
CA VAL F 78 2.09 -18.07 -4.85
C VAL F 78 3.29 -17.26 -5.33
N PHE F 79 3.03 -16.06 -5.87
CA PHE F 79 4.12 -15.20 -6.30
C PHE F 79 5.04 -14.81 -5.14
N ARG F 80 4.44 -14.48 -3.98
CA ARG F 80 5.23 -14.08 -2.81
C ARG F 80 5.95 -15.26 -2.16
N THR F 81 5.42 -16.48 -2.32
CA THR F 81 6.17 -17.64 -1.88
C THR F 81 7.37 -17.89 -2.78
N LEU F 82 7.13 -18.03 -4.09
CA LEU F 82 8.19 -18.52 -5.00
C LEU F 82 9.25 -17.46 -5.27
N ASP F 83 8.83 -16.23 -5.50
CA ASP F 83 9.73 -15.22 -6.05
C ASP F 83 10.93 -14.92 -5.17
N PRO F 84 10.78 -14.57 -3.88
CA PRO F 84 11.90 -13.96 -3.15
C PRO F 84 13.22 -14.69 -3.27
N ILE F 85 13.22 -16.02 -3.10
CA ILE F 85 14.48 -16.74 -3.14
C ILE F 85 15.17 -16.54 -4.49
N TYR F 86 14.42 -16.40 -5.59
CA TYR F 86 15.00 -16.13 -6.91
C TYR F 86 15.43 -14.68 -7.07
N SER F 87 14.49 -13.75 -6.85
CA SER F 87 14.78 -12.36 -7.17
C SER F 87 15.80 -11.75 -6.22
N THR F 88 15.67 -11.99 -4.91
CA THR F 88 16.61 -11.37 -3.97
C THR F 88 18.02 -11.87 -4.23
N PHE F 89 18.16 -13.17 -4.50
CA PHE F 89 19.47 -13.67 -4.87
C PHE F 89 19.98 -12.99 -6.12
N LEU F 90 19.15 -12.90 -7.17
CA LEU F 90 19.58 -12.23 -8.39
C LEU F 90 20.09 -10.83 -8.07
N GLY F 91 19.34 -10.11 -7.23
CA GLY F 91 19.77 -8.78 -6.82
C GLY F 91 21.16 -8.82 -6.25
N TYR F 92 21.45 -9.82 -5.42
CA TYR F 92 22.82 -10.00 -4.94
C TYR F 92 23.79 -10.28 -6.10
N ASN F 93 23.42 -11.19 -6.98
CA ASN F 93 24.31 -11.79 -7.96
C ASN F 93 24.23 -11.13 -9.33
N GLY F 94 24.00 -9.82 -9.40
CA GLY F 94 24.15 -9.07 -10.64
C GLY F 94 22.89 -8.45 -11.22
N PHE F 95 21.69 -8.72 -10.71
CA PHE F 95 20.45 -8.16 -11.25
C PHE F 95 19.68 -7.40 -10.18
N PRO F 96 20.24 -6.31 -9.68
CA PRO F 96 19.53 -5.54 -8.64
C PRO F 96 18.21 -4.96 -9.14
N VAL F 97 18.22 -4.29 -10.29
CA VAL F 97 17.03 -3.64 -10.82
C VAL F 97 15.88 -4.62 -10.89
N LEU F 98 16.19 -5.84 -11.36
CA LEU F 98 15.20 -6.91 -11.41
C LEU F 98 14.68 -7.26 -10.03
N ALA F 99 15.53 -7.23 -9.00
CA ALA F 99 15.04 -7.47 -7.66
C ALA F 99 14.03 -6.40 -7.26
N GLU F 100 14.33 -5.14 -7.59
CA GLU F 100 13.41 -4.04 -7.29
C GLU F 100 12.05 -4.24 -7.98
N TYR F 101 12.08 -4.42 -9.30
CA TYR F 101 10.81 -4.57 -10.01
C TYR F 101 10.11 -5.85 -9.61
N ALA F 102 10.88 -6.88 -9.27
CA ALA F 102 10.29 -8.09 -8.75
C ALA F 102 9.46 -7.78 -7.52
N GLN F 103 10.06 -7.09 -6.57
CA GLN F 103 9.29 -6.66 -5.40
C GLN F 103 8.05 -5.91 -5.84
N ARG F 104 8.18 -5.07 -6.87
CA ARG F 104 7.05 -4.23 -7.28
C ARG F 104 5.88 -5.08 -7.78
N VAL F 105 6.17 -6.24 -8.38
CA VAL F 105 5.13 -7.12 -8.94
C VAL F 105 4.21 -7.72 -7.86
N GLY F 106 4.65 -7.80 -6.61
CA GLY F 106 3.93 -8.53 -5.59
C GLY F 106 3.07 -7.73 -4.65
N GLN F 107 2.77 -6.54 -4.98
CA GLN F 107 2.04 -5.63 -4.11
C GLN F 107 0.55 -5.64 -4.45
N PRO F 108 -0.33 -5.36 -3.48
CA PRO F 108 -1.77 -5.49 -3.73
C PRO F 108 -2.24 -4.83 -5.02
N ALA F 109 -2.78 -5.63 -5.92
CA ALA F 109 -3.33 -5.16 -7.19
C ALA F 109 -4.85 -5.22 -7.15
N GLU F 110 -5.47 -4.23 -7.80
CA GLU F 110 -6.93 -4.18 -7.83
C GLU F 110 -7.54 -5.11 -8.86
N SER F 111 -6.79 -5.50 -9.89
CA SER F 111 -7.34 -6.17 -11.07
C SER F 111 -6.54 -7.42 -11.41
N ARG F 112 -7.23 -8.42 -11.96
CA ARG F 112 -6.50 -9.52 -12.59
C ARG F 112 -5.68 -9.01 -13.76
N ALA F 113 -6.31 -8.24 -14.65
CA ALA F 113 -5.60 -7.60 -15.75
C ALA F 113 -4.36 -6.89 -15.28
N GLU F 114 -4.39 -6.30 -14.09
CA GLU F 114 -3.23 -5.51 -13.66
C GLU F 114 -2.05 -6.41 -13.29
N LEU F 115 -2.27 -7.34 -12.36
CA LEU F 115 -1.22 -8.29 -12.02
C LEU F 115 -0.68 -8.94 -13.28
N LEU F 116 -1.57 -9.20 -14.24
CA LEU F 116 -1.16 -9.82 -15.52
C LEU F 116 -0.27 -8.90 -16.33
N ASP F 117 -0.67 -7.63 -16.46
CA ASP F 117 0.16 -6.64 -17.13
C ASP F 117 1.58 -6.70 -16.58
N ARG F 118 1.70 -6.66 -15.25
CA ARG F 118 3.06 -6.66 -14.69
C ARG F 118 3.76 -8.01 -14.91
N LEU F 119 3.03 -9.11 -14.84
CA LEU F 119 3.66 -10.39 -15.12
C LEU F 119 4.26 -10.38 -16.52
N THR F 120 3.46 -9.98 -17.51
CA THR F 120 3.92 -9.96 -18.90
C THR F 120 5.14 -9.06 -19.08
N THR F 121 5.05 -7.83 -18.59
CA THR F 121 6.15 -6.88 -18.73
C THR F 121 7.42 -7.43 -18.10
N PHE F 122 7.33 -7.84 -16.84
CA PHE F 122 8.53 -8.26 -16.14
C PHE F 122 9.06 -9.55 -16.76
N THR F 123 8.18 -10.43 -17.22
CA THR F 123 8.62 -11.66 -17.87
C THR F 123 9.41 -11.35 -19.13
N GLU F 124 8.86 -10.47 -19.98
CA GLU F 124 9.58 -10.09 -21.19
C GLU F 124 10.91 -9.44 -20.86
N TYR F 125 10.91 -8.59 -19.83
CA TYR F 125 12.16 -7.99 -19.36
C TYR F 125 13.19 -9.05 -19.02
N VAL F 126 12.83 -9.96 -18.10
CA VAL F 126 13.75 -11.01 -17.67
C VAL F 126 14.11 -11.92 -18.83
N ASN F 127 13.22 -12.04 -19.83
CA ASN F 127 13.58 -12.87 -20.97
C ASN F 127 14.67 -12.20 -21.80
N ARG F 128 14.63 -10.88 -21.90
CA ARG F 128 15.69 -10.17 -22.60
C ARG F 128 17.00 -10.30 -21.82
N LEU F 129 16.90 -10.26 -20.49
CA LEU F 129 18.08 -10.51 -19.66
C LEU F 129 18.64 -11.91 -19.88
N THR F 130 17.77 -12.93 -19.88
CA THR F 130 18.18 -14.31 -20.15
C THR F 130 18.80 -14.42 -21.54
N ALA F 131 18.15 -13.81 -22.53
CA ALA F 131 18.65 -13.83 -23.89
C ALA F 131 20.09 -13.34 -23.95
N TRP F 132 20.32 -12.10 -23.54
CA TRP F 132 21.68 -11.58 -23.56
C TRP F 132 22.64 -12.46 -22.77
N SER F 133 22.21 -13.00 -21.63
CA SER F 133 23.12 -13.87 -20.90
C SER F 133 23.47 -15.12 -21.69
N HIS F 134 22.48 -15.75 -22.30
CA HIS F 134 22.77 -16.88 -23.17
C HIS F 134 23.82 -16.50 -24.19
N HIS F 135 23.64 -15.36 -24.87
CA HIS F 135 24.55 -15.07 -25.96
C HIS F 135 25.99 -15.03 -25.50
N TYR F 136 26.23 -14.45 -24.33
CA TYR F 136 27.57 -14.18 -23.84
C TYR F 136 28.09 -15.21 -22.86
N PHE F 137 27.34 -16.24 -22.52
CA PHE F 137 27.85 -17.22 -21.59
C PHE F 137 28.91 -18.07 -22.28
N PRO F 138 30.06 -18.28 -21.66
CA PRO F 138 31.13 -19.05 -22.31
C PRO F 138 30.92 -20.55 -22.22
N TRP F 139 30.34 -21.16 -23.26
CA TRP F 139 30.07 -22.59 -23.25
C TRP F 139 31.24 -23.41 -23.76
N ASP F 140 32.19 -22.77 -24.45
CA ASP F 140 33.30 -23.46 -25.11
C ASP F 140 34.28 -24.07 -24.12
N LEU F 141 34.24 -23.66 -22.85
CA LEU F 141 35.13 -24.28 -21.88
C LEU F 141 34.87 -25.76 -21.75
N SER F 169 2.88 -36.03 -41.47
CA SER F 169 3.41 -34.68 -41.34
C SER F 169 2.36 -33.70 -40.84
N VAL F 170 2.79 -32.74 -40.03
CA VAL F 170 1.88 -31.66 -39.61
C VAL F 170 1.89 -30.50 -40.58
N ASP F 171 2.93 -30.36 -41.40
CA ASP F 171 2.84 -29.47 -42.56
C ASP F 171 1.61 -29.80 -43.36
N SER F 172 1.25 -31.09 -43.44
CA SER F 172 0.10 -31.54 -44.21
C SER F 172 -1.20 -30.93 -43.72
N LEU F 173 -1.26 -30.58 -42.43
CA LEU F 173 -2.54 -30.26 -41.83
C LEU F 173 -3.05 -28.89 -42.28
N GLY F 174 -4.34 -28.68 -42.06
CA GLY F 174 -4.93 -27.39 -42.34
C GLY F 174 -4.96 -27.07 -43.83
N ASP F 175 -4.92 -25.77 -44.11
CA ASP F 175 -5.16 -25.24 -45.45
C ASP F 175 -3.95 -24.45 -45.91
N PRO F 176 -3.35 -24.76 -47.06
CA PRO F 176 -2.29 -23.89 -47.59
C PRO F 176 -2.79 -22.52 -48.01
N SER F 177 -4.12 -22.36 -48.19
CA SER F 177 -4.68 -21.05 -48.48
C SER F 177 -4.35 -20.06 -47.38
N GLN F 178 -4.47 -20.47 -46.13
CA GLN F 178 -4.27 -19.60 -44.98
C GLN F 178 -2.79 -19.35 -44.66
N ARG F 179 -1.88 -19.92 -45.43
CA ARG F 179 -0.46 -19.78 -45.13
C ARG F 179 0.04 -18.38 -45.45
N ILE F 180 0.99 -17.88 -44.65
CA ILE F 180 1.29 -16.45 -44.61
C ILE F 180 2.77 -16.17 -44.82
N PRO F 181 3.19 -15.59 -45.94
CA PRO F 181 4.63 -15.36 -46.16
C PRO F 181 5.25 -14.40 -45.15
N VAL F 182 6.51 -14.69 -44.80
CA VAL F 182 7.41 -13.77 -44.12
C VAL F 182 8.78 -13.92 -44.77
N ARG F 183 9.66 -12.96 -44.52
CA ARG F 183 11.06 -13.08 -44.91
C ARG F 183 11.94 -12.98 -43.67
N LEU F 184 12.96 -13.83 -43.61
CA LEU F 184 13.95 -13.79 -42.54
C LEU F 184 15.29 -13.35 -43.11
N THR F 185 16.01 -12.52 -42.34
CA THR F 185 17.25 -11.91 -42.79
C THR F 185 18.28 -11.97 -41.67
N TRP F 186 19.43 -12.59 -41.94
CA TRP F 186 20.52 -12.67 -40.97
C TRP F 186 21.68 -11.80 -41.43
N GLN F 187 22.15 -10.93 -40.53
CA GLN F 187 23.24 -10.00 -40.78
C GLN F 187 24.11 -9.87 -39.54
N PRO F 188 25.43 -9.68 -39.70
CA PRO F 188 26.21 -9.28 -40.90
C PRO F 188 26.34 -10.28 -42.04
N LEU F 189 25.71 -11.46 -41.98
CA LEU F 189 25.91 -12.43 -43.04
C LEU F 189 25.30 -11.98 -44.37
N GLY F 190 24.15 -11.32 -44.31
CA GLY F 190 23.41 -11.05 -45.53
C GLY F 190 22.66 -12.23 -46.11
N VAL F 191 22.26 -13.21 -45.31
CA VAL F 191 21.54 -14.37 -45.85
C VAL F 191 20.06 -14.18 -45.60
N GLN F 192 19.24 -14.36 -46.64
CA GLN F 192 17.80 -14.25 -46.49
C GLN F 192 17.16 -15.57 -46.86
N VAL F 193 15.99 -15.83 -46.29
CA VAL F 193 15.12 -16.92 -46.73
C VAL F 193 13.68 -16.44 -46.64
N ASP F 194 12.83 -17.04 -47.47
CA ASP F 194 11.39 -16.84 -47.38
C ASP F 194 10.76 -18.00 -46.62
N ALA F 195 9.86 -17.67 -45.71
CA ALA F 195 9.23 -18.66 -44.86
C ALA F 195 7.73 -18.42 -44.91
N GLU F 196 6.96 -19.40 -44.46
CA GLU F 196 5.52 -19.23 -44.34
C GLU F 196 5.10 -19.57 -42.92
N ILE F 197 4.31 -18.68 -42.33
CA ILE F 197 3.53 -18.99 -41.14
C ILE F 197 2.39 -19.93 -41.50
N TYR F 198 1.97 -20.73 -40.51
CA TYR F 198 0.82 -21.62 -40.57
C TYR F 198 -0.26 -21.08 -39.62
N ALA F 199 -0.97 -20.04 -40.07
CA ALA F 199 -1.86 -19.28 -39.20
C ALA F 199 -3.19 -19.96 -38.99
N ASP F 200 -3.40 -21.12 -39.60
CA ASP F 200 -4.57 -21.95 -39.36
C ASP F 200 -4.35 -22.95 -38.23
N LEU F 201 -3.14 -23.51 -38.14
CA LEU F 201 -2.87 -24.51 -37.13
C LEU F 201 -2.94 -23.92 -35.72
N ASN F 202 -2.13 -22.89 -35.44
CA ASN F 202 -2.09 -22.24 -34.13
C ASN F 202 -2.52 -20.78 -34.30
N PRO F 203 -3.81 -20.54 -34.57
CA PRO F 203 -4.19 -19.21 -35.10
C PRO F 203 -3.78 -18.04 -34.22
N GLN F 204 -4.12 -18.03 -32.93
CA GLN F 204 -3.82 -16.85 -32.12
C GLN F 204 -2.33 -16.67 -31.88
N LEU F 205 -1.57 -17.76 -31.89
CA LEU F 205 -0.13 -17.65 -31.70
C LEU F 205 0.55 -17.05 -32.92
N ALA F 206 0.19 -17.54 -34.11
CA ALA F 206 0.56 -16.85 -35.33
C ALA F 206 0.17 -15.39 -35.28
N THR F 207 -1.05 -15.09 -34.82
CA THR F 207 -1.52 -13.71 -34.64
C THR F 207 -0.55 -12.87 -33.82
N ASP F 208 -0.23 -13.35 -32.62
CA ASP F 208 0.62 -12.58 -31.73
C ASP F 208 1.99 -12.39 -32.34
N VAL F 209 2.57 -13.45 -32.90
CA VAL F 209 3.90 -13.32 -33.49
C VAL F 209 3.86 -12.36 -34.67
N LEU F 210 2.73 -12.30 -35.38
CA LEU F 210 2.59 -11.41 -36.52
C LEU F 210 2.37 -9.96 -36.08
N LYS F 211 1.77 -9.75 -34.91
CA LYS F 211 1.71 -8.39 -34.40
C LYS F 211 3.08 -7.84 -34.07
N ALA F 212 4.10 -8.68 -33.99
CA ALA F 212 5.41 -8.23 -33.55
C ALA F 212 6.31 -7.85 -34.69
N LEU F 213 6.10 -8.44 -35.88
CA LEU F 213 6.91 -8.09 -37.04
C LEU F 213 6.66 -6.64 -37.44
N PRO F 214 7.64 -6.00 -38.04
CA PRO F 214 9.02 -6.48 -38.25
C PRO F 214 9.83 -6.46 -36.93
N PHE F 215 10.82 -7.31 -36.74
CA PHE F 215 11.75 -7.00 -35.67
C PHE F 215 13.12 -7.58 -35.98
N THR F 216 14.12 -6.91 -35.45
CA THR F 216 15.52 -7.31 -35.55
C THR F 216 15.99 -7.66 -34.15
N VAL F 217 16.06 -8.94 -33.84
CA VAL F 217 16.63 -9.39 -32.58
C VAL F 217 17.91 -10.19 -32.83
N LEU F 218 18.57 -10.61 -31.75
CA LEU F 218 19.83 -11.31 -31.82
C LEU F 218 19.60 -12.81 -32.04
N GLN F 219 20.39 -13.39 -32.94
CA GLN F 219 20.24 -14.81 -33.29
C GLN F 219 21.26 -15.62 -32.52
N ASP F 220 20.76 -16.58 -31.74
CA ASP F 220 21.64 -17.40 -30.94
C ASP F 220 21.33 -18.86 -31.19
N HIS F 221 22.26 -19.71 -30.82
CA HIS F 221 22.15 -21.14 -31.08
C HIS F 221 21.63 -21.84 -29.84
N ALA F 222 21.00 -22.99 -30.06
CA ALA F 222 20.71 -23.89 -28.97
C ALA F 222 22.00 -24.51 -28.46
N VAL F 223 22.02 -24.82 -27.18
CA VAL F 223 23.17 -25.52 -26.63
C VAL F 223 22.85 -26.96 -26.26
N VAL F 224 21.58 -27.30 -26.04
CA VAL F 224 21.18 -28.66 -25.70
C VAL F 224 20.32 -29.32 -26.79
N SER F 225 19.64 -28.55 -27.62
CA SER F 225 18.77 -29.15 -28.64
C SER F 225 19.56 -29.99 -29.62
N GLY F 226 20.66 -29.47 -30.11
CA GLY F 226 21.23 -29.99 -31.34
C GLY F 226 21.34 -28.86 -32.33
N GLU F 227 20.91 -29.04 -33.58
CA GLU F 227 21.08 -28.00 -34.59
C GLU F 227 19.84 -27.12 -34.62
N SER F 228 19.92 -25.99 -33.92
CA SER F 228 18.74 -25.15 -33.74
C SER F 228 19.17 -23.71 -33.50
N MET F 229 18.35 -22.78 -33.96
CA MET F 229 18.60 -21.36 -33.79
C MET F 229 17.39 -20.72 -33.13
N TYR F 230 17.57 -20.21 -31.93
CA TYR F 230 16.45 -19.46 -31.37
C TYR F 230 16.84 -18.01 -31.19
N ALA F 231 15.80 -17.19 -31.16
CA ALA F 231 15.98 -15.79 -30.86
C ALA F 231 14.77 -15.33 -30.06
N TRP F 232 15.06 -14.70 -28.93
CA TRP F 232 14.02 -14.15 -28.08
C TRP F 232 13.35 -13.04 -28.84
N ALA F 233 12.12 -13.27 -29.22
CA ALA F 233 11.35 -12.26 -29.90
C ALA F 233 10.70 -11.33 -28.88
N PRO F 234 10.32 -10.12 -29.30
CA PRO F 234 9.73 -9.14 -28.34
C PRO F 234 8.26 -9.34 -28.07
N LEU F 235 7.90 -10.42 -27.38
CA LEU F 235 6.52 -10.59 -26.96
C LEU F 235 6.46 -11.64 -25.85
N VAL F 236 5.30 -11.71 -25.20
CA VAL F 236 4.98 -12.73 -24.20
C VAL F 236 3.61 -13.27 -24.58
N SER F 237 3.59 -14.35 -25.33
CA SER F 237 2.34 -14.95 -25.81
C SER F 237 1.78 -15.91 -24.76
N VAL F 238 0.50 -15.75 -24.45
CA VAL F 238 -0.21 -16.79 -23.72
C VAL F 238 -1.22 -17.42 -24.66
N ALA F 239 -0.92 -17.39 -25.95
CA ALA F 239 -1.82 -17.95 -26.95
C ALA F 239 -1.82 -19.48 -26.87
N PRO F 240 -2.98 -20.11 -27.06
CA PRO F 240 -3.05 -21.57 -27.05
C PRO F 240 -2.13 -22.22 -28.08
N THR F 241 -1.91 -23.52 -27.88
CA THR F 241 -1.01 -24.32 -28.70
C THR F 241 -1.67 -25.65 -28.99
N PRO F 242 -2.63 -25.65 -29.92
CA PRO F 242 -3.27 -26.91 -30.32
C PRO F 242 -2.33 -27.80 -31.11
N VAL F 243 -1.39 -27.23 -31.83
CA VAL F 243 -0.49 -28.00 -32.68
C VAL F 243 0.93 -27.85 -32.13
N ARG F 244 1.44 -28.92 -31.52
CA ARG F 244 2.82 -29.03 -31.09
C ARG F 244 3.46 -30.17 -31.87
N GLU F 245 4.75 -30.05 -32.13
CA GLU F 245 5.54 -31.07 -32.80
C GLU F 245 6.89 -31.19 -32.11
N ARG F 246 7.34 -32.44 -31.89
CA ARG F 246 8.48 -32.65 -31.02
C ARG F 246 9.78 -32.50 -31.76
N ILE F 247 10.76 -31.95 -31.05
CA ILE F 247 11.92 -31.32 -31.68
C ILE F 247 12.71 -32.33 -32.51
N CYS F 248 12.89 -33.55 -32.01
CA CYS F 248 13.57 -34.60 -32.76
C CYS F 248 12.81 -35.00 -34.01
N ASP F 249 11.51 -34.71 -34.06
CA ASP F 249 10.65 -34.98 -35.20
C ASP F 249 10.48 -33.78 -36.12
N ALA F 250 11.23 -32.70 -35.90
CA ALA F 250 10.92 -31.53 -36.71
C ALA F 250 11.69 -31.60 -38.04
N PRO F 251 11.02 -31.25 -39.15
CA PRO F 251 11.69 -31.29 -40.46
C PRO F 251 12.74 -30.20 -40.53
N VAL F 252 13.63 -30.33 -41.51
CA VAL F 252 14.52 -29.22 -41.80
C VAL F 252 13.67 -28.02 -42.20
N GLY F 253 14.06 -26.84 -41.75
CA GLY F 253 13.36 -25.62 -42.08
C GLY F 253 12.15 -25.32 -41.23
N ARG F 254 11.74 -26.25 -40.38
CA ARG F 254 10.65 -26.00 -39.45
C ARG F 254 10.89 -24.71 -38.66
N LEU F 255 9.81 -23.95 -38.53
CA LEU F 255 9.74 -22.79 -37.66
C LEU F 255 8.89 -23.14 -36.45
N ARG F 256 9.37 -22.75 -35.26
CA ARG F 256 8.70 -23.01 -33.98
C ARG F 256 8.71 -21.73 -33.18
N PHE F 257 7.74 -21.59 -32.28
CA PHE F 257 7.81 -20.53 -31.28
C PHE F 257 7.66 -21.20 -29.93
N SER F 258 8.67 -21.04 -29.09
CA SER F 258 8.57 -21.53 -27.72
C SER F 258 8.12 -20.36 -26.86
N GLN F 259 6.88 -20.44 -26.39
CA GLN F 259 6.45 -19.59 -25.29
C GLN F 259 7.29 -19.87 -24.05
N ALA F 260 7.51 -21.16 -23.77
CA ALA F 260 7.92 -21.61 -22.44
C ALA F 260 9.39 -21.39 -22.16
N THR F 261 10.26 -21.39 -23.17
CA THR F 261 11.68 -21.19 -22.95
C THR F 261 12.17 -19.84 -23.45
N GLY F 262 11.32 -18.80 -23.43
CA GLY F 262 11.81 -17.46 -23.68
C GLY F 262 11.09 -16.70 -24.78
N ASN F 263 9.92 -17.17 -25.21
CA ASN F 263 9.13 -16.59 -26.29
C ASN F 263 10.01 -16.28 -27.50
N LYS F 264 10.53 -17.37 -28.07
CA LYS F 264 11.59 -17.35 -29.06
C LYS F 264 11.08 -17.95 -30.35
N VAL F 265 11.46 -17.34 -31.46
CA VAL F 265 11.38 -18.01 -32.76
C VAL F 265 12.55 -18.97 -32.85
N ILE F 266 12.27 -20.22 -33.22
CA ILE F 266 13.26 -21.28 -33.28
C ILE F 266 13.22 -21.88 -34.67
N VAL F 267 14.37 -21.91 -35.31
CA VAL F 267 14.56 -22.39 -36.65
C VAL F 267 15.33 -23.69 -36.55
N GLN F 268 14.72 -24.79 -36.97
CA GLN F 268 15.43 -26.07 -36.97
C GLN F 268 16.11 -26.24 -38.33
N TYR F 269 17.43 -26.03 -38.37
CA TYR F 269 18.18 -26.20 -39.61
C TYR F 269 18.83 -27.57 -39.76
N GLY F 270 18.62 -28.46 -38.80
CA GLY F 270 19.24 -29.76 -38.85
C GLY F 270 18.66 -30.66 -37.80
N PRO F 271 19.27 -31.82 -37.62
CA PRO F 271 18.69 -32.81 -36.70
C PRO F 271 18.88 -32.38 -35.26
N THR F 272 17.92 -32.74 -34.41
CA THR F 272 18.00 -32.38 -33.00
C THR F 272 17.64 -33.59 -32.16
N THR F 273 18.23 -33.65 -30.96
CA THR F 273 18.00 -34.76 -30.04
C THR F 273 16.74 -34.56 -29.21
N GLU F 274 16.38 -33.31 -28.93
CA GLU F 274 15.39 -32.99 -27.91
C GLU F 274 14.06 -33.70 -28.13
N THR F 275 13.51 -34.26 -27.06
CA THR F 275 12.32 -35.09 -27.13
C THR F 275 11.03 -34.31 -27.02
N LEU F 276 11.09 -33.05 -26.58
CA LEU F 276 9.89 -32.32 -26.19
C LEU F 276 9.21 -31.70 -27.41
N SER F 277 7.89 -31.82 -27.44
CA SER F 277 7.09 -31.11 -28.41
C SER F 277 7.08 -29.61 -28.14
N SER F 278 7.09 -28.82 -29.20
CA SER F 278 7.05 -27.37 -29.14
C SER F 278 5.93 -26.90 -30.06
N PRO F 279 5.61 -25.61 -30.06
CA PRO F 279 4.62 -25.10 -31.03
C PRO F 279 5.16 -24.98 -32.46
N VAL F 280 4.32 -25.34 -33.42
CA VAL F 280 4.65 -25.28 -34.85
C VAL F 280 4.22 -23.93 -35.42
N LEU F 281 5.19 -23.08 -35.72
CA LEU F 281 4.89 -21.74 -36.25
C LEU F 281 4.64 -21.79 -37.76
N GLY F 282 5.53 -22.43 -38.51
CA GLY F 282 5.49 -22.42 -39.95
C GLY F 282 6.68 -23.18 -40.51
N LYS F 283 7.29 -22.68 -41.58
CA LYS F 283 8.38 -23.42 -42.18
C LYS F 283 9.05 -22.59 -43.25
N VAL F 284 10.36 -22.77 -43.40
CA VAL F 284 11.06 -22.23 -44.57
C VAL F 284 10.51 -22.91 -45.80
N VAL F 285 10.15 -22.11 -46.80
CA VAL F 285 9.77 -22.66 -48.10
C VAL F 285 10.89 -23.57 -48.62
N ASP F 286 10.48 -24.66 -49.28
CA ASP F 286 11.42 -25.70 -49.69
C ASP F 286 12.64 -25.11 -50.42
N SER F 287 12.41 -24.10 -51.26
CA SER F 287 13.50 -23.56 -52.07
C SER F 287 14.66 -23.11 -51.19
N HIS F 288 14.40 -22.13 -50.32
CA HIS F 288 15.43 -21.41 -49.58
C HIS F 288 15.99 -22.20 -48.41
N ALA F 289 15.60 -23.48 -48.26
CA ALA F 289 16.09 -24.28 -47.14
C ALA F 289 17.58 -24.55 -47.24
N ASP F 290 18.09 -24.79 -48.46
CA ASP F 290 19.51 -25.05 -48.67
C ASP F 290 20.41 -24.05 -47.95
N ARG F 291 19.95 -22.82 -47.78
CA ARG F 291 20.80 -21.75 -47.27
C ARG F 291 20.90 -21.72 -45.76
N LEU F 292 20.25 -22.66 -45.07
CA LEU F 292 20.07 -22.55 -43.63
C LEU F 292 21.31 -22.98 -42.84
N ALA F 293 21.98 -24.04 -43.29
CA ALA F 293 23.05 -24.63 -42.49
C ALA F 293 24.22 -23.67 -42.31
N GLU F 294 24.53 -22.89 -43.35
CA GLU F 294 25.62 -21.91 -43.23
C GLU F 294 25.33 -20.92 -42.11
N VAL F 295 24.10 -20.41 -42.06
CA VAL F 295 23.71 -19.48 -41.01
C VAL F 295 23.75 -20.18 -39.66
N GLY F 296 23.27 -21.42 -39.60
CA GLY F 296 23.27 -22.15 -38.35
C GLY F 296 24.67 -22.32 -37.79
N LYS F 297 25.66 -22.50 -38.67
CA LYS F 297 27.02 -22.65 -38.17
C LYS F 297 27.66 -21.30 -37.86
N ALA F 298 27.30 -20.24 -38.58
CA ALA F 298 27.72 -18.92 -38.13
C ALA F 298 27.20 -18.65 -36.73
N VAL F 299 25.92 -18.96 -36.53
CA VAL F 299 25.28 -18.72 -35.20
C VAL F 299 25.94 -19.66 -34.19
N TRP F 300 26.36 -20.85 -34.62
CA TRP F 300 27.11 -21.73 -33.68
C TRP F 300 28.41 -21.01 -33.34
N GLU F 301 28.92 -21.19 -32.11
CA GLU F 301 30.14 -20.45 -31.67
C GLU F 301 29.73 -18.99 -31.39
N SER F 302 28.94 -18.38 -32.27
CA SER F 302 28.44 -17.01 -32.00
C SER F 302 27.81 -16.97 -30.60
N THR F 303 27.16 -18.06 -30.18
CA THR F 303 26.61 -18.12 -28.81
C THR F 303 27.46 -19.07 -27.98
N PHE F 304 28.36 -19.81 -28.62
CA PHE F 304 29.17 -20.83 -27.89
C PHE F 304 30.58 -20.31 -27.65
N SER F 305 31.28 -19.85 -28.70
CA SER F 305 32.69 -19.41 -28.55
C SER F 305 32.94 -18.07 -29.26
N SER F 306 32.60 -17.98 -30.55
CA SER F 306 32.88 -16.75 -31.34
C SER F 306 32.28 -15.50 -30.67
N LYS F 307 31.14 -15.65 -29.97
CA LYS F 307 30.47 -14.52 -29.30
C LYS F 307 30.12 -13.45 -30.34
N GLU F 308 29.60 -13.86 -31.50
CA GLU F 308 29.23 -12.90 -32.57
C GLU F 308 27.72 -12.59 -32.48
N PRO F 309 27.30 -11.31 -32.42
CA PRO F 309 25.87 -10.92 -32.29
C PRO F 309 25.18 -10.91 -33.65
N VAL F 310 24.71 -12.08 -34.10
CA VAL F 310 23.96 -12.16 -35.39
C VAL F 310 22.60 -11.47 -35.19
N TRP F 311 22.00 -10.92 -36.26
CA TRP F 311 20.74 -10.18 -36.09
C TRP F 311 19.64 -10.72 -37.00
N LEU F 312 18.79 -11.61 -36.49
CA LEU F 312 17.68 -12.06 -37.30
C LEU F 312 16.65 -10.93 -37.34
N THR F 313 16.30 -10.49 -38.54
CA THR F 313 15.18 -9.60 -38.77
C THR F 313 14.08 -10.41 -39.42
N VAL F 314 12.94 -10.46 -38.77
CA VAL F 314 11.75 -11.08 -39.35
C VAL F 314 10.85 -9.97 -39.88
N GLU F 315 10.38 -10.16 -41.11
CA GLU F 315 9.67 -9.16 -41.88
C GLU F 315 8.40 -9.80 -42.44
N ARG F 316 7.29 -9.09 -42.34
CA ARG F 316 6.07 -9.53 -43.01
C ARG F 316 6.26 -9.36 -44.52
N LEU F 317 6.09 -10.46 -45.26
CA LEU F 317 6.21 -10.41 -46.72
C LEU F 317 4.92 -9.94 -47.37
N TRP G . -10.01 -7.14 23.03
CA TRP G . -11.00 -8.24 22.98
C TRP G . -10.38 -9.56 22.48
O TRP G . -9.23 -9.58 22.09
CB TRP G . -12.16 -7.82 22.07
CG TRP G . -13.48 -7.71 22.77
CD1 TRP G . -14.22 -6.58 22.94
CD2 TRP G . -14.22 -8.77 23.42
NE1 TRP G . -15.37 -6.86 23.64
CE2 TRP G . -15.40 -8.19 23.95
CE3 TRP G . -14.02 -10.14 23.60
CZ2 TRP G . -16.35 -8.94 24.63
CZ3 TRP G . -14.95 -10.88 24.28
CH2 TRP G . -16.11 -10.29 24.80
OXT TRP G . -11.10 -10.57 22.49
N TRP H . -31.09 -11.87 8.43
CA TRP H . -29.85 -11.12 8.24
C TRP H . -28.92 -11.84 7.25
O TRP H . -27.83 -11.35 6.93
CB TRP H . -29.17 -10.90 9.60
CG TRP H . -29.04 -9.49 10.02
CD1 TRP H . -29.66 -8.89 11.08
CD2 TRP H . -28.23 -8.47 9.40
NE1 TRP H . -29.28 -7.56 11.16
CE2 TRP H . -28.40 -7.28 10.14
CE3 TRP H . -27.38 -8.45 8.29
CZ2 TRP H . -27.76 -6.08 9.81
CZ3 TRP H . -26.73 -7.26 7.96
CH2 TRP H . -26.93 -6.10 8.71
OXT TRP H . -29.23 -12.92 6.73
N TRP I . -2.82 28.35 -14.05
CA TRP I . -1.35 28.49 -14.22
C TRP I . -0.88 27.71 -15.45
O TRP I . 0.30 27.73 -15.80
CB TRP I . -0.63 27.99 -12.96
CG TRP I . -0.06 29.09 -12.13
CD1 TRP I . -0.26 29.30 -10.81
CD2 TRP I . 0.83 30.13 -12.58
NE1 TRP I . 0.43 30.41 -10.39
CE2 TRP I . 1.12 30.93 -11.45
CE3 TRP I . 1.40 30.47 -13.80
CZ2 TRP I . 1.96 32.05 -11.52
CZ3 TRP I . 2.24 31.55 -13.88
CH2 TRP I . 2.51 32.34 -12.76
OXT TRP I . -1.73 27.06 -16.07
N TRP J . 20.51 24.96 -4.37
CA TRP J . 19.47 23.92 -4.59
C TRP J . 20.06 22.72 -5.32
O TRP J . 21.26 22.70 -5.60
CB TRP J . 18.28 24.52 -5.36
CG TRP J . 17.31 25.29 -4.51
CD1 TRP J . 17.12 26.65 -4.52
CD2 TRP J . 16.38 24.77 -3.54
NE1 TRP J . 16.14 27.00 -3.63
CE2 TRP J . 15.67 25.87 -3.01
CE3 TRP J . 16.09 23.49 -3.06
CZ2 TRP J . 14.69 25.73 -2.03
CZ3 TRP J . 15.12 23.34 -2.10
CH2 TRP J . 14.44 24.44 -1.58
OXT TRP J . 19.31 21.76 -5.63
N TRP K . 24.77 -19.90 -1.99
CA TRP K . 25.37 -20.72 -3.07
C TRP K . 26.87 -20.44 -3.22
O TRP K . 27.60 -21.31 -3.66
CB TRP K . 24.66 -20.45 -4.39
CG TRP K . 23.21 -20.85 -4.39
CD1 TRP K . 22.13 -20.04 -4.53
CD2 TRP K . 22.68 -22.19 -4.26
NE1 TRP K . 20.97 -20.76 -4.49
CE2 TRP K . 21.28 -22.09 -4.31
CE3 TRP K . 23.26 -23.46 -4.09
CZ2 TRP K . 20.44 -23.20 -4.22
CZ3 TRP K . 22.43 -24.56 -3.98
CH2 TRP K . 21.05 -24.42 -4.05
OXT TRP K . 27.30 -19.32 -2.89
N TRP L . 15.75 -26.96 -23.91
CA TRP L . 16.61 -25.92 -24.47
C TRP L . 17.64 -26.47 -25.44
O TRP L . 17.41 -27.48 -26.09
CB TRP L . 17.34 -25.19 -23.37
CG TRP L . 16.53 -24.20 -22.72
CD1 TRP L . 15.59 -24.43 -21.78
CD2 TRP L . 16.59 -22.78 -22.91
NE1 TRP L . 15.04 -23.24 -21.36
CE2 TRP L . 15.64 -22.22 -22.05
CE3 TRP L . 17.36 -21.94 -23.72
CZ2 TRP L . 15.43 -20.84 -21.98
CZ3 TRP L . 17.15 -20.59 -23.65
CH2 TRP L . 16.20 -20.06 -22.78
OXT TRP L . 18.74 -25.92 -25.60
#